data_3JZ4
#
_entry.id   3JZ4
#
_cell.length_a   151.885
_cell.length_b   151.885
_cell.length_c   165.772
_cell.angle_alpha   90.000
_cell.angle_beta   90.000
_cell.angle_gamma   90.000
#
_symmetry.space_group_name_H-M   'P 4 21 2'
#
loop_
_entity.id
_entity.type
_entity.pdbx_description
1 polymer 'Succinate-semialdehyde dehydrogenase [NADP+]'
2 non-polymer 'NADP NICOTINAMIDE-ADENINE-DINUCLEOTIDE PHOSPHATE'
3 water water
#
_entity_poly.entity_id   1
_entity_poly.type   'polypeptide(L)'
_entity_poly.pdbx_seq_one_letter_code
;KLNDSNLFRQQALINGEWLDANNGEAIDVTNPANGDKLGSVPKMGADETRAAIDAANRALPAWRALTAKERATILRNWFN
LMMEHQDDLARLMTLEQGKPLAEAKGEISYAASFIEWFAEEGKRIYGDTIPGHQADKRLIVIKQPIGVTAAITPWNFPAA
MITRKAGPALAAGCTMVLKPASQTPFSALALAELAIRAGVPAGVFNVVTGSAGAVGNELTSNPLVRKLSFTGSTEIGRQL
MEQCAKDIKKVSLELGGNAPFIVFDDADLDKAVEGALASKFRNAGQTCVCANRLYVQDGVYDRFAEKLQQAMSKLHIGDG
LDNGVTIGPLIDEKAVAKVEEHIADALEKGARVVCGGKAHERGGNFFQPTILVDVPANAKVSKEETFGPLAPLFRFKDEA
DVIAQANDTEFGLAAYFYARDLSRVFRVGEALEYGIVGINTGIISNEVAPFGGIKASGLGREGSKYGIEDYLEIKYMCIG
L
;
_entity_poly.pdbx_strand_id   A,B,C,D
#
# COMPACT_ATOMS: atom_id res chain seq x y z
N LYS A 1 34.16 34.93 8.68
CA LYS A 1 33.44 33.64 8.91
C LYS A 1 32.98 32.89 7.64
N LEU A 2 31.96 33.38 6.91
CA LEU A 2 31.33 32.53 5.85
C LEU A 2 31.93 32.64 4.46
N ASN A 3 31.98 31.52 3.74
CA ASN A 3 32.34 31.52 2.33
C ASN A 3 31.33 32.31 1.49
N ASP A 4 30.04 32.17 1.82
CA ASP A 4 28.97 32.89 1.14
C ASP A 4 28.29 33.77 2.18
N SER A 5 28.63 35.05 2.16
CA SER A 5 28.16 35.98 3.19
C SER A 5 26.65 36.17 3.17
N ASN A 6 26.02 35.99 2.01
CA ASN A 6 24.56 36.20 1.86
C ASN A 6 23.68 35.15 2.55
N LEU A 7 24.31 34.13 3.11
CA LEU A 7 23.64 33.09 3.88
C LEU A 7 23.27 33.58 5.28
N PHE A 8 24.03 34.57 5.78
CA PHE A 8 23.77 35.18 7.06
C PHE A 8 22.76 36.31 6.91
N ARG A 9 21.55 36.08 7.43
CA ARG A 9 20.42 36.97 7.25
C ARG A 9 19.92 37.52 8.57
N GLN A 10 19.65 38.83 8.61
CA GLN A 10 19.18 39.47 9.85
C GLN A 10 17.80 40.09 9.66
N GLN A 11 17.07 39.54 8.70
CA GLN A 11 15.73 39.99 8.36
C GLN A 11 14.86 38.77 8.13
N ALA A 12 13.56 38.93 8.33
CA ALA A 12 12.61 37.85 8.08
C ALA A 12 12.25 37.77 6.58
N LEU A 13 11.67 36.64 6.16
CA LEU A 13 11.28 36.48 4.77
C LEU A 13 9.76 36.32 4.65
N ILE A 14 9.11 37.34 4.06
CA ILE A 14 7.67 37.31 3.85
C ILE A 14 7.35 37.65 2.40
N ASN A 15 6.72 36.70 1.71
CA ASN A 15 6.30 36.88 0.32
C ASN A 15 7.46 37.27 -0.56
N GLY A 16 8.61 36.61 -0.40
CA GLY A 16 9.77 36.84 -1.26
C GLY A 16 10.56 38.08 -0.92
N GLU A 17 10.16 38.74 0.16
CA GLU A 17 10.74 39.99 0.55
C GLU A 17 11.50 39.87 1.87
N TRP A 18 12.75 40.33 1.91
CA TRP A 18 13.48 40.42 3.18
C TRP A 18 13.05 41.71 3.87
N LEU A 19 12.52 41.60 5.09
CA LEU A 19 11.86 42.71 5.81
CA LEU A 19 11.97 42.77 5.77
C LEU A 19 12.23 42.81 7.29
N ASP A 20 12.19 44.02 7.83
CA ASP A 20 12.31 44.25 9.26
C ASP A 20 10.87 44.22 9.82
N ALA A 21 10.74 44.16 11.15
CA ALA A 21 9.45 44.35 11.81
C ALA A 21 8.91 45.75 11.48
N ASN A 22 7.60 45.87 11.41
CA ASN A 22 6.92 47.14 11.24
C ASN A 22 7.44 48.23 12.21
N ASN A 23 7.59 47.89 13.47
CA ASN A 23 8.04 48.85 14.46
C ASN A 23 9.53 48.99 14.61
N GLY A 24 10.26 48.25 13.80
CA GLY A 24 11.69 48.18 13.86
C GLY A 24 12.38 47.42 14.97
N GLU A 25 11.66 46.85 15.92
CA GLU A 25 12.28 46.12 17.00
C GLU A 25 12.97 44.82 16.58
N ALA A 26 14.04 44.46 17.25
CA ALA A 26 14.77 43.25 16.90
C ALA A 26 15.07 42.42 18.15
N ILE A 27 15.32 41.13 17.94
CA ILE A 27 15.75 40.21 18.99
C ILE A 27 17.24 39.92 18.78
N ASP A 28 18.08 40.22 19.78
CA ASP A 28 19.50 39.90 19.72
C ASP A 28 19.72 38.38 19.83
N VAL A 29 20.66 37.87 19.03
CA VAL A 29 21.06 36.46 19.10
C VAL A 29 22.52 36.38 19.54
N THR A 30 22.78 35.58 20.57
CA THR A 30 24.13 35.47 21.16
C THR A 30 24.74 34.07 20.99
N ASN A 31 26.08 34.02 21.06
CA ASN A 31 26.82 32.76 21.01
C ASN A 31 26.87 32.11 22.40
N PRO A 32 26.25 30.91 22.54
CA PRO A 32 26.17 30.24 23.86
C PRO A 32 27.51 29.78 24.48
N ALA A 33 28.55 29.73 23.66
CA ALA A 33 29.90 29.40 24.14
C ALA A 33 30.58 30.54 24.90
N ASN A 34 30.19 31.80 24.62
CA ASN A 34 30.89 32.97 25.19
C ASN A 34 30.04 34.22 25.45
N GLY A 35 28.78 34.21 25.00
CA GLY A 35 27.90 35.34 25.22
C GLY A 35 27.95 36.48 24.20
N ASP A 36 28.89 36.42 23.24
CA ASP A 36 29.03 37.42 22.19
C ASP A 36 27.74 37.58 21.40
N LYS A 37 27.43 38.82 21.04
CA LYS A 37 26.35 39.10 20.10
C LYS A 37 26.75 38.67 18.67
N LEU A 38 25.92 37.85 18.06
CA LEU A 38 26.15 37.42 16.68
C LEU A 38 25.44 38.35 15.69
N GLY A 39 24.23 38.74 16.07
CA GLY A 39 23.39 39.60 15.30
C GLY A 39 21.99 39.68 15.86
N SER A 40 21.06 40.09 15.03
CA SER A 40 19.66 40.13 15.39
C SER A 40 18.69 39.75 14.28
N VAL A 41 17.43 39.72 14.64
CA VAL A 41 16.39 39.18 13.81
C VAL A 41 15.15 39.96 14.17
N PRO A 42 14.27 40.27 13.22
CA PRO A 42 13.10 41.08 13.55
C PRO A 42 12.25 40.52 14.70
N LYS A 43 11.74 41.42 15.54
CA LYS A 43 10.79 41.04 16.57
C LYS A 43 9.36 41.26 16.04
N MET A 44 8.88 40.34 15.22
CA MET A 44 7.61 40.53 14.57
C MET A 44 6.43 40.13 15.46
N GLY A 45 5.23 40.57 15.09
CA GLY A 45 4.04 40.24 15.82
C GLY A 45 2.91 39.75 14.91
N ALA A 46 1.68 39.98 15.37
CA ALA A 46 0.47 39.56 14.67
C ALA A 46 0.39 40.08 13.25
N ASP A 47 0.65 41.39 13.07
CA ASP A 47 0.50 42.06 11.78
C ASP A 47 1.36 41.48 10.65
N GLU A 48 2.64 41.29 10.92
CA GLU A 48 3.57 40.67 9.95
C GLU A 48 3.20 39.20 9.72
N THR A 49 2.85 38.50 10.79
CA THR A 49 2.42 37.11 10.71
C THR A 49 1.16 36.99 9.86
N ARG A 50 0.21 37.90 10.06
CA ARG A 50 -1.02 37.96 9.27
C ARG A 50 -0.68 38.18 7.79
N ALA A 51 0.23 39.12 7.51
CA ALA A 51 0.68 39.37 6.13
C ALA A 51 1.36 38.12 5.55
N ALA A 52 2.11 37.40 6.36
CA ALA A 52 2.75 36.17 5.88
C ALA A 52 1.71 35.08 5.54
N ILE A 53 0.67 34.96 6.38
CA ILE A 53 -0.40 33.99 6.11
C ILE A 53 -1.16 34.34 4.80
N ASP A 54 -1.46 35.62 4.61
N ASP A 54 -1.46 35.62 4.61
CA ASP A 54 -2.12 36.09 3.40
CA ASP A 54 -2.12 36.07 3.39
C ASP A 54 -1.28 35.84 2.15
C ASP A 54 -1.27 35.77 2.16
N ALA A 55 0.04 35.97 2.28
CA ALA A 55 1.00 35.68 1.19
C ALA A 55 1.02 34.19 0.87
N ALA A 56 1.03 33.36 1.91
CA ALA A 56 0.97 31.91 1.76
C ALA A 56 -0.29 31.45 1.07
N ASN A 57 -1.41 32.05 1.46
CA ASN A 57 -2.71 31.78 0.86
C ASN A 57 -2.79 32.18 -0.60
N ARG A 58 -2.28 33.37 -0.91
CA ARG A 58 -2.23 33.86 -2.28
C ARG A 58 -1.35 33.04 -3.22
N ALA A 59 -0.27 32.49 -2.69
CA ALA A 59 0.68 31.69 -3.46
C ALA A 59 0.26 30.23 -3.64
N LEU A 60 -0.70 29.80 -2.84
CA LEU A 60 -1.13 28.40 -2.81
C LEU A 60 -1.67 27.85 -4.14
N PRO A 61 -2.65 28.52 -4.77
CA PRO A 61 -3.18 27.94 -6.02
C PRO A 61 -2.12 27.62 -7.10
N ALA A 62 -1.15 28.52 -7.28
CA ALA A 62 -0.16 28.32 -8.32
C ALA A 62 0.88 27.25 -7.93
N TRP A 63 1.17 27.16 -6.64
CA TRP A 63 2.10 26.15 -6.13
C TRP A 63 1.49 24.74 -6.24
N ARG A 64 0.28 24.62 -5.71
CA ARG A 64 -0.58 23.45 -5.81
C ARG A 64 -0.76 22.99 -7.29
N ALA A 65 -0.84 23.93 -8.23
CA ALA A 65 -1.13 23.61 -9.65
C ALA A 65 0.06 23.10 -10.46
N LEU A 66 1.28 23.29 -9.96
CA LEU A 66 2.47 22.72 -10.61
C LEU A 66 2.37 21.19 -10.64
N THR A 67 3.09 20.54 -11.57
CA THR A 67 3.19 19.08 -11.51
C THR A 67 4.07 18.69 -10.32
N ALA A 68 3.91 17.47 -9.83
CA ALA A 68 4.79 16.90 -8.79
C ALA A 68 6.26 16.92 -9.21
N LYS A 69 6.54 16.67 -10.48
CA LYS A 69 7.92 16.76 -10.97
C LYS A 69 8.51 18.18 -10.91
N GLU A 70 7.73 19.20 -11.27
CA GLU A 70 8.29 20.54 -11.17
C GLU A 70 8.49 21.01 -9.72
N ARG A 71 7.62 20.61 -8.80
CA ARG A 71 7.89 20.80 -7.35
C ARG A 71 9.14 19.99 -6.95
N ALA A 72 9.26 18.76 -7.44
CA ALA A 72 10.43 17.94 -7.13
C ALA A 72 11.74 18.59 -7.62
N THR A 73 11.70 19.23 -8.79
CA THR A 73 12.85 19.94 -9.35
C THR A 73 13.30 21.10 -8.45
N ILE A 74 12.35 21.91 -8.01
CA ILE A 74 12.64 23.02 -7.11
C ILE A 74 13.19 22.50 -5.76
N LEU A 75 12.50 21.51 -5.17
CA LEU A 75 12.91 20.96 -3.89
C LEU A 75 14.28 20.29 -3.96
N ARG A 76 14.55 19.55 -5.03
CA ARG A 76 15.88 18.97 -5.23
C ARG A 76 17.00 20.03 -5.39
N ASN A 77 16.69 21.14 -6.07
CA ASN A 77 17.57 22.30 -6.09
C ASN A 77 17.89 22.78 -4.67
N TRP A 78 16.87 22.87 -3.82
CA TRP A 78 17.01 23.26 -2.42
C TRP A 78 17.94 22.31 -1.67
N PHE A 79 17.70 21.01 -1.83
CA PHE A 79 18.53 19.96 -1.26
C PHE A 79 19.99 20.08 -1.68
N ASN A 80 20.23 20.17 -3.00
CA ASN A 80 21.57 20.32 -3.55
C ASN A 80 22.29 21.57 -3.00
N LEU A 81 21.56 22.67 -2.89
CA LEU A 81 22.13 23.91 -2.37
C LEU A 81 22.56 23.76 -0.90
N MET A 82 21.75 23.06 -0.11
CA MET A 82 22.07 22.76 1.29
C MET A 82 23.37 21.98 1.39
N MET A 83 23.55 20.99 0.52
CA MET A 83 24.77 20.17 0.56
C MET A 83 25.97 20.95 0.06
N GLU A 84 25.79 21.75 -0.99
CA GLU A 84 26.82 22.66 -1.52
C GLU A 84 27.32 23.63 -0.44
N HIS A 85 26.38 24.22 0.30
CA HIS A 85 26.74 25.20 1.33
C HIS A 85 26.87 24.61 2.74
N GLN A 86 27.11 23.31 2.81
CA GLN A 86 27.12 22.59 4.08
C GLN A 86 28.05 23.19 5.13
N ASP A 87 29.29 23.50 4.74
CA ASP A 87 30.27 24.05 5.66
C ASP A 87 29.84 25.38 6.27
N ASP A 88 29.28 26.28 5.46
CA ASP A 88 28.80 27.56 5.98
C ASP A 88 27.64 27.36 6.92
N LEU A 89 26.71 26.48 6.53
CA LEU A 89 25.51 26.25 7.32
C LEU A 89 25.81 25.64 8.69
N ALA A 90 26.73 24.68 8.69
CA ALA A 90 27.22 24.07 9.91
C ALA A 90 27.88 25.10 10.85
N ARG A 91 28.71 25.97 10.27
CA ARG A 91 29.40 27.00 11.05
C ARG A 91 28.40 27.95 11.70
N LEU A 92 27.41 28.36 10.92
CA LEU A 92 26.35 29.23 11.38
C LEU A 92 25.60 28.62 12.56
N MET A 93 25.30 27.33 12.44
CA MET A 93 24.58 26.61 13.47
C MET A 93 25.40 26.43 14.76
N THR A 94 26.66 26.03 14.64
CA THR A 94 27.53 25.94 15.81
C THR A 94 27.58 27.27 16.57
N LEU A 95 27.73 28.38 15.84
CA LEU A 95 27.85 29.71 16.45
C LEU A 95 26.60 30.09 17.25
N GLU A 96 25.41 29.81 16.70
CA GLU A 96 24.17 30.23 17.36
C GLU A 96 23.62 29.21 18.38
N GLN A 97 23.84 27.91 18.14
CA GLN A 97 23.26 26.91 19.02
C GLN A 97 24.24 26.17 19.91
N GLY A 98 25.50 26.09 19.49
CA GLY A 98 26.57 25.59 20.37
C GLY A 98 27.17 24.22 20.08
N LYS A 99 26.45 23.36 19.37
CA LYS A 99 26.90 21.97 19.20
C LYS A 99 28.20 21.92 18.40
N PRO A 100 29.02 20.86 18.61
CA PRO A 100 30.29 20.71 17.87
C PRO A 100 30.07 20.79 16.36
N LEU A 101 31.06 21.32 15.66
CA LEU A 101 30.98 21.51 14.22
C LEU A 101 30.65 20.22 13.45
N ALA A 102 31.23 19.11 13.88
CA ALA A 102 30.97 17.81 13.26
C ALA A 102 29.52 17.38 13.43
N GLU A 103 28.94 17.67 14.60
CA GLU A 103 27.51 17.42 14.86
C GLU A 103 26.66 18.29 13.95
N ALA A 104 27.07 19.54 13.79
CA ALA A 104 26.33 20.51 12.99
C ALA A 104 26.36 20.12 11.50
N LYS A 105 27.52 19.68 11.01
CA LYS A 105 27.65 19.13 9.66
C LYS A 105 26.75 17.92 9.45
N GLY A 106 26.76 17.01 10.44
CA GLY A 106 25.84 15.85 10.45
C GLY A 106 24.37 16.27 10.39
N GLU A 107 23.99 17.31 11.14
CA GLU A 107 22.61 17.81 11.12
C GLU A 107 22.24 18.38 9.76
N ILE A 108 23.16 19.09 9.11
CA ILE A 108 22.86 19.67 7.79
C ILE A 108 22.53 18.56 6.79
N SER A 109 23.34 17.52 6.80
CA SER A 109 23.14 16.37 5.97
C SER A 109 21.82 15.65 6.20
N TYR A 110 21.50 15.44 7.47
CA TYR A 110 20.25 14.85 7.89
C TYR A 110 19.06 15.78 7.52
N ALA A 111 19.17 17.07 7.81
CA ALA A 111 18.13 18.03 7.51
C ALA A 111 17.83 18.02 6.01
N ALA A 112 18.88 18.10 5.21
CA ALA A 112 18.76 18.11 3.75
C ALA A 112 18.07 16.83 3.25
N SER A 113 18.31 15.71 3.92
CA SER A 113 17.73 14.45 3.45
C SER A 113 16.20 14.44 3.47
N PHE A 114 15.60 15.24 4.35
CA PHE A 114 14.15 15.39 4.35
C PHE A 114 13.63 16.12 3.11
N ILE A 115 14.38 17.12 2.66
CA ILE A 115 14.00 17.82 1.44
C ILE A 115 14.08 16.88 0.24
N GLU A 116 15.17 16.14 0.11
CA GLU A 116 15.30 15.15 -0.96
C GLU A 116 14.20 14.06 -0.91
N TRP A 117 14.00 13.46 0.26
CA TRP A 117 13.03 12.38 0.42
C TRP A 117 11.63 12.83 -0.01
N PHE A 118 11.19 13.99 0.50
CA PHE A 118 9.85 14.47 0.21
C PHE A 118 9.65 14.97 -1.23
N ALA A 119 10.71 15.54 -1.83
CA ALA A 119 10.70 15.85 -3.27
C ALA A 119 10.30 14.57 -4.05
N GLU A 120 10.88 13.45 -3.66
CA GLU A 120 10.60 12.15 -4.24
C GLU A 120 9.20 11.66 -3.88
N GLU A 121 8.84 11.81 -2.61
CA GLU A 121 7.53 11.36 -2.13
C GLU A 121 6.37 12.08 -2.84
N GLY A 122 6.56 13.34 -3.18
CA GLY A 122 5.51 14.13 -3.82
C GLY A 122 5.02 13.51 -5.11
N LYS A 123 5.89 12.75 -5.74
CA LYS A 123 5.54 12.07 -7.00
C LYS A 123 4.79 10.74 -6.75
N ARG A 124 4.58 10.41 -5.48
CA ARG A 124 4.04 9.11 -5.07
C ARG A 124 2.89 9.28 -4.09
N ILE A 125 2.18 10.40 -4.21
CA ILE A 125 0.96 10.60 -3.47
C ILE A 125 -0.14 9.82 -4.18
N TYR A 126 -0.39 8.60 -3.71
CA TYR A 126 -1.31 7.69 -4.37
C TYR A 126 -2.73 7.78 -3.85
N GLY A 127 -3.68 7.99 -4.76
CA GLY A 127 -5.08 7.78 -4.45
C GLY A 127 -5.41 6.30 -4.61
N ASP A 128 -6.72 6.00 -4.55
CA ASP A 128 -7.23 4.63 -4.66
C ASP A 128 -8.46 4.63 -5.54
N THR A 129 -8.71 3.49 -6.14
CA THR A 129 -10.04 3.14 -6.58
C THR A 129 -10.44 1.98 -5.67
N ILE A 130 -11.71 1.94 -5.29
CA ILE A 130 -12.25 0.92 -4.36
C ILE A 130 -13.44 0.22 -5.00
N PRO A 131 -13.51 -1.13 -4.94
CA PRO A 131 -14.66 -1.79 -5.57
C PRO A 131 -15.97 -1.23 -5.02
N GLY A 132 -16.91 -0.92 -5.92
CA GLY A 132 -18.14 -0.22 -5.56
C GLY A 132 -19.18 -1.02 -4.78
N HIS A 133 -19.99 -0.30 -4.02
CA HIS A 133 -21.08 -0.91 -3.24
C HIS A 133 -22.28 -1.30 -4.11
N GLN A 134 -22.38 -0.66 -5.27
CA GLN A 134 -23.39 -1.01 -6.28
C GLN A 134 -22.77 -1.06 -7.67
N ALA A 135 -23.34 -1.86 -8.56
CA ALA A 135 -22.81 -2.06 -9.93
C ALA A 135 -22.69 -0.75 -10.73
N ASP A 136 -23.57 0.20 -10.41
CA ASP A 136 -23.60 1.49 -11.09
C ASP A 136 -22.89 2.59 -10.32
N LYS A 137 -22.03 2.20 -9.38
CA LYS A 137 -21.24 3.18 -8.64
C LYS A 137 -19.74 2.95 -8.81
N ARG A 138 -18.98 4.05 -8.80
CA ARG A 138 -17.52 3.98 -8.82
C ARG A 138 -16.91 4.82 -7.72
N LEU A 139 -15.93 4.26 -7.02
CA LEU A 139 -15.35 4.93 -5.86
C LEU A 139 -13.89 5.28 -6.09
N ILE A 140 -13.58 6.56 -5.94
CA ILE A 140 -12.22 7.04 -6.15
C ILE A 140 -11.83 7.90 -4.97
N VAL A 141 -10.62 7.66 -4.46
CA VAL A 141 -10.03 8.46 -3.40
C VAL A 141 -8.82 9.19 -3.97
N ILE A 142 -8.78 10.52 -3.76
CA ILE A 142 -7.60 11.32 -4.10
C ILE A 142 -7.10 12.04 -2.84
N LYS A 143 -5.84 12.42 -2.83
CA LYS A 143 -5.25 13.12 -1.69
C LYS A 143 -4.74 14.47 -2.16
N GLN A 144 -5.16 15.52 -1.47
CA GLN A 144 -4.84 16.88 -1.88
C GLN A 144 -4.20 17.65 -0.74
N PRO A 145 -3.37 18.65 -1.07
CA PRO A 145 -2.74 19.47 -0.02
C PRO A 145 -3.78 20.08 0.93
N ILE A 146 -3.49 20.05 2.23
CA ILE A 146 -4.40 20.60 3.22
C ILE A 146 -4.55 22.13 3.06
N GLY A 147 -3.51 22.77 2.53
CA GLY A 147 -3.57 24.20 2.17
C GLY A 147 -2.47 25.01 2.83
N VAL A 148 -2.84 26.11 3.50
CA VAL A 148 -1.85 26.94 4.20
C VAL A 148 -1.48 26.27 5.50
N THR A 149 -0.19 26.10 5.76
CA THR A 149 0.27 25.45 6.99
C THR A 149 1.21 26.33 7.82
N ALA A 150 1.20 26.12 9.12
CA ALA A 150 2.09 26.82 10.03
C ALA A 150 3.01 25.82 10.72
N ALA A 151 4.24 26.26 10.97
CA ALA A 151 5.24 25.47 11.69
C ALA A 151 5.93 26.33 12.74
N ILE A 152 6.07 25.74 13.93
CA ILE A 152 6.81 26.34 15.03
C ILE A 152 7.94 25.39 15.43
N THR A 153 9.17 25.88 15.42
CA THR A 153 10.33 24.99 15.57
C THR A 153 11.26 25.45 16.68
N PRO A 154 11.87 24.48 17.39
CA PRO A 154 12.73 24.75 18.54
C PRO A 154 14.19 24.97 18.13
N TRP A 155 15.05 25.12 19.14
CA TRP A 155 16.42 25.62 18.99
C TRP A 155 17.44 24.48 18.95
N ASN A 156 17.03 23.26 19.26
CA ASN A 156 18.00 22.18 19.47
C ASN A 156 18.50 21.53 18.18
N PHE A 157 17.63 21.47 17.17
CA PHE A 157 18.02 21.10 15.83
C PHE A 157 17.53 22.18 14.87
N PRO A 158 18.28 23.29 14.80
CA PRO A 158 17.83 24.51 14.12
C PRO A 158 17.61 24.37 12.60
N ALA A 159 18.18 23.33 11.98
CA ALA A 159 17.99 23.09 10.54
C ALA A 159 17.04 21.92 10.26
N ALA A 160 17.23 20.80 10.96
CA ALA A 160 16.44 19.61 10.73
C ALA A 160 14.96 19.77 11.10
N MET A 161 14.68 20.52 12.15
CA MET A 161 13.29 20.84 12.52
C MET A 161 12.56 21.58 11.41
N ILE A 162 13.25 22.46 10.69
CA ILE A 162 12.67 23.19 9.56
C ILE A 162 12.30 22.23 8.45
N THR A 163 13.28 21.46 7.98
CA THR A 163 13.10 20.61 6.81
C THR A 163 12.15 19.42 7.05
N ARG A 164 12.06 18.95 8.29
CA ARG A 164 11.10 17.90 8.66
C ARG A 164 9.63 18.33 8.50
N LYS A 165 9.41 19.64 8.47
CA LYS A 165 8.07 20.20 8.30
C LYS A 165 7.86 20.85 6.92
N ALA A 166 8.79 21.70 6.49
CA ALA A 166 8.71 22.33 5.16
C ALA A 166 8.77 21.32 4.01
N GLY A 167 9.61 20.29 4.16
CA GLY A 167 9.76 19.22 3.16
C GLY A 167 8.42 18.59 2.79
N PRO A 168 7.75 17.95 3.76
CA PRO A 168 6.48 17.33 3.41
C PRO A 168 5.38 18.35 3.03
N ALA A 169 5.35 19.50 3.71
CA ALA A 169 4.36 20.52 3.39
C ALA A 169 4.46 20.93 1.93
N LEU A 170 5.65 21.33 1.49
CA LEU A 170 5.78 21.83 0.12
C LEU A 170 5.61 20.72 -0.91
N ALA A 171 6.10 19.52 -0.58
CA ALA A 171 5.93 18.36 -1.47
C ALA A 171 4.47 17.91 -1.60
N ALA A 172 3.68 18.17 -0.56
CA ALA A 172 2.25 17.90 -0.60
C ALA A 172 1.52 18.89 -1.51
N GLY A 173 2.16 20.02 -1.81
CA GLY A 173 1.52 21.13 -2.54
C GLY A 173 1.01 22.24 -1.63
N CYS A 174 1.34 22.18 -0.34
CA CYS A 174 0.96 23.24 0.63
C CYS A 174 1.93 24.42 0.58
N THR A 175 1.49 25.53 1.15
CA THR A 175 2.38 26.64 1.46
C THR A 175 2.58 26.73 2.98
N MET A 176 3.58 27.50 3.41
CA MET A 176 4.00 27.46 4.81
C MET A 176 4.44 28.80 5.37
N VAL A 177 4.04 29.07 6.61
CA VAL A 177 4.58 30.14 7.41
C VAL A 177 5.25 29.50 8.62
N LEU A 178 6.55 29.72 8.75
CA LEU A 178 7.35 29.07 9.77
C LEU A 178 7.87 30.11 10.76
N LYS A 179 7.77 29.79 12.04
CA LYS A 179 8.35 30.61 13.10
C LYS A 179 9.44 29.81 13.78
N PRO A 180 10.71 30.18 13.54
CA PRO A 180 11.84 29.48 14.14
C PRO A 180 12.12 29.96 15.58
N ALA A 181 12.92 29.20 16.31
CA ALA A 181 13.31 29.56 17.68
C ALA A 181 14.08 30.89 17.71
N SER A 182 13.67 31.80 18.58
CA SER A 182 14.35 33.10 18.75
C SER A 182 15.81 33.00 19.12
N GLN A 183 16.20 31.90 19.76
CA GLN A 183 17.61 31.63 20.11
C GLN A 183 18.47 31.10 18.96
N THR A 184 17.84 30.49 17.95
CA THR A 184 18.58 29.99 16.78
C THR A 184 17.83 30.26 15.46
N PRO A 185 17.61 31.55 15.12
CA PRO A 185 16.83 31.84 13.92
C PRO A 185 17.67 31.84 12.64
N PHE A 186 18.99 32.00 12.75
CA PHE A 186 19.84 32.22 11.58
C PHE A 186 19.85 31.00 10.68
N SER A 187 19.84 29.82 11.29
CA SER A 187 19.81 28.61 10.51
C SER A 187 18.57 28.54 9.61
N ALA A 188 17.43 28.94 10.17
CA ALA A 188 16.14 28.94 9.49
C ALA A 188 16.14 29.92 8.33
N LEU A 189 16.69 31.12 8.58
CA LEU A 189 16.73 32.17 7.57
C LEU A 189 17.70 31.82 6.43
N ALA A 190 18.82 31.18 6.76
CA ALA A 190 19.74 30.72 5.73
C ALA A 190 19.05 29.73 4.79
N LEU A 191 18.31 28.79 5.36
CA LEU A 191 17.50 27.84 4.58
C LEU A 191 16.47 28.54 3.70
N ALA A 192 15.86 29.60 4.24
CA ALA A 192 14.95 30.47 3.50
C ALA A 192 15.63 31.12 2.30
N GLU A 193 16.86 31.59 2.51
CA GLU A 193 17.67 32.17 1.44
C GLU A 193 17.90 31.14 0.34
N LEU A 194 18.25 29.91 0.72
CA LEU A 194 18.52 28.86 -0.26
C LEU A 194 17.26 28.44 -1.00
N ALA A 195 16.12 28.55 -0.32
CA ALA A 195 14.83 28.31 -0.95
C ALA A 195 14.57 29.30 -2.10
N ILE A 196 14.85 30.58 -1.88
CA ILE A 196 14.78 31.59 -2.94
C ILE A 196 15.66 31.19 -4.13
N ARG A 197 16.91 30.84 -3.85
CA ARG A 197 17.88 30.47 -4.88
C ARG A 197 17.44 29.21 -5.61
N ALA A 198 16.74 28.33 -4.91
CA ALA A 198 16.29 27.07 -5.49
C ALA A 198 15.13 27.24 -6.47
N GLY A 199 14.45 28.40 -6.44
CA GLY A 199 13.24 28.62 -7.23
C GLY A 199 11.90 28.49 -6.48
N VAL A 200 11.93 28.41 -5.15
CA VAL A 200 10.69 28.41 -4.38
C VAL A 200 10.01 29.79 -4.57
N PRO A 201 8.79 29.80 -5.14
CA PRO A 201 8.16 31.10 -5.43
C PRO A 201 7.85 31.95 -4.18
N ALA A 202 7.74 33.25 -4.39
CA ALA A 202 7.37 34.15 -3.31
C ALA A 202 6.08 33.70 -2.62
N GLY A 203 6.11 33.61 -1.30
CA GLY A 203 4.91 33.34 -0.50
C GLY A 203 4.70 31.88 -0.17
N VAL A 204 5.43 30.99 -0.85
CA VAL A 204 5.30 29.54 -0.66
C VAL A 204 5.95 29.10 0.64
N PHE A 205 7.09 29.71 0.97
CA PHE A 205 7.79 29.42 2.22
C PHE A 205 8.19 30.73 2.89
N ASN A 206 7.59 31.01 4.03
CA ASN A 206 7.83 32.27 4.73
C ASN A 206 8.40 31.97 6.10
N VAL A 207 9.34 32.79 6.55
CA VAL A 207 9.95 32.64 7.85
C VAL A 207 9.76 33.94 8.63
N VAL A 208 8.96 33.83 9.69
CA VAL A 208 8.64 34.96 10.57
C VAL A 208 9.29 34.78 11.97
N THR A 209 10.13 35.73 12.37
CA THR A 209 10.76 35.68 13.69
C THR A 209 10.04 36.61 14.66
N GLY A 210 9.98 36.22 15.93
CA GLY A 210 9.38 37.05 16.98
C GLY A 210 9.27 36.27 18.29
N SER A 211 8.64 36.88 19.30
CA SER A 211 8.55 36.27 20.64
C SER A 211 7.38 35.32 20.79
N ALA A 212 7.67 34.02 20.92
CA ALA A 212 6.66 32.96 21.20
C ALA A 212 5.21 33.33 20.86
N GLY A 213 4.48 33.83 21.86
CA GLY A 213 3.05 34.15 21.75
C GLY A 213 2.55 35.14 20.73
N ALA A 214 3.27 36.23 20.50
CA ALA A 214 2.87 37.24 19.48
C ALA A 214 2.59 36.64 18.09
N VAL A 215 3.58 35.92 17.55
CA VAL A 215 3.46 35.21 16.28
C VAL A 215 2.52 34.00 16.39
N GLY A 216 2.73 33.20 17.45
CA GLY A 216 1.97 31.98 17.68
C GLY A 216 0.47 32.17 17.78
N ASN A 217 0.04 33.21 18.48
CA ASN A 217 -1.39 33.48 18.60
C ASN A 217 -2.06 33.72 17.27
N GLU A 218 -1.36 34.37 16.37
CA GLU A 218 -1.90 34.65 15.03
C GLU A 218 -1.97 33.37 14.19
N LEU A 219 -0.91 32.57 14.29
CA LEU A 219 -0.85 31.27 13.59
C LEU A 219 -2.01 30.37 14.01
N THR A 220 -2.31 30.32 15.32
CA THR A 220 -3.36 29.43 15.80
C THR A 220 -4.80 29.97 15.69
N SER A 221 -4.96 31.28 15.55
CA SER A 221 -6.28 31.87 15.50
C SER A 221 -6.76 32.29 14.09
N ASN A 222 -5.84 32.37 13.13
CA ASN A 222 -6.19 32.69 11.75
C ASN A 222 -6.74 31.46 11.01
N PRO A 223 -8.03 31.50 10.62
CA PRO A 223 -8.68 30.34 9.99
C PRO A 223 -8.12 29.96 8.61
N LEU A 224 -7.29 30.83 8.02
CA LEU A 224 -6.65 30.50 6.76
C LEU A 224 -5.59 29.41 6.98
N VAL A 225 -5.05 29.35 8.20
CA VAL A 225 -4.11 28.30 8.57
C VAL A 225 -4.89 27.02 8.90
N ARG A 226 -4.66 25.98 8.11
CA ARG A 226 -5.47 24.76 8.24
C ARG A 226 -4.75 23.65 8.99
N LYS A 227 -3.46 23.85 9.20
CA LYS A 227 -2.61 22.81 9.76
C LYS A 227 -1.46 23.46 10.54
N LEU A 228 -1.22 22.95 11.74
CA LEU A 228 -0.12 23.43 12.55
C LEU A 228 0.78 22.25 12.90
N SER A 229 2.08 22.44 12.74
CA SER A 229 3.07 21.51 13.23
C SER A 229 4.00 22.21 14.23
N PHE A 230 4.17 21.60 15.41
CA PHE A 230 4.99 22.15 16.47
C PHE A 230 5.95 21.09 17.04
N THR A 231 7.20 21.47 17.27
CA THR A 231 8.09 20.66 18.08
C THR A 231 8.60 21.51 19.27
N GLY A 232 8.48 20.97 20.48
CA GLY A 232 8.94 21.66 21.66
C GLY A 232 8.38 21.04 22.92
N SER A 233 8.19 21.86 23.96
CA SER A 233 7.75 21.38 25.26
C SER A 233 6.31 20.91 25.24
N THR A 234 6.03 19.94 26.10
CA THR A 234 4.69 19.40 26.27
C THR A 234 3.66 20.47 26.66
N GLU A 235 4.03 21.38 27.57
CA GLU A 235 3.11 22.41 28.02
C GLU A 235 2.67 23.37 26.91
N ILE A 236 3.62 23.75 26.03
CA ILE A 236 3.31 24.65 24.91
C ILE A 236 2.51 23.89 23.85
N GLY A 237 2.83 22.60 23.68
CA GLY A 237 2.04 21.69 22.86
C GLY A 237 0.58 21.65 23.28
N ARG A 238 0.33 21.49 24.58
CA ARG A 238 -1.04 21.57 25.13
C ARG A 238 -1.73 22.87 24.76
N GLN A 239 -1.07 23.99 25.00
CA GLN A 239 -1.65 25.31 24.73
C GLN A 239 -1.92 25.51 23.24
N LEU A 240 -0.99 25.09 22.38
CA LEU A 240 -1.19 25.22 20.96
C LEU A 240 -2.34 24.37 20.47
N MET A 241 -2.47 23.15 20.98
CA MET A 241 -3.58 22.29 20.60
C MET A 241 -4.93 22.87 21.04
N GLU A 242 -4.99 23.42 22.25
CA GLU A 242 -6.18 24.13 22.71
C GLU A 242 -6.55 25.24 21.76
N GLN A 243 -5.58 26.08 21.43
CA GLN A 243 -5.81 27.20 20.52
C GLN A 243 -6.31 26.76 19.13
N CYS A 244 -5.82 25.62 18.65
CA CYS A 244 -6.20 25.09 17.35
C CYS A 244 -7.61 24.51 17.28
N ALA A 245 -8.25 24.36 18.44
CA ALA A 245 -9.58 23.78 18.52
C ALA A 245 -10.63 24.66 17.87
N LYS A 246 -10.44 25.98 17.93
CA LYS A 246 -11.41 26.94 17.37
C LYS A 246 -11.72 26.67 15.90
N ASP A 247 -10.68 26.37 15.13
CA ASP A 247 -10.83 26.15 13.70
C ASP A 247 -10.80 24.68 13.35
N ILE A 248 -10.71 23.81 14.37
CA ILE A 248 -10.57 22.36 14.16
C ILE A 248 -9.38 22.08 13.23
N LYS A 249 -8.25 22.74 13.50
CA LYS A 249 -7.05 22.55 12.69
C LYS A 249 -6.52 21.14 12.86
N LYS A 250 -5.95 20.59 11.80
CA LYS A 250 -5.09 19.41 11.90
C LYS A 250 -3.78 19.79 12.58
N VAL A 251 -3.42 19.07 13.65
CA VAL A 251 -2.26 19.42 14.47
C VAL A 251 -1.26 18.27 14.54
N SER A 252 0.00 18.56 14.24
CA SER A 252 1.10 17.63 14.49
C SER A 252 1.95 18.17 15.63
N LEU A 253 2.34 17.29 16.53
CA LEU A 253 3.11 17.67 17.71
C LEU A 253 4.19 16.65 17.97
N GLU A 254 5.40 17.13 18.24
CA GLU A 254 6.48 16.30 18.76
CA GLU A 254 6.50 16.31 18.72
C GLU A 254 6.93 16.96 20.03
N LEU A 255 6.67 16.29 21.14
CA LEU A 255 6.80 16.94 22.43
C LEU A 255 7.91 16.39 23.31
N GLY A 256 7.69 16.47 24.61
CA GLY A 256 8.62 15.91 25.57
C GLY A 256 8.86 14.41 25.43
N GLY A 257 10.04 13.98 25.86
CA GLY A 257 10.34 12.57 26.03
C GLY A 257 11.05 12.31 27.33
N ASN A 258 11.06 11.04 27.72
CA ASN A 258 11.79 10.61 28.90
C ASN A 258 12.25 9.18 28.57
N ALA A 259 13.27 9.11 27.73
CA ALA A 259 13.64 7.87 27.08
C ALA A 259 14.33 6.92 28.05
N PRO A 260 13.76 5.73 28.22
CA PRO A 260 14.49 4.71 28.95
C PRO A 260 15.51 4.06 28.02
N PHE A 261 16.67 3.70 28.56
CA PHE A 261 17.74 3.02 27.82
C PHE A 261 18.09 1.79 28.65
N ILE A 262 17.72 0.61 28.15
CA ILE A 262 17.72 -0.63 28.95
C ILE A 262 18.80 -1.63 28.53
N VAL A 263 19.64 -2.03 29.48
CA VAL A 263 20.72 -2.96 29.19
C VAL A 263 20.46 -4.28 29.93
N PHE A 264 20.20 -5.35 29.18
CA PHE A 264 19.95 -6.66 29.79
C PHE A 264 21.26 -7.39 30.00
N ASP A 265 21.25 -8.42 30.84
CA ASP A 265 22.45 -9.20 31.12
CA ASP A 265 22.45 -9.20 31.13
C ASP A 265 23.06 -9.88 29.88
N ASP A 266 22.25 -10.14 28.85
CA ASP A 266 22.75 -10.80 27.64
C ASP A 266 23.18 -9.81 26.55
N ALA A 267 23.29 -8.53 26.91
CA ALA A 267 23.70 -7.51 25.94
C ALA A 267 25.19 -7.61 25.65
N ASP A 268 25.60 -7.16 24.46
CA ASP A 268 27.00 -6.84 24.19
C ASP A 268 27.31 -5.52 24.92
N LEU A 269 28.07 -5.60 26.01
CA LEU A 269 28.27 -4.44 26.91
C LEU A 269 29.01 -3.29 26.30
N ASP A 270 30.05 -3.59 25.52
CA ASP A 270 30.83 -2.55 24.87
C ASP A 270 29.97 -1.76 23.89
N LYS A 271 29.15 -2.48 23.12
CA LYS A 271 28.14 -1.88 22.24
C LYS A 271 27.04 -1.10 22.96
N ALA A 272 26.55 -1.63 24.09
CA ALA A 272 25.63 -0.88 24.94
C ALA A 272 26.24 0.43 25.39
N VAL A 273 27.50 0.39 25.86
CA VAL A 273 28.19 1.60 26.32
C VAL A 273 28.35 2.64 25.21
N GLU A 274 28.76 2.18 24.03
CA GLU A 274 28.87 3.05 22.85
C GLU A 274 27.50 3.65 22.47
N GLY A 275 26.47 2.79 22.46
CA GLY A 275 25.11 3.26 22.20
C GLY A 275 24.66 4.30 23.20
N ALA A 276 25.01 4.10 24.48
CA ALA A 276 24.58 4.97 25.58
C ALA A 276 25.26 6.33 25.48
N LEU A 277 26.55 6.31 25.18
CA LEU A 277 27.32 7.52 25.00
C LEU A 277 26.78 8.36 23.83
N ALA A 278 26.55 7.70 22.70
CA ALA A 278 25.94 8.37 21.52
C ALA A 278 24.53 8.91 21.77
N SER A 279 23.71 8.13 22.47
CA SER A 279 22.33 8.50 22.72
C SER A 279 22.19 9.62 23.77
N LYS A 280 22.94 9.51 24.86
CA LYS A 280 22.82 10.46 25.97
C LYS A 280 23.47 11.81 25.67
N PHE A 281 24.67 11.79 25.10
CA PHE A 281 25.54 12.98 25.03
C PHE A 281 25.58 13.70 23.69
N ARG A 282 24.82 13.20 22.72
CA ARG A 282 24.58 13.92 21.47
C ARG A 282 23.88 15.26 21.77
N ASN A 283 24.38 16.34 21.16
CA ASN A 283 23.84 17.68 21.41
C ASN A 283 23.83 18.01 22.91
N ALA A 284 24.84 17.50 23.62
CA ALA A 284 24.96 17.68 25.08
C ALA A 284 23.72 17.21 25.86
N GLY A 285 23.04 16.20 25.31
CA GLY A 285 21.79 15.70 25.84
C GLY A 285 20.55 16.51 25.55
N GLN A 286 20.67 17.50 24.69
CA GLN A 286 19.58 18.39 24.33
C GLN A 286 18.79 17.91 23.14
N THR A 287 18.14 16.78 23.31
CA THR A 287 17.51 16.05 22.25
C THR A 287 16.29 15.37 22.82
N CYS A 288 15.21 15.38 22.06
CA CYS A 288 13.95 14.80 22.52
C CYS A 288 13.96 13.27 22.60
N VAL A 289 14.97 12.66 21.99
CA VAL A 289 15.12 11.22 22.00
C VAL A 289 16.36 10.72 22.76
N CYS A 290 17.06 11.63 23.44
CA CYS A 290 18.21 11.28 24.27
C CYS A 290 17.80 10.32 25.38
N ALA A 291 18.65 9.33 25.65
CA ALA A 291 18.48 8.49 26.81
C ALA A 291 18.39 9.42 28.05
N ASN A 292 17.32 9.28 28.81
CA ASN A 292 17.10 10.07 30.02
C ASN A 292 17.19 9.19 31.28
N ARG A 293 16.92 7.90 31.11
CA ARG A 293 16.99 6.95 32.22
C ARG A 293 17.74 5.70 31.74
N LEU A 294 18.83 5.35 32.42
CA LEU A 294 19.60 4.15 32.06
C LEU A 294 19.34 3.01 33.02
N TYR A 295 18.56 2.04 32.56
CA TYR A 295 18.25 0.81 33.30
C TYR A 295 19.23 -0.29 32.91
N VAL A 296 19.99 -0.77 33.88
CA VAL A 296 20.97 -1.85 33.64
C VAL A 296 20.69 -3.02 34.59
N GLN A 297 20.63 -4.24 34.05
CA GLN A 297 20.25 -5.42 34.83
C GLN A 297 21.33 -5.70 35.88
N ASP A 298 20.91 -6.21 37.03
CA ASP A 298 21.84 -6.40 38.14
CA ASP A 298 21.82 -6.45 38.16
C ASP A 298 23.09 -7.22 37.79
N GLY A 299 22.97 -8.25 36.96
CA GLY A 299 24.15 -9.05 36.61
C GLY A 299 25.30 -8.28 35.97
N VAL A 300 24.98 -7.19 35.27
CA VAL A 300 25.99 -6.43 34.49
C VAL A 300 26.11 -4.97 34.92
N TYR A 301 25.40 -4.61 35.98
CA TYR A 301 25.35 -3.23 36.44
C TYR A 301 26.74 -2.63 36.73
N ASP A 302 27.52 -3.33 37.55
CA ASP A 302 28.83 -2.84 37.95
C ASP A 302 29.77 -2.70 36.75
N ARG A 303 29.82 -3.72 35.89
CA ARG A 303 30.68 -3.68 34.70
C ARG A 303 30.32 -2.56 33.72
N PHE A 304 29.02 -2.38 33.48
CA PHE A 304 28.53 -1.32 32.61
C PHE A 304 28.87 0.06 33.18
N ALA A 305 28.62 0.28 34.47
CA ALA A 305 28.90 1.57 35.09
C ALA A 305 30.38 1.92 34.95
N GLU A 306 31.26 0.95 35.19
CA GLU A 306 32.71 1.12 35.03
C GLU A 306 33.07 1.50 33.59
N LYS A 307 32.52 0.77 32.62
CA LYS A 307 32.84 0.99 31.20
C LYS A 307 32.28 2.34 30.74
N LEU A 308 31.08 2.68 31.20
CA LEU A 308 30.49 3.95 30.85
C LEU A 308 31.34 5.10 31.40
N GLN A 309 31.87 4.93 32.61
CA GLN A 309 32.70 5.94 33.21
C GLN A 309 34.03 6.09 32.46
N GLN A 310 34.62 4.97 32.04
CA GLN A 310 35.81 5.00 31.20
C GLN A 310 35.51 5.81 29.93
N ALA A 311 34.41 5.48 29.25
CA ALA A 311 34.07 6.08 27.96
C ALA A 311 33.78 7.59 28.07
N MET A 312 33.18 8.01 29.18
CA MET A 312 32.81 9.41 29.38
C MET A 312 33.98 10.37 29.63
N SER A 313 35.01 9.94 30.34
CA SER A 313 36.14 10.79 30.60
C SER A 313 36.83 11.20 29.28
N LYS A 314 36.47 10.53 28.17
CA LYS A 314 37.08 10.83 26.87
C LYS A 314 36.42 11.96 26.09
N LEU A 315 35.28 12.45 26.58
CA LEU A 315 34.59 13.57 25.97
C LEU A 315 35.32 14.90 26.25
N HIS A 316 35.32 15.78 25.25
CA HIS A 316 35.98 17.08 25.34
C HIS A 316 34.98 18.23 25.32
N ILE A 317 34.92 18.94 26.45
CA ILE A 317 34.05 20.08 26.61
C ILE A 317 34.74 21.33 26.09
N GLY A 318 34.02 22.15 25.33
CA GLY A 318 34.59 23.40 24.83
C GLY A 318 33.73 24.09 23.79
N ASP A 319 34.33 25.10 23.16
CA ASP A 319 33.75 25.84 22.04
C ASP A 319 33.61 24.89 20.86
N GLY A 320 32.39 24.79 20.33
CA GLY A 320 32.09 23.85 19.26
C GLY A 320 32.84 24.04 17.97
N LEU A 321 33.52 25.18 17.83
CA LEU A 321 34.39 25.40 16.67
C LEU A 321 35.82 24.87 16.85
N ASP A 322 36.18 24.48 18.07
CA ASP A 322 37.54 24.01 18.32
C ASP A 322 37.73 22.52 18.03
N ASN A 323 38.98 22.19 17.71
CA ASN A 323 39.38 20.82 17.38
CA ASN A 323 39.41 20.81 17.39
C ASN A 323 39.14 19.81 18.51
N GLY A 324 38.40 18.74 18.21
CA GLY A 324 38.23 17.64 19.15
C GLY A 324 37.17 17.80 20.20
N VAL A 325 36.53 18.96 20.23
CA VAL A 325 35.40 19.19 21.14
C VAL A 325 34.21 18.31 20.77
N THR A 326 33.67 17.59 21.75
CA THR A 326 32.54 16.69 21.55
C THR A 326 31.32 17.03 22.44
N ILE A 327 31.49 17.95 23.39
CA ILE A 327 30.40 18.49 24.16
C ILE A 327 30.52 20.01 24.12
N GLY A 328 29.50 20.67 23.57
CA GLY A 328 29.39 22.10 23.60
C GLY A 328 28.68 22.62 24.84
N PRO A 329 28.38 23.94 24.89
CA PRO A 329 27.60 24.48 25.99
C PRO A 329 26.13 24.12 25.81
N LEU A 330 25.36 24.13 26.91
CA LEU A 330 23.90 24.09 26.83
C LEU A 330 23.40 25.44 26.27
N ILE A 331 22.12 25.47 25.87
CA ILE A 331 21.51 26.66 25.24
C ILE A 331 21.41 27.94 26.14
N ASP A 332 21.13 27.76 27.42
CA ASP A 332 21.02 28.90 28.33
C ASP A 332 21.18 28.47 29.79
N GLU A 333 21.19 29.44 30.68
CA GLU A 333 21.40 29.17 32.09
C GLU A 333 20.17 28.48 32.66
N LYS A 334 19.04 28.67 32.02
CA LYS A 334 17.83 27.97 32.43
C LYS A 334 17.97 26.46 32.26
N ALA A 335 18.63 26.03 31.18
CA ALA A 335 18.94 24.61 30.94
C ALA A 335 19.87 24.07 32.03
N VAL A 336 20.87 24.86 32.39
CA VAL A 336 21.82 24.47 33.44
C VAL A 336 21.12 24.25 34.79
N ALA A 337 20.28 25.21 35.18
CA ALA A 337 19.52 25.12 36.42
C ALA A 337 18.69 23.84 36.51
N LYS A 338 18.11 23.40 35.40
CA LYS A 338 17.32 22.17 35.40
C LYS A 338 18.18 20.94 35.63
N VAL A 339 19.36 20.92 35.03
CA VAL A 339 20.30 19.82 35.23
C VAL A 339 20.70 19.83 36.69
N GLU A 340 21.06 21.00 37.22
CA GLU A 340 21.46 21.10 38.61
C GLU A 340 20.37 20.58 39.54
N GLU A 341 19.11 20.94 39.24
CA GLU A 341 17.94 20.57 40.04
C GLU A 341 17.70 19.05 40.07
N HIS A 342 17.88 18.42 38.93
CA HIS A 342 17.72 16.98 38.79
C HIS A 342 18.77 16.22 39.59
N ILE A 343 20.01 16.75 39.57
CA ILE A 343 21.10 16.18 40.37
C ILE A 343 20.77 16.29 41.86
N ALA A 344 20.46 17.51 42.33
CA ALA A 344 20.07 17.73 43.73
C ALA A 344 18.95 16.79 44.16
N ASP A 345 17.91 16.67 43.35
CA ASP A 345 16.76 15.83 43.69
C ASP A 345 17.12 14.36 43.83
N ALA A 346 17.97 13.87 42.92
CA ALA A 346 18.42 12.47 42.99
C ALA A 346 19.26 12.23 44.26
N LEU A 347 20.05 13.23 44.63
CA LEU A 347 20.84 13.16 45.86
C LEU A 347 19.99 13.11 47.12
N GLU A 348 19.07 14.08 47.28
CA GLU A 348 18.11 14.10 48.41
C GLU A 348 17.39 12.76 48.58
N LYS A 349 17.26 12.02 47.47
CA LYS A 349 16.62 10.70 47.46
C LYS A 349 17.63 9.52 47.49
N GLY A 350 18.91 9.81 47.69
CA GLY A 350 19.90 8.76 47.95
C GLY A 350 20.86 8.34 46.86
N ALA A 351 20.77 8.97 45.69
CA ALA A 351 21.72 8.70 44.61
C ALA A 351 23.08 9.25 44.96
N ARG A 352 24.09 8.79 44.23
CA ARG A 352 25.46 9.19 44.42
C ARG A 352 26.02 9.71 43.07
N VAL A 353 26.67 10.88 43.10
CA VAL A 353 27.44 11.34 41.95
C VAL A 353 28.72 10.52 41.88
N VAL A 354 28.93 9.84 40.77
CA VAL A 354 30.16 9.09 40.54
C VAL A 354 31.21 10.00 39.91
N CYS A 355 30.78 10.80 38.93
CA CYS A 355 31.67 11.76 38.27
C CYS A 355 30.86 12.96 37.80
N GLY A 356 31.56 14.08 37.55
CA GLY A 356 30.91 15.33 37.11
C GLY A 356 30.12 15.94 38.26
N GLY A 357 28.91 16.41 37.96
CA GLY A 357 27.94 16.79 38.99
C GLY A 357 27.81 18.28 39.22
N LYS A 358 28.56 19.06 38.46
CA LYS A 358 28.59 20.51 38.68
C LYS A 358 28.77 21.24 37.36
N ALA A 359 28.52 22.54 37.39
CA ALA A 359 28.79 23.40 36.25
C ALA A 359 30.29 23.32 35.93
N HIS A 360 30.62 23.36 34.65
CA HIS A 360 32.03 23.34 34.20
C HIS A 360 32.81 24.58 34.66
N GLU A 361 34.13 24.42 34.79
CA GLU A 361 35.03 25.51 35.21
C GLU A 361 34.92 26.77 34.33
N ARG A 362 34.60 26.58 33.05
CA ARG A 362 34.37 27.68 32.10
C ARG A 362 33.21 28.57 32.53
N GLY A 363 32.26 27.98 33.24
CA GLY A 363 31.07 28.71 33.66
C GLY A 363 30.11 28.91 32.50
N GLY A 364 29.35 29.99 32.54
CA GLY A 364 28.33 30.31 31.56
C GLY A 364 27.31 29.18 31.37
N ASN A 365 27.27 28.65 30.14
CA ASN A 365 26.31 27.60 29.82
C ASN A 365 26.93 26.21 29.82
N PHE A 366 28.18 26.10 30.27
CA PHE A 366 28.88 24.80 30.26
C PHE A 366 28.63 23.95 31.51
N PHE A 367 28.25 22.68 31.28
CA PHE A 367 28.04 21.75 32.37
C PHE A 367 28.83 20.46 32.16
N GLN A 368 29.28 19.88 33.28
CA GLN A 368 30.08 18.65 33.28
C GLN A 368 29.24 17.40 32.95
N PRO A 369 29.65 16.64 31.94
CA PRO A 369 29.02 15.32 31.85
C PRO A 369 29.04 14.60 33.20
N THR A 370 27.91 14.04 33.59
CA THR A 370 27.70 13.53 34.94
C THR A 370 27.10 12.11 34.94
N ILE A 371 27.54 11.27 35.89
CA ILE A 371 26.91 9.96 36.15
C ILE A 371 26.34 9.85 37.58
N LEU A 372 25.06 9.51 37.67
CA LEU A 372 24.46 9.16 38.95
C LEU A 372 24.24 7.65 39.00
N VAL A 373 24.57 7.05 40.15
CA VAL A 373 24.23 5.66 40.41
C VAL A 373 23.31 5.57 41.61
N ASP A 374 22.69 4.39 41.81
CA ASP A 374 21.74 4.15 42.90
C ASP A 374 20.57 5.12 42.80
N VAL A 375 20.20 5.50 41.58
CA VAL A 375 19.09 6.43 41.40
C VAL A 375 17.80 5.64 41.59
N PRO A 376 16.92 6.12 42.51
CA PRO A 376 15.64 5.46 42.80
C PRO A 376 14.54 5.82 41.80
N ALA A 377 13.50 5.00 41.76
CA ALA A 377 12.42 5.18 40.80
C ALA A 377 11.49 6.39 41.07
N ASN A 378 11.69 7.07 42.20
CA ASN A 378 10.83 8.24 42.54
C ASN A 378 11.48 9.60 42.27
N ALA A 379 12.72 9.55 41.77
CA ALA A 379 13.50 10.72 41.40
C ALA A 379 12.84 11.51 40.29
N LYS A 380 12.96 12.84 40.34
CA LYS A 380 12.51 13.74 39.26
C LYS A 380 12.96 13.27 37.90
N VAL A 381 14.23 12.97 37.75
CA VAL A 381 14.75 12.51 36.48
C VAL A 381 14.03 11.27 35.94
N SER A 382 13.46 10.44 36.82
CA SER A 382 12.69 9.29 36.33
C SER A 382 11.35 9.68 35.68
N LYS A 383 10.91 10.92 35.88
CA LYS A 383 9.60 11.38 35.42
C LYS A 383 9.69 12.57 34.48
N GLU A 384 10.84 13.24 34.50
CA GLU A 384 10.97 14.54 33.91
C GLU A 384 12.15 14.50 32.96
N GLU A 385 12.03 15.20 31.84
CA GLU A 385 13.08 15.28 30.82
C GLU A 385 14.23 16.14 31.35
N THR A 386 15.44 15.61 31.38
CA THR A 386 16.60 16.42 31.81
C THR A 386 17.10 17.45 30.78
N PHE A 387 17.24 17.04 29.52
CA PHE A 387 17.78 17.89 28.45
C PHE A 387 19.18 18.42 28.74
N GLY A 388 20.05 17.52 29.19
CA GLY A 388 21.43 17.90 29.53
C GLY A 388 22.25 16.66 29.73
N PRO A 389 23.57 16.83 29.91
CA PRO A 389 24.55 15.72 29.87
C PRO A 389 24.65 14.92 31.18
N LEU A 390 23.51 14.42 31.64
CA LEU A 390 23.44 13.65 32.86
C LEU A 390 22.98 12.21 32.57
N ALA A 391 23.80 11.22 32.96
CA ALA A 391 23.45 9.80 32.84
C ALA A 391 23.04 9.23 34.19
N PRO A 392 21.73 9.09 34.46
CA PRO A 392 21.32 8.47 35.71
C PRO A 392 21.11 6.97 35.53
N LEU A 393 21.77 6.18 36.37
CA LEU A 393 21.75 4.73 36.25
C LEU A 393 20.81 4.08 37.26
N PHE A 394 19.74 3.49 36.73
CA PHE A 394 18.78 2.72 37.52
C PHE A 394 19.08 1.23 37.41
N ARG A 395 19.13 0.57 38.56
CA ARG A 395 19.34 -0.88 38.63
C ARG A 395 18.03 -1.61 38.45
N PHE A 396 18.09 -2.81 37.89
CA PHE A 396 16.89 -3.62 37.81
C PHE A 396 17.22 -5.08 37.83
N LYS A 397 16.22 -5.90 38.12
CA LYS A 397 16.44 -7.32 38.30
C LYS A 397 15.71 -8.10 37.24
N ASP A 398 14.55 -7.58 36.84
CA ASP A 398 13.58 -8.38 36.13
C ASP A 398 13.00 -7.70 34.88
N GLU A 399 12.87 -8.47 33.79
CA GLU A 399 12.37 -7.96 32.50
C GLU A 399 10.98 -7.35 32.60
N ALA A 400 10.04 -8.08 33.17
CA ALA A 400 8.70 -7.55 33.40
C ALA A 400 8.77 -6.28 34.23
N ASP A 401 9.60 -6.29 35.28
CA ASP A 401 9.78 -5.13 36.12
C ASP A 401 10.28 -3.90 35.35
N VAL A 402 11.35 -4.07 34.59
CA VAL A 402 11.88 -2.94 33.80
C VAL A 402 10.90 -2.39 32.75
N ILE A 403 10.08 -3.27 32.16
CA ILE A 403 9.08 -2.84 31.18
C ILE A 403 8.03 -1.96 31.89
N ALA A 404 7.62 -2.40 33.08
CA ALA A 404 6.67 -1.63 33.88
C ALA A 404 7.28 -0.27 34.24
N GLN A 405 8.55 -0.26 34.62
CA GLN A 405 9.23 0.98 34.96
C GLN A 405 9.39 1.91 33.75
N ALA A 406 9.78 1.33 32.62
CA ALA A 406 9.98 2.09 31.41
C ALA A 406 8.69 2.78 31.01
N ASN A 407 7.58 2.05 31.11
CA ASN A 407 6.28 2.54 30.65
C ASN A 407 5.56 3.42 31.68
N ASP A 408 6.12 3.54 32.88
CA ASP A 408 5.43 4.26 33.95
C ASP A 408 5.64 5.77 33.87
N THR A 409 5.09 6.36 32.81
CA THR A 409 5.31 7.75 32.47
C THR A 409 4.25 8.19 31.45
N GLU A 410 3.95 9.46 31.44
CA GLU A 410 3.03 10.03 30.50
C GLU A 410 3.62 10.21 29.12
N PHE A 411 4.93 10.18 29.01
CA PHE A 411 5.63 10.30 27.76
C PHE A 411 5.74 8.99 27.02
N GLY A 412 6.08 9.10 25.76
CA GLY A 412 6.19 7.96 24.91
C GLY A 412 6.76 8.21 23.56
N LEU A 413 7.92 8.83 23.53
CA LEU A 413 8.62 9.10 22.31
C LEU A 413 9.65 8.00 21.94
N ALA A 414 10.87 8.08 22.44
CA ALA A 414 11.87 7.04 22.13
C ALA A 414 12.25 6.20 23.33
N ALA A 415 12.56 4.95 23.08
CA ALA A 415 13.12 4.05 24.08
C ALA A 415 14.20 3.22 23.38
N TYR A 416 15.15 2.71 24.16
CA TYR A 416 16.24 1.88 23.63
C TYR A 416 16.45 0.68 24.52
N PHE A 417 16.85 -0.44 23.92
CA PHE A 417 17.32 -1.58 24.72
C PHE A 417 18.35 -2.44 24.01
N TYR A 418 19.17 -3.11 24.81
CA TYR A 418 20.22 -3.99 24.32
C TYR A 418 20.00 -5.39 24.87
N ALA A 419 19.85 -6.33 23.95
CA ALA A 419 19.64 -7.75 24.25
C ALA A 419 19.89 -8.56 22.98
N ARG A 420 20.27 -9.83 23.14
CA ARG A 420 20.61 -10.69 22.00
C ARG A 420 19.58 -11.82 21.77
N ASP A 421 18.85 -12.17 22.81
CA ASP A 421 17.82 -13.20 22.72
C ASP A 421 16.60 -12.79 21.87
N LEU A 422 16.32 -13.57 20.82
CA LEU A 422 15.25 -13.23 19.87
C LEU A 422 13.89 -12.99 20.57
N SER A 423 13.48 -13.95 21.38
CA SER A 423 12.19 -13.88 22.09
C SER A 423 12.07 -12.70 23.02
N ARG A 424 13.15 -12.43 23.75
CA ARG A 424 13.26 -11.22 24.57
C ARG A 424 13.08 -9.94 23.73
N VAL A 425 13.75 -9.89 22.57
CA VAL A 425 13.70 -8.72 21.73
C VAL A 425 12.25 -8.45 21.34
N PHE A 426 11.53 -9.49 20.91
CA PHE A 426 10.15 -9.32 20.49
C PHE A 426 9.28 -8.83 21.65
N ARG A 427 9.38 -9.53 22.79
CA ARG A 427 8.59 -9.23 23.98
C ARG A 427 8.78 -7.79 24.43
N VAL A 428 10.03 -7.37 24.54
CA VAL A 428 10.33 -6.01 25.01
C VAL A 428 9.96 -4.98 23.95
N GLY A 429 10.36 -5.22 22.70
CA GLY A 429 10.02 -4.32 21.60
C GLY A 429 8.52 -4.07 21.48
N GLU A 430 7.73 -5.14 21.61
CA GLU A 430 6.30 -5.02 21.51
C GLU A 430 5.65 -4.34 22.72
N ALA A 431 6.19 -4.58 23.92
CA ALA A 431 5.57 -4.11 25.15
C ALA A 431 5.91 -2.66 25.51
N LEU A 432 7.00 -2.14 24.96
CA LEU A 432 7.39 -0.75 25.24
C LEU A 432 6.36 0.21 24.64
N GLU A 433 5.86 1.13 25.49
CA GLU A 433 4.90 2.13 25.04
C GLU A 433 5.57 3.39 24.49
N TYR A 434 6.23 3.22 23.35
CA TYR A 434 6.98 4.30 22.72
C TYR A 434 6.74 4.29 21.21
N GLY A 435 6.87 5.46 20.57
CA GLY A 435 6.73 5.57 19.13
C GLY A 435 7.97 5.14 18.37
N ILE A 436 9.12 5.19 19.03
CA ILE A 436 10.41 4.86 18.44
C ILE A 436 11.15 3.94 19.40
N VAL A 437 11.64 2.81 18.89
CA VAL A 437 12.39 1.86 19.71
C VAL A 437 13.69 1.46 19.03
N GLY A 438 14.82 1.88 19.62
CA GLY A 438 16.15 1.46 19.16
C GLY A 438 16.53 0.14 19.82
N ILE A 439 16.92 -0.85 19.03
CA ILE A 439 17.29 -2.19 19.51
C ILE A 439 18.73 -2.50 19.15
N ASN A 440 19.58 -2.59 20.17
CA ASN A 440 21.04 -2.73 20.00
C ASN A 440 21.70 -1.60 19.23
N THR A 441 21.08 -0.43 19.24
CA THR A 441 21.67 0.76 18.66
C THR A 441 21.15 1.99 19.39
N GLY A 442 22.03 2.99 19.53
CA GLY A 442 21.68 4.24 20.18
C GLY A 442 21.33 5.35 19.20
N ILE A 443 21.55 5.08 17.92
CA ILE A 443 21.28 6.04 16.86
C ILE A 443 20.27 5.53 15.82
N ILE A 444 19.08 6.12 15.89
CA ILE A 444 17.91 5.68 15.15
C ILE A 444 17.50 6.65 14.02
N SER A 445 18.13 7.84 13.98
CA SER A 445 17.75 8.93 13.08
C SER A 445 17.91 8.63 11.58
N ASN A 446 16.84 8.89 10.82
CA ASN A 446 16.87 8.92 9.35
C ASN A 446 15.57 9.53 8.80
N GLU A 447 15.52 9.80 7.48
CA GLU A 447 14.36 10.44 6.89
C GLU A 447 13.31 9.44 6.38
N VAL A 448 13.67 8.16 6.32
CA VAL A 448 12.84 7.15 5.66
C VAL A 448 11.84 6.42 6.58
N ALA A 449 12.04 6.52 7.89
CA ALA A 449 11.17 5.88 8.91
C ALA A 449 10.30 6.91 9.66
N PRO A 450 9.09 6.51 10.08
CA PRO A 450 8.21 7.44 10.82
C PRO A 450 8.70 7.70 12.26
N PHE A 451 8.91 8.98 12.56
CA PHE A 451 9.43 9.48 13.82
CA PHE A 451 9.40 9.44 13.85
C PHE A 451 8.32 10.27 14.53
N GLY A 452 7.94 9.85 15.72
CA GLY A 452 6.91 10.56 16.48
C GLY A 452 6.58 9.84 17.77
N GLY A 453 5.74 10.47 18.60
CA GLY A 453 5.44 9.93 19.91
C GLY A 453 4.01 9.46 20.10
N ILE A 454 3.82 8.62 21.10
CA ILE A 454 2.52 8.25 21.59
C ILE A 454 2.28 8.90 22.93
N LYS A 455 1.08 8.78 23.46
CA LYS A 455 0.73 9.38 24.73
C LYS A 455 0.95 10.90 24.76
N ALA A 456 1.53 11.40 25.82
CA ALA A 456 1.78 12.81 25.94
C ALA A 456 2.90 13.35 25.07
N SER A 457 3.63 12.46 24.43
CA SER A 457 4.69 12.82 23.53
C SER A 457 4.36 13.38 22.13
N GLY A 458 3.10 13.43 21.74
CA GLY A 458 2.76 14.02 20.47
C GLY A 458 1.69 13.40 19.62
N LEU A 459 1.60 13.88 18.39
CA LEU A 459 0.62 13.47 17.40
C LEU A 459 1.27 13.53 16.03
N GLY A 460 0.97 12.54 15.19
CA GLY A 460 1.50 12.48 13.83
C GLY A 460 2.93 11.97 13.79
N ARG A 461 3.46 11.81 12.57
CA ARG A 461 4.79 11.26 12.34
C ARG A 461 5.55 12.12 11.35
N GLU A 462 6.87 12.20 11.51
CA GLU A 462 7.72 12.93 10.60
C GLU A 462 8.67 11.96 9.89
N GLY A 463 9.06 12.31 8.66
CA GLY A 463 9.83 11.41 7.78
C GLY A 463 8.96 10.27 7.26
N SER A 464 9.51 9.49 6.33
CA SER A 464 8.85 8.30 5.70
C SER A 464 7.64 8.63 4.81
N LYS A 465 7.04 7.58 4.24
CA LYS A 465 5.77 7.72 3.51
C LYS A 465 4.64 8.23 4.41
N TYR A 466 4.71 7.92 5.71
CA TYR A 466 3.68 8.38 6.66
C TYR A 466 3.73 9.91 6.88
N GLY A 467 4.93 10.47 6.79
CA GLY A 467 5.18 11.89 7.06
C GLY A 467 4.37 12.88 6.24
N ILE A 468 4.15 12.58 4.95
CA ILE A 468 3.40 13.48 4.06
C ILE A 468 1.88 13.46 4.28
N GLU A 469 1.39 12.32 4.79
N GLU A 469 1.38 12.36 4.82
CA GLU A 469 -0.02 12.11 5.15
CA GLU A 469 -0.04 12.20 5.03
C GLU A 469 -0.60 13.30 5.91
C GLU A 469 -0.65 13.25 5.97
N ASP A 470 0.16 13.76 6.92
CA ASP A 470 -0.30 14.81 7.85
C ASP A 470 -0.57 16.14 7.16
N TYR A 471 -0.07 16.29 5.93
CA TYR A 471 -0.17 17.53 5.16
C TYR A 471 -1.15 17.40 4.00
N LEU A 472 -1.82 16.25 3.92
CA LEU A 472 -2.82 15.97 2.90
C LEU A 472 -4.22 15.81 3.49
N GLU A 473 -5.25 16.07 2.68
CA GLU A 473 -6.63 15.69 3.01
C GLU A 473 -7.07 14.63 2.03
N ILE A 474 -7.70 13.58 2.57
CA ILE A 474 -8.33 12.55 1.79
C ILE A 474 -9.66 13.07 1.26
N LYS A 475 -9.88 12.89 -0.04
CA LYS A 475 -11.17 13.20 -0.67
C LYS A 475 -11.79 11.95 -1.29
N TYR A 476 -12.98 11.59 -0.82
CA TYR A 476 -13.72 10.45 -1.35
C TYR A 476 -14.72 10.95 -2.39
N MET A 477 -14.59 10.41 -3.60
CA MET A 477 -15.52 10.71 -4.67
C MET A 477 -16.32 9.48 -5.07
N CYS A 478 -17.63 9.65 -5.16
CA CYS A 478 -18.52 8.55 -5.47
C CYS A 478 -19.24 8.91 -6.75
N ILE A 479 -18.97 8.20 -7.83
CA ILE A 479 -19.56 8.52 -9.13
C ILE A 479 -20.72 7.59 -9.48
N GLY A 480 -21.85 8.20 -9.82
CA GLY A 480 -23.04 7.47 -10.27
C GLY A 480 -23.01 7.26 -11.77
N LEU A 481 -23.05 6.01 -12.21
CA LEU A 481 -23.26 5.70 -13.62
C LEU A 481 -24.75 5.43 -13.81
N LYS B 1 -43.78 -4.83 21.69
CA LYS B 1 -43.36 -4.43 20.37
C LYS B 1 -42.54 -5.49 19.65
N LEU B 2 -41.52 -6.00 20.31
CA LEU B 2 -40.43 -6.70 19.64
C LEU B 2 -40.54 -8.22 19.61
N ASN B 3 -39.96 -8.81 18.57
CA ASN B 3 -39.84 -10.27 18.46
C ASN B 3 -38.97 -10.85 19.56
N ASP B 4 -37.88 -10.15 19.87
CA ASP B 4 -36.99 -10.50 20.97
C ASP B 4 -37.05 -9.35 21.97
N SER B 5 -37.76 -9.57 23.07
CA SER B 5 -37.98 -8.51 24.07
C SER B 5 -36.70 -8.07 24.77
N ASN B 6 -35.72 -8.97 24.85
CA ASN B 6 -34.44 -8.69 25.51
C ASN B 6 -33.54 -7.68 24.82
N LEU B 7 -33.94 -7.24 23.63
CA LEU B 7 -33.21 -6.18 22.90
C LEU B 7 -33.52 -4.79 23.43
N PHE B 8 -34.69 -4.64 24.03
CA PHE B 8 -35.07 -3.39 24.67
C PHE B 8 -34.46 -3.31 26.08
N ARG B 9 -33.48 -2.43 26.23
CA ARG B 9 -32.73 -2.29 27.49
C ARG B 9 -32.91 -0.92 28.11
N GLN B 10 -33.09 -0.88 29.43
CA GLN B 10 -33.31 0.36 30.16
C GLN B 10 -32.23 0.51 31.24
N GLN B 11 -31.10 -0.13 31.01
CA GLN B 11 -29.95 -0.08 31.89
C GLN B 11 -28.69 0.07 31.06
N ALA B 12 -27.64 0.62 31.67
CA ALA B 12 -26.37 0.83 31.01
C ALA B 12 -25.56 -0.48 31.06
N LEU B 13 -24.54 -0.58 30.21
CA LEU B 13 -23.67 -1.76 30.22
C LEU B 13 -22.25 -1.40 30.63
N ILE B 14 -21.86 -1.82 31.82
CA ILE B 14 -20.50 -1.56 32.29
C ILE B 14 -19.89 -2.88 32.74
N ASN B 15 -18.78 -3.23 32.10
CA ASN B 15 -17.98 -4.40 32.47
C ASN B 15 -18.81 -5.66 32.45
N GLY B 16 -19.63 -5.80 31.41
CA GLY B 16 -20.51 -6.95 31.25
C GLY B 16 -21.75 -7.01 32.12
N GLU B 17 -21.96 -6.01 32.97
CA GLU B 17 -23.10 -5.93 33.88
CA GLU B 17 -23.12 -5.99 33.82
C GLU B 17 -24.09 -4.89 33.39
N TRP B 18 -25.37 -5.21 33.45
CA TRP B 18 -26.44 -4.23 33.25
C TRP B 18 -26.70 -3.51 34.59
N LEU B 19 -26.57 -2.19 34.58
CA LEU B 19 -26.66 -1.40 35.83
C LEU B 19 -27.57 -0.16 35.71
N ASP B 20 -28.16 0.26 36.83
CA ASP B 20 -28.71 1.61 36.96
C ASP B 20 -27.61 2.59 37.40
N ALA B 21 -27.89 3.89 37.37
CA ALA B 21 -26.99 4.90 37.95
C ALA B 21 -26.84 4.56 39.42
N ASN B 22 -25.69 4.88 40.02
CA ASN B 22 -25.53 4.79 41.45
C ASN B 22 -26.67 5.48 42.24
N ASN B 23 -27.09 6.69 41.84
CA ASN B 23 -28.14 7.46 42.59
C ASN B 23 -29.56 7.09 42.16
N GLY B 24 -29.62 6.12 41.24
CA GLY B 24 -30.84 5.67 40.58
C GLY B 24 -31.65 6.61 39.71
N GLU B 25 -31.12 7.79 39.38
CA GLU B 25 -31.82 8.71 38.51
C GLU B 25 -31.80 8.23 37.07
N ALA B 26 -32.88 8.54 36.36
CA ALA B 26 -33.02 8.12 34.97
C ALA B 26 -33.36 9.28 34.02
N ILE B 27 -33.06 9.10 32.73
CA ILE B 27 -33.48 10.00 31.66
C ILE B 27 -34.67 9.35 30.93
N ASP B 28 -35.81 10.03 30.88
CA ASP B 28 -36.95 9.57 30.07
C ASP B 28 -36.67 9.72 28.58
N VAL B 29 -37.13 8.75 27.81
CA VAL B 29 -37.01 8.77 26.35
C VAL B 29 -38.41 8.76 25.74
N THR B 30 -38.72 9.73 24.89
CA THR B 30 -40.05 9.82 24.29
C THR B 30 -40.07 9.57 22.78
N ASN B 31 -41.24 9.24 22.27
CA ASN B 31 -41.44 9.05 20.84
C ASN B 31 -41.69 10.42 20.16
N PRO B 32 -40.78 10.85 19.26
CA PRO B 32 -40.92 12.19 18.61
C PRO B 32 -42.16 12.37 17.72
N ALA B 33 -42.81 11.27 17.33
CA ALA B 33 -44.01 11.32 16.48
C ALA B 33 -45.24 11.77 17.28
N ASN B 34 -45.23 11.55 18.59
CA ASN B 34 -46.44 11.75 19.41
C ASN B 34 -46.21 12.16 20.87
N GLY B 35 -44.97 12.05 21.36
CA GLY B 35 -44.65 12.49 22.71
C GLY B 35 -44.79 11.43 23.80
N ASP B 36 -45.20 10.22 23.43
CA ASP B 36 -45.34 9.12 24.38
C ASP B 36 -44.02 8.72 25.00
N LYS B 37 -44.06 8.42 26.30
CA LYS B 37 -42.88 7.86 26.96
C LYS B 37 -42.65 6.43 26.49
N LEU B 38 -41.44 6.17 25.99
CA LEU B 38 -41.06 4.83 25.61
C LEU B 38 -40.45 4.08 26.79
N GLY B 39 -39.72 4.80 27.64
CA GLY B 39 -39.02 4.21 28.77
C GLY B 39 -37.96 5.18 29.26
N SER B 40 -36.88 4.65 29.83
CA SER B 40 -35.84 5.51 30.35
C SER B 40 -34.52 4.76 30.38
N VAL B 41 -33.44 5.46 30.63
CA VAL B 41 -32.12 4.87 30.75
C VAL B 41 -31.47 5.53 31.94
N PRO B 42 -30.49 4.89 32.51
CA PRO B 42 -29.75 5.46 33.63
C PRO B 42 -29.17 6.84 33.38
N LYS B 43 -29.19 7.67 34.40
CA LYS B 43 -28.57 8.95 34.32
C LYS B 43 -27.23 8.99 35.04
N MET B 44 -26.22 8.35 34.47
CA MET B 44 -24.92 8.27 35.09
C MET B 44 -24.06 9.50 35.01
N GLY B 45 -23.06 9.56 35.88
CA GLY B 45 -22.14 10.66 35.97
C GLY B 45 -20.71 10.20 35.94
N ALA B 46 -19.80 11.01 36.47
CA ALA B 46 -18.37 10.79 36.48
C ALA B 46 -18.01 9.44 37.09
N ASP B 47 -18.64 9.10 38.23
CA ASP B 47 -18.37 7.86 38.98
C ASP B 47 -18.50 6.59 38.14
N GLU B 48 -19.65 6.43 37.49
CA GLU B 48 -19.92 5.28 36.64
C GLU B 48 -19.02 5.30 35.41
N THR B 49 -18.80 6.48 34.84
CA THR B 49 -17.93 6.63 33.67
C THR B 49 -16.52 6.18 34.02
N ARG B 50 -16.06 6.62 35.22
CA ARG B 50 -14.75 6.29 35.72
C ARG B 50 -14.65 4.78 35.81
N ALA B 51 -15.65 4.15 36.40
CA ALA B 51 -15.68 2.70 36.54
C ALA B 51 -15.69 2.01 35.17
N ALA B 52 -16.37 2.61 34.19
CA ALA B 52 -16.38 2.05 32.84
C ALA B 52 -14.99 2.13 32.22
N ILE B 53 -14.32 3.28 32.40
CA ILE B 53 -12.96 3.46 31.89
C ILE B 53 -11.99 2.43 32.49
N ASP B 54 -12.15 2.18 33.80
CA ASP B 54 -11.28 1.26 34.51
CA ASP B 54 -11.28 1.24 34.49
C ASP B 54 -11.54 -0.18 34.01
N ALA B 55 -12.80 -0.49 33.73
CA ALA B 55 -13.16 -1.80 33.17
C ALA B 55 -12.53 -1.99 31.76
N ALA B 56 -12.60 -0.95 30.93
CA ALA B 56 -12.03 -0.96 29.59
C ALA B 56 -10.52 -1.13 29.64
N ASN B 57 -9.88 -0.39 30.54
CA ASN B 57 -8.49 -0.58 30.85
C ASN B 57 -8.07 -1.95 31.31
N ARG B 58 -8.89 -2.55 32.15
CA ARG B 58 -8.65 -3.87 32.65
C ARG B 58 -8.78 -4.95 31.59
N ALA B 59 -9.70 -4.77 30.68
CA ALA B 59 -10.03 -5.72 29.64
C ALA B 59 -9.09 -5.61 28.46
N LEU B 60 -8.32 -4.55 28.39
CA LEU B 60 -7.51 -4.29 27.21
C LEU B 60 -6.39 -5.29 26.91
N PRO B 61 -5.55 -5.65 27.91
CA PRO B 61 -4.48 -6.62 27.59
C PRO B 61 -4.96 -7.93 26.97
N ALA B 62 -6.04 -8.53 27.49
CA ALA B 62 -6.53 -9.81 26.98
C ALA B 62 -7.20 -9.67 25.61
N TRP B 63 -7.80 -8.51 25.36
CA TRP B 63 -8.50 -8.28 24.08
C TRP B 63 -7.46 -8.07 22.98
N ARG B 64 -6.51 -7.22 23.32
CA ARG B 64 -5.34 -6.93 22.51
C ARG B 64 -4.53 -8.20 22.19
N ALA B 65 -4.45 -9.13 23.15
CA ALA B 65 -3.67 -10.36 22.99
C ALA B 65 -4.33 -11.48 22.13
N LEU B 66 -5.63 -11.37 21.86
CA LEU B 66 -6.29 -12.32 20.95
C LEU B 66 -5.68 -12.23 19.56
N THR B 67 -5.82 -13.27 18.73
CA THR B 67 -5.41 -13.16 17.35
C THR B 67 -6.43 -12.27 16.65
N ALA B 68 -6.03 -11.68 15.53
CA ALA B 68 -6.96 -10.95 14.67
C ALA B 68 -8.16 -11.82 14.23
N LYS B 69 -7.92 -13.11 13.97
CA LYS B 69 -9.01 -14.04 13.57
C LYS B 69 -10.02 -14.28 14.69
N GLU B 70 -9.57 -14.38 15.93
CA GLU B 70 -10.54 -14.58 17.00
C GLU B 70 -11.35 -13.32 17.32
N ARG B 71 -10.73 -12.14 17.17
CA ARG B 71 -11.46 -10.89 17.20
C ARG B 71 -12.45 -10.81 16.05
N ALA B 72 -12.00 -11.16 14.83
CA ALA B 72 -12.88 -11.27 13.66
C ALA B 72 -14.09 -12.18 13.89
N THR B 73 -13.89 -13.30 14.58
CA THR B 73 -14.97 -14.27 14.82
C THR B 73 -16.06 -13.65 15.70
N ILE B 74 -15.63 -12.99 16.76
CA ILE B 74 -16.54 -12.33 17.67
C ILE B 74 -17.27 -11.18 16.95
N LEU B 75 -16.52 -10.36 16.20
CA LEU B 75 -17.14 -9.23 15.50
C LEU B 75 -18.12 -9.67 14.40
N ARG B 76 -17.77 -10.72 13.66
CA ARG B 76 -18.66 -11.27 12.64
C ARG B 76 -19.91 -11.86 13.28
N ASN B 77 -19.78 -12.47 14.46
CA ASN B 77 -20.96 -12.87 15.25
C ASN B 77 -21.89 -11.68 15.55
N TRP B 78 -21.31 -10.55 15.93
CA TRP B 78 -22.05 -9.32 16.22
C TRP B 78 -22.76 -8.82 14.97
N PHE B 79 -22.03 -8.79 13.85
CA PHE B 79 -22.59 -8.45 12.53
C PHE B 79 -23.79 -9.33 12.20
N ASN B 80 -23.59 -10.64 12.23
CA ASN B 80 -24.65 -11.59 11.94
C ASN B 80 -25.88 -11.38 12.84
N LEU B 81 -25.65 -11.14 14.12
CA LEU B 81 -26.75 -10.90 15.06
C LEU B 81 -27.54 -9.65 14.68
N MET B 82 -26.84 -8.60 14.28
CA MET B 82 -27.48 -7.36 13.83
C MET B 82 -28.44 -7.60 12.67
N MET B 83 -27.98 -8.39 11.70
CA MET B 83 -28.77 -8.69 10.52
C MET B 83 -29.91 -9.64 10.84
N GLU B 84 -29.66 -10.60 11.72
CA GLU B 84 -30.71 -11.49 12.22
C GLU B 84 -31.87 -10.71 12.88
N HIS B 85 -31.52 -9.73 13.73
CA HIS B 85 -32.51 -8.97 14.49
C HIS B 85 -32.81 -7.62 13.87
N GLN B 86 -32.59 -7.51 12.56
CA GLN B 86 -32.79 -6.28 11.82
C GLN B 86 -34.15 -5.63 12.01
N ASP B 87 -35.22 -6.42 11.91
CA ASP B 87 -36.58 -5.88 12.04
C ASP B 87 -36.85 -5.25 13.41
N ASP B 88 -36.46 -5.94 14.48
CA ASP B 88 -36.62 -5.39 15.82
C ASP B 88 -35.80 -4.12 15.99
N LEU B 89 -34.56 -4.13 15.52
CA LEU B 89 -33.67 -2.97 15.68
C LEU B 89 -34.18 -1.74 14.94
N ALA B 90 -34.70 -1.96 13.72
CA ALA B 90 -35.31 -0.90 12.94
C ALA B 90 -36.52 -0.32 13.64
N ARG B 91 -37.41 -1.17 14.15
CA ARG B 91 -38.59 -0.73 14.90
C ARG B 91 -38.20 0.14 16.09
N LEU B 92 -37.24 -0.34 16.86
CA LEU B 92 -36.73 0.35 18.04
C LEU B 92 -36.23 1.74 17.68
N MET B 93 -35.55 1.84 16.54
CA MET B 93 -34.98 3.09 16.08
C MET B 93 -36.04 4.08 15.57
N THR B 94 -37.00 3.58 14.80
CA THR B 94 -38.09 4.41 14.37
C THR B 94 -38.84 5.01 15.57
N LEU B 95 -39.18 4.16 16.54
CA LEU B 95 -39.86 4.62 17.75
C LEU B 95 -39.15 5.75 18.50
N GLU B 96 -37.83 5.62 18.70
CA GLU B 96 -37.07 6.60 19.47
C GLU B 96 -36.56 7.81 18.67
N GLN B 97 -36.19 7.62 17.41
CA GLN B 97 -35.65 8.76 16.65
C GLN B 97 -36.58 9.35 15.58
N GLY B 98 -37.48 8.51 15.04
CA GLY B 98 -38.56 9.02 14.21
C GLY B 98 -38.55 8.69 12.74
N LYS B 99 -37.40 8.33 12.19
CA LYS B 99 -37.29 8.11 10.75
C LYS B 99 -38.20 6.98 10.27
N PRO B 100 -38.59 7.00 8.98
CA PRO B 100 -39.43 5.92 8.44
C PRO B 100 -38.78 4.56 8.61
N LEU B 101 -39.59 3.54 8.84
CA LEU B 101 -39.11 2.17 9.07
C LEU B 101 -38.11 1.69 7.99
N ALA B 102 -38.41 1.99 6.72
CA ALA B 102 -37.54 1.57 5.63
C ALA B 102 -36.15 2.22 5.73
N GLU B 103 -36.12 3.48 6.20
CA GLU B 103 -34.86 4.17 6.44
C GLU B 103 -34.13 3.56 7.62
N ALA B 104 -34.87 3.18 8.66
CA ALA B 104 -34.29 2.54 9.82
C ALA B 104 -33.70 1.15 9.48
N LYS B 105 -34.41 0.37 8.65
CA LYS B 105 -33.89 -0.92 8.18
C LYS B 105 -32.62 -0.71 7.37
N GLY B 106 -32.63 0.32 6.52
CA GLY B 106 -31.47 0.68 5.74
C GLY B 106 -30.28 1.03 6.62
N GLU B 107 -30.54 1.79 7.69
CA GLU B 107 -29.47 2.14 8.62
C GLU B 107 -28.91 0.95 9.37
N ILE B 108 -29.76 0.00 9.73
CA ILE B 108 -29.27 -1.21 10.43
C ILE B 108 -28.29 -1.97 9.54
N SER B 109 -28.63 -2.10 8.27
CA SER B 109 -27.79 -2.77 7.29
C SER B 109 -26.45 -2.08 7.08
N TYR B 110 -26.50 -0.76 7.01
CA TYR B 110 -25.33 0.08 6.83
C TYR B 110 -24.49 0.05 8.11
N ALA B 111 -25.12 0.25 9.26
CA ALA B 111 -24.42 0.15 10.53
C ALA B 111 -23.70 -1.19 10.70
N ALA B 112 -24.42 -2.28 10.43
CA ALA B 112 -23.84 -3.63 10.52
C ALA B 112 -22.61 -3.78 9.61
N SER B 113 -22.65 -3.17 8.42
CA SER B 113 -21.55 -3.34 7.45
C SER B 113 -20.20 -2.87 7.99
N PHE B 114 -20.22 -1.87 8.87
CA PHE B 114 -18.99 -1.38 9.50
C PHE B 114 -18.39 -2.45 10.42
N ILE B 115 -19.25 -3.15 11.14
CA ILE B 115 -18.76 -4.26 11.97
C ILE B 115 -18.11 -5.34 11.11
N GLU B 116 -18.77 -5.74 10.03
CA GLU B 116 -18.21 -6.75 9.12
C GLU B 116 -16.89 -6.26 8.48
N TRP B 117 -16.93 -5.06 7.90
CA TRP B 117 -15.77 -4.50 7.24
C TRP B 117 -14.54 -4.50 8.16
N PHE B 118 -14.72 -4.03 9.39
CA PHE B 118 -13.58 -3.92 10.30
C PHE B 118 -13.11 -5.23 10.91
N ALA B 119 -14.04 -6.16 11.13
CA ALA B 119 -13.67 -7.56 11.42
C ALA B 119 -12.62 -8.08 10.41
N GLU B 120 -12.87 -7.80 9.14
CA GLU B 120 -11.99 -8.16 8.04
C GLU B 120 -10.72 -7.32 8.03
N GLU B 121 -10.86 -6.02 8.25
CA GLU B 121 -9.72 -5.12 8.25
C GLU B 121 -8.69 -5.43 9.33
N GLY B 122 -9.18 -5.92 10.49
CA GLY B 122 -8.33 -6.30 11.63
C GLY B 122 -7.24 -7.30 11.27
N LYS B 123 -7.53 -8.14 10.27
CA LYS B 123 -6.62 -9.17 9.80
C LYS B 123 -5.59 -8.58 8.82
N ARG B 124 -5.77 -7.30 8.51
CA ARG B 124 -4.98 -6.62 7.44
C ARG B 124 -4.29 -5.34 7.97
N ILE B 125 -4.01 -5.32 9.26
CA ILE B 125 -3.20 -4.26 9.80
C ILE B 125 -1.72 -4.57 9.44
N TYR B 126 -1.25 -3.95 8.37
CA TYR B 126 0.08 -4.25 7.85
C TYR B 126 1.16 -3.30 8.37
N GLY B 127 2.21 -3.88 8.96
CA GLY B 127 3.41 -3.10 9.28
C GLY B 127 4.24 -3.03 8.04
N ASP B 128 5.45 -2.47 8.17
CA ASP B 128 6.39 -2.37 7.06
C ASP B 128 7.76 -2.88 7.47
N THR B 129 8.54 -3.26 6.48
CA THR B 129 10.01 -3.23 6.61
C THR B 129 10.47 -2.16 5.62
N ILE B 130 11.48 -1.39 5.99
CA ILE B 130 11.98 -0.26 5.18
C ILE B 130 13.49 -0.44 4.99
N PRO B 131 14.00 -0.27 3.75
CA PRO B 131 15.46 -0.41 3.57
C PRO B 131 16.26 0.48 4.51
N GLY B 132 17.29 -0.11 5.14
CA GLY B 132 18.05 0.54 6.19
C GLY B 132 18.92 1.71 5.72
N HIS B 133 19.19 2.62 6.65
CA HIS B 133 20.09 3.73 6.41
C HIS B 133 21.56 3.29 6.45
N GLN B 134 21.84 2.17 7.12
CA GLN B 134 23.19 1.61 7.18
C GLN B 134 23.07 0.10 6.97
N ALA B 135 24.16 -0.52 6.55
CA ALA B 135 24.15 -1.96 6.23
C ALA B 135 23.88 -2.83 7.45
N ASP B 136 24.22 -2.33 8.63
CA ASP B 136 24.06 -3.08 9.86
C ASP B 136 22.81 -2.68 10.65
N LYS B 137 21.85 -2.06 9.95
CA LYS B 137 20.60 -1.63 10.58
C LYS B 137 19.41 -2.22 9.86
N ARG B 138 18.36 -2.55 10.62
CA ARG B 138 17.10 -3.02 10.03
C ARG B 138 15.95 -2.19 10.57
N LEU B 139 15.00 -1.87 9.69
CA LEU B 139 13.92 -0.98 10.03
C LEU B 139 12.58 -1.69 9.89
N ILE B 140 11.81 -1.71 10.98
CA ILE B 140 10.53 -2.39 11.02
C ILE B 140 9.50 -1.46 11.66
N VAL B 141 8.34 -1.36 11.02
CA VAL B 141 7.22 -0.58 11.53
C VAL B 141 6.06 -1.52 11.85
N ILE B 142 5.53 -1.42 13.07
CA ILE B 142 4.33 -2.18 13.42
C ILE B 142 3.27 -1.19 13.88
N LYS B 143 2.02 -1.61 13.84
CA LYS B 143 0.89 -0.77 14.24
C LYS B 143 0.15 -1.49 15.33
N GLN B 144 -0.04 -0.80 16.44
CA GLN B 144 -0.64 -1.41 17.63
C GLN B 144 -1.83 -0.57 18.12
N PRO B 145 -2.81 -1.21 18.80
CA PRO B 145 -3.99 -0.48 19.29
C PRO B 145 -3.56 0.69 20.14
N ILE B 146 -4.23 1.83 19.98
CA ILE B 146 -3.92 3.02 20.77
C ILE B 146 -4.24 2.81 22.26
N GLY B 147 -5.20 1.94 22.56
CA GLY B 147 -5.53 1.57 23.95
C GLY B 147 -7.01 1.78 24.27
N VAL B 148 -7.28 2.40 25.41
CA VAL B 148 -8.66 2.71 25.81
C VAL B 148 -9.20 3.88 25.01
N THR B 149 -10.38 3.71 24.41
CA THR B 149 -10.94 4.76 23.59
C THR B 149 -12.32 5.18 24.09
N ALA B 150 -12.67 6.44 23.83
CA ALA B 150 -14.00 6.94 24.15
C ALA B 150 -14.69 7.36 22.86
N ALA B 151 -15.99 7.15 22.83
CA ALA B 151 -16.85 7.57 21.72
C ALA B 151 -18.08 8.30 22.25
N ILE B 152 -18.41 9.42 21.60
CA ILE B 152 -19.62 10.18 21.90
C ILE B 152 -20.43 10.27 20.60
N THR B 153 -21.67 9.79 20.64
CA THR B 153 -22.45 9.67 19.41
C THR B 153 -23.78 10.43 19.46
N PRO B 154 -24.23 10.97 18.30
CA PRO B 154 -25.43 11.77 18.23
C PRO B 154 -26.71 10.92 17.99
N TRP B 155 -27.85 11.60 17.81
CA TRP B 155 -29.18 10.99 17.76
C TRP B 155 -29.67 10.71 16.36
N ASN B 156 -29.00 11.24 15.34
CA ASN B 156 -29.55 11.18 13.98
C ASN B 156 -29.35 9.84 13.26
N PHE B 157 -28.23 9.19 13.54
CA PHE B 157 -27.99 7.81 13.12
C PHE B 157 -27.63 6.98 14.34
N PRO B 158 -28.64 6.57 15.12
CA PRO B 158 -28.44 5.99 16.45
C PRO B 158 -27.75 4.61 16.44
N ALA B 159 -27.68 3.93 15.29
CA ALA B 159 -26.96 2.65 15.18
C ALA B 159 -25.64 2.81 14.42
N ALA B 160 -25.70 3.45 13.24
CA ALA B 160 -24.50 3.63 12.42
C ALA B 160 -23.37 4.39 13.10
N MET B 161 -23.71 5.45 13.84
CA MET B 161 -22.71 6.20 14.62
C MET B 161 -21.94 5.35 15.63
N ILE B 162 -22.63 4.39 16.26
CA ILE B 162 -22.00 3.45 17.18
C ILE B 162 -20.99 2.59 16.43
N THR B 163 -21.46 1.84 15.41
CA THR B 163 -20.62 0.87 14.69
C THR B 163 -19.46 1.50 13.90
N ARG B 164 -19.63 2.73 13.41
CA ARG B 164 -18.55 3.43 12.72
C ARG B 164 -17.35 3.70 13.63
N LYS B 165 -17.57 3.62 14.95
CA LYS B 165 -16.52 3.87 15.94
C LYS B 165 -16.12 2.59 16.66
N ALA B 166 -17.10 1.83 17.14
CA ALA B 166 -16.80 0.57 17.85
C ALA B 166 -16.14 -0.47 16.91
N GLY B 167 -16.58 -0.49 15.66
CA GLY B 167 -16.04 -1.42 14.66
C GLY B 167 -14.51 -1.31 14.57
N PRO B 168 -13.99 -0.15 14.11
CA PRO B 168 -12.54 -0.01 13.99
C PRO B 168 -11.78 -0.08 15.33
N ALA B 169 -12.38 0.43 16.41
CA ALA B 169 -11.73 0.40 17.71
C ALA B 169 -11.48 -1.04 18.15
N LEU B 170 -12.53 -1.87 18.12
CA LEU B 170 -12.39 -3.24 18.58
C LEU B 170 -11.49 -4.05 17.65
N ALA B 171 -11.59 -3.80 16.33
CA ALA B 171 -10.80 -4.53 15.35
C ALA B 171 -9.32 -4.14 15.45
N ALA B 172 -9.07 -2.91 15.87
CA ALA B 172 -7.70 -2.47 16.09
C ALA B 172 -7.11 -3.14 17.32
N GLY B 173 -7.95 -3.67 18.20
CA GLY B 173 -7.49 -4.25 19.46
C GLY B 173 -7.65 -3.31 20.64
N CYS B 174 -8.35 -2.19 20.43
CA CYS B 174 -8.75 -1.28 21.50
C CYS B 174 -10.00 -1.72 22.24
N THR B 175 -10.16 -1.17 23.45
CA THR B 175 -11.40 -1.24 24.19
C THR B 175 -12.10 0.14 24.20
N MET B 176 -13.39 0.16 24.54
CA MET B 176 -14.22 1.33 24.30
C MET B 176 -15.25 1.61 25.40
N VAL B 177 -15.37 2.89 25.78
CA VAL B 177 -16.48 3.39 26.57
C VAL B 177 -17.23 4.33 25.65
N LEU B 178 -18.50 4.03 25.40
CA LEU B 178 -19.32 4.79 24.47
C LEU B 178 -20.44 5.50 25.22
N LYS B 179 -20.60 6.80 24.96
CA LYS B 179 -21.76 7.55 25.44
C LYS B 179 -22.70 7.91 24.28
N PRO B 180 -23.88 7.27 24.20
CA PRO B 180 -24.83 7.53 23.13
C PRO B 180 -25.72 8.75 23.43
N ALA B 181 -26.41 9.25 22.41
CA ALA B 181 -27.32 10.38 22.60
C ALA B 181 -28.44 10.04 23.60
N SER B 182 -28.69 10.94 24.54
CA SER B 182 -29.77 10.80 25.51
C SER B 182 -31.17 10.69 24.88
N GLN B 183 -31.35 11.27 23.68
CA GLN B 183 -32.63 11.16 22.99
C GLN B 183 -32.85 9.81 22.26
N THR B 184 -31.75 9.12 21.92
CA THR B 184 -31.86 7.85 21.20
C THR B 184 -30.88 6.80 21.75
N PRO B 185 -31.03 6.44 23.04
CA PRO B 185 -30.05 5.53 23.65
C PRO B 185 -30.35 4.05 23.46
N PHE B 186 -31.61 3.72 23.17
CA PHE B 186 -32.04 2.33 23.08
C PHE B 186 -31.37 1.57 21.95
N SER B 187 -31.16 2.24 20.82
CA SER B 187 -30.45 1.63 19.73
C SER B 187 -29.06 1.19 20.17
N ALA B 188 -28.40 2.04 20.95
CA ALA B 188 -27.03 1.78 21.38
C ALA B 188 -27.01 0.58 22.29
N LEU B 189 -27.95 0.56 23.22
CA LEU B 189 -28.03 -0.47 24.24
C LEU B 189 -28.42 -1.85 23.68
N ALA B 190 -29.23 -1.85 22.62
CA ALA B 190 -29.57 -3.07 21.91
C ALA B 190 -28.32 -3.66 21.25
N LEU B 191 -27.55 -2.80 20.59
CA LEU B 191 -26.26 -3.18 20.03
C LEU B 191 -25.30 -3.75 21.10
N ALA B 192 -25.28 -3.12 22.27
CA ALA B 192 -24.57 -3.61 23.44
C ALA B 192 -25.00 -5.03 23.81
N GLU B 193 -26.31 -5.24 23.87
CA GLU B 193 -26.85 -6.56 24.15
C GLU B 193 -26.35 -7.62 23.14
N LEU B 194 -26.40 -7.29 21.85
CA LEU B 194 -25.94 -8.20 20.85
C LEU B 194 -24.42 -8.43 20.91
N ALA B 195 -23.67 -7.43 21.38
CA ALA B 195 -22.24 -7.60 21.62
C ALA B 195 -21.97 -8.67 22.69
N ILE B 196 -22.73 -8.64 23.79
CA ILE B 196 -22.68 -9.72 24.79
C ILE B 196 -22.93 -11.07 24.13
N ARG B 197 -24.04 -11.18 23.41
CA ARG B 197 -24.41 -12.44 22.75
C ARG B 197 -23.36 -12.92 21.76
N ALA B 198 -22.66 -11.97 21.13
CA ALA B 198 -21.63 -12.28 20.14
C ALA B 198 -20.33 -12.83 20.75
N GLY B 199 -20.13 -12.61 22.05
CA GLY B 199 -18.91 -13.04 22.73
C GLY B 199 -17.93 -11.94 23.04
N VAL B 200 -18.37 -10.68 22.93
CA VAL B 200 -17.49 -9.56 23.26
C VAL B 200 -17.29 -9.61 24.77
N PRO B 201 -16.03 -9.78 25.23
CA PRO B 201 -15.79 -9.97 26.68
C PRO B 201 -16.14 -8.75 27.50
N ALA B 202 -16.42 -8.98 28.79
CA ALA B 202 -16.76 -7.91 29.72
C ALA B 202 -15.69 -6.80 29.73
N GLY B 203 -16.14 -5.57 29.54
CA GLY B 203 -15.27 -4.42 29.65
C GLY B 203 -14.68 -3.94 28.32
N VAL B 204 -14.76 -4.77 27.30
CA VAL B 204 -14.24 -4.40 25.98
C VAL B 204 -15.11 -3.32 25.32
N PHE B 205 -16.43 -3.42 25.49
CA PHE B 205 -17.37 -2.46 24.94
C PHE B 205 -18.38 -2.09 26.02
N ASN B 206 -18.34 -0.84 26.43
CA ASN B 206 -19.21 -0.34 27.51
C ASN B 206 -20.03 0.80 26.98
N VAL B 207 -21.30 0.85 27.40
CA VAL B 207 -22.19 1.91 26.99
C VAL B 207 -22.69 2.59 28.24
N VAL B 208 -22.37 3.87 28.37
CA VAL B 208 -22.74 4.66 29.54
C VAL B 208 -23.71 5.74 29.11
N THR B 209 -24.89 5.74 29.71
CA THR B 209 -25.85 6.80 29.45
C THR B 209 -25.86 7.83 30.59
N GLY B 210 -25.93 9.10 30.24
CA GLY B 210 -26.04 10.14 31.24
C GLY B 210 -25.99 11.53 30.65
N SER B 211 -25.80 12.51 31.52
CA SER B 211 -25.72 13.91 31.10
C SER B 211 -24.43 14.12 30.33
N ALA B 212 -24.49 14.98 29.31
CA ALA B 212 -23.34 15.25 28.46
C ALA B 212 -22.15 15.70 29.29
N GLY B 213 -22.35 16.74 30.10
CA GLY B 213 -21.30 17.28 30.95
C GLY B 213 -20.66 16.25 31.86
N ALA B 214 -21.49 15.59 32.67
CA ALA B 214 -21.01 14.64 33.68
C ALA B 214 -20.26 13.46 33.09
N VAL B 215 -20.76 12.87 31.99
CA VAL B 215 -20.04 11.75 31.31
C VAL B 215 -18.86 12.24 30.47
N GLY B 216 -19.09 13.24 29.63
CA GLY B 216 -18.07 13.76 28.71
C GLY B 216 -16.84 14.33 29.39
N ASN B 217 -17.04 15.06 30.49
CA ASN B 217 -15.93 15.65 31.23
C ASN B 217 -14.98 14.58 31.76
N GLU B 218 -15.55 13.45 32.16
CA GLU B 218 -14.75 12.33 32.66
C GLU B 218 -14.00 11.63 31.53
N LEU B 219 -14.70 11.40 30.42
CA LEU B 219 -14.06 10.87 29.20
C LEU B 219 -12.85 11.69 28.74
N THR B 220 -12.98 13.02 28.71
CA THR B 220 -11.91 13.88 28.19
C THR B 220 -10.78 14.14 29.19
N SER B 221 -11.06 14.00 30.49
CA SER B 221 -10.07 14.35 31.52
C SER B 221 -9.34 13.15 32.13
N ASN B 222 -9.89 11.96 31.97
CA ASN B 222 -9.22 10.74 32.40
C ASN B 222 -8.07 10.35 31.46
N PRO B 223 -6.82 10.32 31.98
CA PRO B 223 -5.65 10.01 31.15
C PRO B 223 -5.56 8.58 30.67
N LEU B 224 -6.39 7.70 31.23
CA LEU B 224 -6.48 6.32 30.72
C LEU B 224 -7.11 6.29 29.32
N VAL B 225 -7.97 7.27 29.02
CA VAL B 225 -8.53 7.42 27.68
C VAL B 225 -7.50 8.07 26.76
N ARG B 226 -7.10 7.36 25.72
CA ARG B 226 -6.02 7.83 24.84
C ARG B 226 -6.52 8.37 23.51
N LYS B 227 -7.80 8.13 23.25
CA LYS B 227 -8.40 8.44 21.99
C LYS B 227 -9.87 8.79 22.19
N LEU B 228 -10.31 9.89 21.58
CA LEU B 228 -11.73 10.26 21.58
C LEU B 228 -12.25 10.40 20.14
N SER B 229 -13.42 9.83 19.91
CA SER B 229 -14.11 10.04 18.66
C SER B 229 -15.48 10.65 18.95
N PHE B 230 -15.80 11.74 18.25
CA PHE B 230 -17.07 12.45 18.45
C PHE B 230 -17.74 12.79 17.13
N THR B 231 -19.06 12.58 17.07
CA THR B 231 -19.89 13.09 15.97
C THR B 231 -21.00 13.97 16.55
N GLY B 232 -21.11 15.19 16.03
CA GLY B 232 -22.08 16.16 16.52
C GLY B 232 -21.78 17.58 16.04
N SER B 233 -22.22 18.56 16.81
CA SER B 233 -22.10 19.94 16.42
C SER B 233 -20.66 20.42 16.51
N THR B 234 -20.34 21.40 15.66
CA THR B 234 -19.03 22.01 15.60
C THR B 234 -18.60 22.61 16.93
N GLU B 235 -19.51 23.28 17.61
CA GLU B 235 -19.19 23.92 18.89
C GLU B 235 -18.78 22.92 19.97
N ILE B 236 -19.47 21.78 20.04
CA ILE B 236 -19.11 20.74 21.03
C ILE B 236 -17.80 20.06 20.63
N GLY B 237 -17.62 19.86 19.33
CA GLY B 237 -16.33 19.42 18.79
C GLY B 237 -15.16 20.31 19.25
N ARG B 238 -15.33 21.64 19.17
CA ARG B 238 -14.33 22.58 19.64
C ARG B 238 -14.01 22.35 21.11
N GLN B 239 -15.05 22.31 21.93
CA GLN B 239 -14.91 22.13 23.37
C GLN B 239 -14.24 20.81 23.73
N LEU B 240 -14.63 19.72 23.05
CA LEU B 240 -14.05 18.40 23.29
C LEU B 240 -12.58 18.33 22.90
N MET B 241 -12.23 18.96 21.79
CA MET B 241 -10.83 19.04 21.35
C MET B 241 -9.98 19.82 22.36
N GLU B 242 -10.48 20.97 22.83
CA GLU B 242 -9.84 21.72 23.89
C GLU B 242 -9.55 20.86 25.11
N GLN B 243 -10.58 20.14 25.56
CA GLN B 243 -10.48 19.31 26.74
C GLN B 243 -9.48 18.16 26.58
N CYS B 244 -9.35 17.66 25.35
CA CYS B 244 -8.43 16.59 25.05
C CYS B 244 -6.97 17.00 25.01
N ALA B 245 -6.73 18.31 24.97
CA ALA B 245 -5.37 18.86 24.90
C ALA B 245 -4.53 18.51 26.10
N LYS B 246 -5.17 18.39 27.27
CA LYS B 246 -4.45 18.12 28.51
C LYS B 246 -3.58 16.85 28.41
N ASP B 247 -4.17 15.78 27.87
CA ASP B 247 -3.48 14.50 27.73
C ASP B 247 -2.89 14.30 26.34
N ILE B 248 -3.02 15.30 25.46
CA ILE B 248 -2.61 15.15 24.06
C ILE B 248 -3.29 13.92 23.46
N LYS B 249 -4.57 13.74 23.76
CA LYS B 249 -5.33 12.64 23.15
C LYS B 249 -5.39 12.73 21.62
N LYS B 250 -5.41 11.58 20.95
CA LYS B 250 -5.75 11.51 19.56
C LYS B 250 -7.26 11.75 19.42
N VAL B 251 -7.65 12.69 18.56
CA VAL B 251 -9.06 13.05 18.43
C VAL B 251 -9.59 12.86 17.02
N SER B 252 -10.71 12.15 16.88
CA SER B 252 -11.48 12.10 15.62
C SER B 252 -12.78 12.87 15.81
N LEU B 253 -13.14 13.66 14.80
CA LEU B 253 -14.31 14.53 14.86
C LEU B 253 -15.03 14.48 13.51
N GLU B 254 -16.34 14.33 13.56
CA GLU B 254 -17.16 14.55 12.39
CA GLU B 254 -17.19 14.51 12.39
C GLU B 254 -18.22 15.55 12.79
N LEU B 255 -18.12 16.74 12.22
CA LEU B 255 -18.86 17.88 12.71
C LEU B 255 -19.93 18.43 11.75
N GLY B 256 -20.24 19.71 11.91
CA GLY B 256 -21.14 20.41 11.01
C GLY B 256 -20.79 20.32 9.52
N GLY B 257 -21.83 20.41 8.72
CA GLY B 257 -21.66 20.55 7.28
C GLY B 257 -22.68 21.54 6.74
N ASN B 258 -22.40 22.05 5.56
CA ASN B 258 -23.32 22.91 4.85
C ASN B 258 -23.15 22.58 3.36
N ALA B 259 -23.73 21.45 2.96
CA ALA B 259 -23.38 20.81 1.70
C ALA B 259 -23.96 21.55 0.51
N PRO B 260 -23.09 21.99 -0.41
CA PRO B 260 -23.62 22.54 -1.68
C PRO B 260 -23.99 21.43 -2.64
N PHE B 261 -25.09 21.62 -3.37
CA PHE B 261 -25.58 20.62 -4.32
C PHE B 261 -25.72 21.37 -5.66
N ILE B 262 -24.84 21.05 -6.59
CA ILE B 262 -24.66 21.87 -7.80
C ILE B 262 -25.14 21.18 -9.09
N VAL B 263 -26.06 21.83 -9.80
CA VAL B 263 -26.61 21.29 -11.05
C VAL B 263 -26.18 22.17 -12.23
N PHE B 264 -25.38 21.61 -13.13
CA PHE B 264 -24.89 22.34 -14.30
C PHE B 264 -25.83 22.19 -15.50
N ASP B 265 -25.67 23.10 -16.47
CA ASP B 265 -26.43 23.10 -17.74
CA ASP B 265 -26.45 23.11 -17.72
C ASP B 265 -26.52 21.76 -18.42
N ASP B 266 -25.45 20.98 -18.29
CA ASP B 266 -25.32 19.73 -19.02
C ASP B 266 -25.70 18.52 -18.21
N ALA B 267 -26.32 18.74 -17.05
CA ALA B 267 -26.73 17.64 -16.18
C ALA B 267 -27.92 16.89 -16.76
N ASP B 268 -28.06 15.62 -16.39
CA ASP B 268 -29.33 14.91 -16.55
C ASP B 268 -30.27 15.43 -15.46
N LEU B 269 -31.24 16.26 -15.84
CA LEU B 269 -32.09 16.96 -14.86
C LEU B 269 -32.97 16.05 -14.02
N ASP B 270 -33.54 15.00 -14.61
CA ASP B 270 -34.36 14.05 -13.85
C ASP B 270 -33.54 13.32 -12.80
N LYS B 271 -32.31 12.94 -13.17
CA LYS B 271 -31.37 12.36 -12.21
C LYS B 271 -30.94 13.36 -11.13
N ALA B 272 -30.69 14.60 -11.51
CA ALA B 272 -30.34 15.64 -10.54
C ALA B 272 -31.48 15.81 -9.51
N VAL B 273 -32.72 15.87 -9.99
CA VAL B 273 -33.88 15.98 -9.10
C VAL B 273 -34.00 14.79 -8.15
N GLU B 274 -33.88 13.57 -8.67
CA GLU B 274 -33.87 12.34 -7.86
C GLU B 274 -32.79 12.44 -6.78
N GLY B 275 -31.57 12.79 -7.19
CA GLY B 275 -30.44 12.93 -6.27
C GLY B 275 -30.67 13.99 -5.21
N ALA B 276 -31.29 15.11 -5.59
CA ALA B 276 -31.59 16.20 -4.68
C ALA B 276 -32.62 15.81 -3.66
N LEU B 277 -33.64 15.08 -4.10
CA LEU B 277 -34.69 14.60 -3.22
C LEU B 277 -34.11 13.62 -2.18
N ALA B 278 -33.29 12.68 -2.65
CA ALA B 278 -32.67 11.69 -1.78
C ALA B 278 -31.68 12.33 -0.79
N SER B 279 -30.95 13.33 -1.24
CA SER B 279 -29.88 13.93 -0.44
C SER B 279 -30.45 14.87 0.61
N LYS B 280 -31.43 15.65 0.21
CA LYS B 280 -31.97 16.69 1.07
C LYS B 280 -32.91 16.11 2.13
N PHE B 281 -33.81 15.22 1.71
CA PHE B 281 -34.92 14.82 2.57
C PHE B 281 -34.76 13.48 3.32
N ARG B 282 -33.61 12.83 3.13
CA ARG B 282 -33.26 11.64 3.91
C ARG B 282 -33.18 12.04 5.38
N ASN B 283 -33.79 11.23 6.25
CA ASN B 283 -33.86 11.50 7.69
C ASN B 283 -34.40 12.90 7.96
N ALA B 284 -35.38 13.32 7.16
CA ALA B 284 -35.99 14.65 7.22
C ALA B 284 -34.99 15.81 7.19
N GLY B 285 -33.85 15.64 6.52
CA GLY B 285 -32.83 16.65 6.46
C GLY B 285 -31.88 16.72 7.63
N GLN B 286 -31.97 15.78 8.54
CA GLN B 286 -31.15 15.77 9.76
C GLN B 286 -29.89 14.90 9.59
N THR B 287 -29.10 15.24 8.60
CA THR B 287 -27.97 14.46 8.18
C THR B 287 -26.81 15.43 8.03
N CYS B 288 -25.63 14.99 8.40
CA CYS B 288 -24.48 15.88 8.30
C CYS B 288 -24.02 16.10 6.85
N VAL B 289 -24.51 15.27 5.93
CA VAL B 289 -24.12 15.33 4.53
C VAL B 289 -25.27 15.71 3.61
N CYS B 290 -26.43 16.02 4.20
CA CYS B 290 -27.61 16.48 3.46
C CYS B 290 -27.31 17.72 2.61
N ALA B 291 -27.85 17.77 1.40
CA ALA B 291 -27.81 19.00 0.61
C ALA B 291 -28.40 20.13 1.42
N ASN B 292 -27.65 21.21 1.59
CA ASN B 292 -28.11 22.34 2.38
C ASN B 292 -28.27 23.58 1.53
N ARG B 293 -27.60 23.58 0.37
CA ARG B 293 -27.64 24.70 -0.59
C ARG B 293 -27.74 24.14 -2.01
N LEU B 294 -28.80 24.50 -2.72
CA LEU B 294 -29.00 23.99 -4.07
C LEU B 294 -28.66 25.04 -5.15
N TYR B 295 -27.51 24.82 -5.81
CA TYR B 295 -27.03 25.72 -6.86
C TYR B 295 -27.36 25.14 -8.24
N VAL B 296 -28.18 25.87 -8.99
CA VAL B 296 -28.62 25.42 -10.31
C VAL B 296 -28.28 26.48 -11.35
N GLN B 297 -27.61 26.05 -12.42
CA GLN B 297 -27.15 26.96 -13.46
C GLN B 297 -28.30 27.63 -14.25
N ASP B 298 -28.06 28.89 -14.63
CA ASP B 298 -29.02 29.76 -15.32
CA ASP B 298 -29.06 29.74 -15.26
C ASP B 298 -29.93 29.02 -16.30
N GLY B 299 -29.27 28.28 -17.21
CA GLY B 299 -29.94 27.63 -18.33
C GLY B 299 -30.99 26.61 -17.95
N VAL B 300 -30.85 26.01 -16.76
CA VAL B 300 -31.75 24.93 -16.33
C VAL B 300 -32.51 25.20 -15.04
N TYR B 301 -32.30 26.40 -14.47
CA TYR B 301 -32.92 26.80 -13.20
C TYR B 301 -34.43 26.56 -13.14
N ASP B 302 -35.15 27.09 -14.13
CA ASP B 302 -36.62 27.06 -14.12
C ASP B 302 -37.14 25.63 -14.24
N ARG B 303 -36.58 24.88 -15.18
CA ARG B 303 -36.97 23.48 -15.38
C ARG B 303 -36.68 22.59 -14.17
N PHE B 304 -35.52 22.81 -13.53
CA PHE B 304 -35.15 22.05 -12.35
C PHE B 304 -36.14 22.35 -11.22
N ALA B 305 -36.44 23.63 -11.02
CA ALA B 305 -37.32 24.07 -9.93
C ALA B 305 -38.71 23.45 -10.09
N GLU B 306 -39.20 23.44 -11.32
CA GLU B 306 -40.48 22.83 -11.63
C GLU B 306 -40.47 21.33 -11.33
N LYS B 307 -39.41 20.65 -11.76
CA LYS B 307 -39.29 19.21 -11.61
C LYS B 307 -39.16 18.84 -10.15
N LEU B 308 -38.36 19.63 -9.41
CA LEU B 308 -38.16 19.39 -7.99
C LEU B 308 -39.48 19.50 -7.24
N GLN B 309 -40.24 20.52 -7.61
CA GLN B 309 -41.53 20.76 -6.99
C GLN B 309 -42.55 19.66 -7.27
N GLN B 310 -42.54 19.12 -8.50
CA GLN B 310 -43.34 17.93 -8.83
C GLN B 310 -42.96 16.74 -7.95
N ALA B 311 -41.65 16.49 -7.81
CA ALA B 311 -41.15 15.34 -7.08
C ALA B 311 -41.44 15.45 -5.57
N MET B 312 -41.45 16.66 -5.06
CA MET B 312 -41.64 16.90 -3.62
C MET B 312 -43.08 16.75 -3.17
N SER B 313 -44.00 17.13 -4.06
CA SER B 313 -45.42 17.04 -3.76
C SER B 313 -45.82 15.59 -3.44
N LYS B 314 -44.98 14.65 -3.88
CA LYS B 314 -45.17 13.23 -3.61
C LYS B 314 -44.70 12.79 -2.21
N LEU B 315 -43.86 13.59 -1.53
CA LEU B 315 -43.39 13.32 -0.16
C LEU B 315 -44.56 13.17 0.83
N HIS B 316 -44.46 12.17 1.71
CA HIS B 316 -45.53 11.85 2.64
C HIS B 316 -45.04 11.93 4.07
N ILE B 317 -45.74 12.76 4.83
CA ILE B 317 -45.35 13.05 6.19
C ILE B 317 -46.20 12.23 7.15
N GLY B 318 -45.59 11.71 8.21
CA GLY B 318 -46.36 10.97 9.21
C GLY B 318 -45.52 10.21 10.21
N ASP B 319 -46.19 9.35 10.97
CA ASP B 319 -45.56 8.41 11.91
C ASP B 319 -44.70 7.44 11.08
N GLY B 320 -43.44 7.31 11.45
CA GLY B 320 -42.49 6.47 10.74
C GLY B 320 -42.85 5.00 10.68
N LEU B 321 -43.80 4.55 11.50
CA LEU B 321 -44.24 3.14 11.46
C LEU B 321 -45.33 2.87 10.42
N ASP B 322 -45.88 3.94 9.83
CA ASP B 322 -47.02 3.80 8.93
C ASP B 322 -46.61 3.61 7.47
N ASN B 323 -47.42 2.85 6.72
CA ASN B 323 -47.08 2.58 5.33
C ASN B 323 -46.93 3.84 4.51
N GLY B 324 -45.86 3.84 3.73
CA GLY B 324 -45.65 4.84 2.70
C GLY B 324 -45.13 6.18 3.22
N VAL B 325 -44.95 6.29 4.53
CA VAL B 325 -44.42 7.53 5.10
C VAL B 325 -42.95 7.69 4.73
N THR B 326 -42.59 8.85 4.19
CA THR B 326 -41.23 9.06 3.75
C THR B 326 -40.57 10.28 4.44
N ILE B 327 -41.38 11.05 5.15
CA ILE B 327 -40.83 12.08 6.04
C ILE B 327 -41.41 11.91 7.45
N GLY B 328 -40.56 11.65 8.42
CA GLY B 328 -40.99 11.53 9.81
C GLY B 328 -40.88 12.88 10.53
N PRO B 329 -41.07 12.89 11.86
CA PRO B 329 -40.91 14.14 12.61
C PRO B 329 -39.44 14.48 12.83
N LEU B 330 -39.15 15.72 13.23
CA LEU B 330 -37.80 16.08 13.69
C LEU B 330 -37.60 15.57 15.12
N ILE B 331 -36.35 15.57 15.60
CA ILE B 331 -36.04 14.96 16.90
C ILE B 331 -36.65 15.65 18.13
N ASP B 332 -36.76 16.99 18.09
CA ASP B 332 -37.35 17.76 19.19
C ASP B 332 -37.76 19.19 18.82
N GLU B 333 -38.42 19.88 19.76
CA GLU B 333 -38.97 21.22 19.50
C GLU B 333 -37.89 22.27 19.11
N LYS B 334 -36.66 22.05 19.58
CA LYS B 334 -35.55 22.95 19.27
C LYS B 334 -35.07 22.75 17.83
N ALA B 335 -35.21 21.53 17.33
CA ALA B 335 -34.95 21.26 15.91
C ALA B 335 -35.90 22.13 15.09
N VAL B 336 -37.19 22.10 15.45
CA VAL B 336 -38.18 22.91 14.77
C VAL B 336 -37.83 24.39 14.85
N ALA B 337 -37.48 24.85 16.06
CA ALA B 337 -37.13 26.26 16.31
C ALA B 337 -36.01 26.74 15.40
N LYS B 338 -34.99 25.89 15.19
CA LYS B 338 -33.90 26.29 14.33
C LYS B 338 -34.36 26.45 12.88
N VAL B 339 -35.14 25.49 12.38
CA VAL B 339 -35.66 25.54 11.01
C VAL B 339 -36.48 26.81 10.82
N GLU B 340 -37.36 27.08 11.79
CA GLU B 340 -38.19 28.28 11.83
C GLU B 340 -37.34 29.58 11.82
N GLU B 341 -36.25 29.58 12.58
CA GLU B 341 -35.30 30.70 12.59
C GLU B 341 -34.65 30.90 11.22
N HIS B 342 -34.15 29.83 10.61
CA HIS B 342 -33.52 29.93 9.29
C HIS B 342 -34.50 30.47 8.23
N ILE B 343 -35.76 30.05 8.28
CA ILE B 343 -36.80 30.60 7.39
C ILE B 343 -37.03 32.09 7.67
N ALA B 344 -37.31 32.42 8.93
CA ALA B 344 -37.55 33.81 9.35
C ALA B 344 -36.43 34.73 8.88
N ASP B 345 -35.19 34.26 9.05
CA ASP B 345 -33.99 35.03 8.67
C ASP B 345 -33.92 35.28 7.16
N ALA B 346 -34.08 34.21 6.37
CA ALA B 346 -34.08 34.34 4.91
C ALA B 346 -35.18 35.28 4.36
N LEU B 347 -36.38 35.19 4.93
CA LEU B 347 -37.53 36.06 4.55
C LEU B 347 -37.29 37.53 4.85
N GLU B 348 -36.79 37.81 6.05
CA GLU B 348 -36.37 39.14 6.47
C GLU B 348 -35.32 39.70 5.52
N LYS B 349 -34.52 38.82 4.93
CA LYS B 349 -33.48 39.21 3.97
C LYS B 349 -33.97 39.17 2.52
N GLY B 350 -35.27 39.01 2.33
CA GLY B 350 -35.89 39.11 1.01
C GLY B 350 -36.12 37.82 0.23
N ALA B 351 -36.09 36.68 0.92
CA ALA B 351 -36.32 35.40 0.23
C ALA B 351 -37.81 35.11 0.06
N ARG B 352 -38.11 34.14 -0.82
CA ARG B 352 -39.46 33.75 -1.15
C ARG B 352 -39.67 32.27 -0.84
N VAL B 353 -40.81 31.93 -0.23
CA VAL B 353 -41.18 30.53 -0.04
C VAL B 353 -41.86 30.02 -1.30
N VAL B 354 -41.29 28.96 -1.86
CA VAL B 354 -41.80 28.37 -3.08
C VAL B 354 -42.73 27.20 -2.74
N CYS B 355 -42.37 26.46 -1.69
CA CYS B 355 -43.28 25.51 -1.07
C CYS B 355 -42.88 25.18 0.35
N GLY B 356 -43.80 24.60 1.10
CA GLY B 356 -43.64 24.40 2.54
C GLY B 356 -43.63 25.77 3.17
N GLY B 357 -42.73 25.97 4.13
CA GLY B 357 -42.57 27.27 4.77
C GLY B 357 -42.86 27.33 6.26
N LYS B 358 -43.61 26.35 6.78
CA LYS B 358 -43.93 26.32 8.22
C LYS B 358 -44.18 24.92 8.80
N ALA B 359 -44.58 24.88 10.08
CA ALA B 359 -44.82 23.62 10.81
C ALA B 359 -46.10 22.88 10.36
N HIS B 360 -46.00 21.56 10.16
CA HIS B 360 -47.09 20.71 9.67
C HIS B 360 -48.36 20.77 10.53
N GLU B 361 -49.51 20.46 9.93
CA GLU B 361 -50.82 20.45 10.61
C GLU B 361 -50.85 19.56 11.88
N ARG B 362 -50.11 18.44 11.85
CA ARG B 362 -49.97 17.55 13.00
C ARG B 362 -49.38 18.26 14.23
N GLY B 363 -48.58 19.29 13.99
CA GLY B 363 -47.90 20.01 15.06
C GLY B 363 -46.74 19.20 15.62
N GLY B 364 -46.43 19.44 16.90
CA GLY B 364 -45.33 18.77 17.60
C GLY B 364 -43.98 18.97 16.91
N ASN B 365 -43.36 17.86 16.49
CA ASN B 365 -42.05 17.91 15.83
C ASN B 365 -42.12 17.85 14.30
N PHE B 366 -43.32 17.90 13.75
CA PHE B 366 -43.43 17.78 12.30
C PHE B 366 -43.25 19.11 11.59
N PHE B 367 -42.50 19.08 10.49
CA PHE B 367 -42.23 20.28 9.72
C PHE B 367 -42.42 20.04 8.22
N GLN B 368 -42.89 21.08 7.52
CA GLN B 368 -43.21 21.01 6.10
C GLN B 368 -41.93 21.10 5.29
N PRO B 369 -41.65 20.10 4.43
CA PRO B 369 -40.55 20.20 3.45
C PRO B 369 -40.60 21.53 2.70
N THR B 370 -39.53 22.31 2.84
CA THR B 370 -39.52 23.71 2.43
C THR B 370 -38.45 24.07 1.41
N ILE B 371 -38.82 24.86 0.42
CA ILE B 371 -37.83 25.45 -0.50
C ILE B 371 -37.89 26.96 -0.40
N LEU B 372 -36.71 27.58 -0.35
CA LEU B 372 -36.58 29.02 -0.46
C LEU B 372 -35.85 29.38 -1.73
N VAL B 373 -36.20 30.53 -2.31
CA VAL B 373 -35.48 31.16 -3.43
C VAL B 373 -35.24 32.64 -3.08
N ASP B 374 -34.38 33.30 -3.85
CA ASP B 374 -33.99 34.70 -3.59
C ASP B 374 -33.37 34.87 -2.19
N VAL B 375 -32.53 33.90 -1.83
CA VAL B 375 -31.79 33.90 -0.58
C VAL B 375 -30.37 34.46 -0.81
N PRO B 376 -30.00 35.52 -0.06
CA PRO B 376 -28.65 36.06 -0.19
C PRO B 376 -27.59 35.17 0.46
N ALA B 377 -26.34 35.28 0.01
CA ALA B 377 -25.25 34.40 0.47
C ALA B 377 -24.94 34.49 1.98
N ASN B 378 -25.29 35.61 2.60
CA ASN B 378 -25.04 35.81 4.03
C ASN B 378 -26.17 35.35 4.97
N ALA B 379 -27.22 34.74 4.42
CA ALA B 379 -28.34 34.27 5.21
C ALA B 379 -27.93 33.07 6.09
N LYS B 380 -28.53 32.98 7.27
CA LYS B 380 -28.27 31.89 8.20
C LYS B 380 -28.36 30.55 7.49
N VAL B 381 -29.38 30.41 6.65
CA VAL B 381 -29.67 29.14 5.97
C VAL B 381 -28.56 28.76 5.00
N SER B 382 -27.76 29.72 4.57
CA SER B 382 -26.71 29.40 3.60
C SER B 382 -25.29 29.48 4.17
N LYS B 383 -25.18 29.75 5.47
CA LYS B 383 -23.90 29.87 6.19
C LYS B 383 -23.79 28.86 7.33
N GLU B 384 -24.92 28.46 7.89
CA GLU B 384 -24.96 27.57 9.04
C GLU B 384 -25.49 26.20 8.63
N GLU B 385 -25.39 25.23 9.56
CA GLU B 385 -25.97 23.89 9.35
C GLU B 385 -27.45 23.88 9.75
N THR B 386 -28.34 23.61 8.77
CA THR B 386 -29.79 23.67 9.01
C THR B 386 -30.32 22.44 9.80
N PHE B 387 -29.85 21.25 9.43
CA PHE B 387 -30.34 19.99 9.99
C PHE B 387 -31.88 19.82 9.99
N GLY B 388 -32.52 20.29 8.92
CA GLY B 388 -33.98 20.23 8.79
C GLY B 388 -34.32 20.09 7.32
N PRO B 389 -35.62 19.96 7.00
CA PRO B 389 -36.02 19.69 5.63
C PRO B 389 -36.24 20.98 4.87
N LEU B 390 -35.20 21.80 4.81
CA LEU B 390 -35.27 23.13 4.21
C LEU B 390 -34.08 23.36 3.28
N ALA B 391 -34.35 23.76 2.04
CA ALA B 391 -33.30 24.01 1.06
C ALA B 391 -33.44 25.37 0.36
N PRO B 392 -32.39 26.21 0.45
CA PRO B 392 -32.40 27.42 -0.37
C PRO B 392 -31.92 27.08 -1.78
N LEU B 393 -32.46 27.79 -2.77
CA LEU B 393 -32.17 27.48 -4.16
C LEU B 393 -31.48 28.69 -4.77
N PHE B 394 -30.32 28.46 -5.38
CA PHE B 394 -29.50 29.53 -5.96
C PHE B 394 -29.29 29.36 -7.47
N ARG B 395 -29.35 30.48 -8.18
CA ARG B 395 -29.01 30.53 -9.59
C ARG B 395 -27.53 30.87 -9.70
N PHE B 396 -26.83 30.30 -10.68
CA PHE B 396 -25.44 30.67 -10.94
C PHE B 396 -25.14 30.70 -12.45
N LYS B 397 -24.04 31.35 -12.82
CA LYS B 397 -23.73 31.68 -14.21
C LYS B 397 -22.85 30.59 -14.83
N ASP B 398 -21.70 30.37 -14.18
CA ASP B 398 -20.65 29.51 -14.70
C ASP B 398 -19.90 28.76 -13.61
N GLU B 399 -18.97 27.93 -14.06
CA GLU B 399 -18.11 27.13 -13.21
C GLU B 399 -17.31 27.89 -12.14
N ALA B 400 -16.67 28.98 -12.53
CA ALA B 400 -15.85 29.74 -11.58
C ALA B 400 -16.68 30.28 -10.40
N ASP B 401 -17.78 30.94 -10.70
CA ASP B 401 -18.63 31.54 -9.68
C ASP B 401 -19.16 30.55 -8.62
N VAL B 402 -19.73 29.44 -9.08
CA VAL B 402 -20.31 28.46 -8.17
C VAL B 402 -19.27 27.76 -7.28
N ILE B 403 -18.08 27.52 -7.82
CA ILE B 403 -16.98 26.95 -7.03
C ILE B 403 -16.60 27.89 -5.87
N ALA B 404 -16.43 29.17 -6.19
CA ALA B 404 -16.17 30.20 -5.19
C ALA B 404 -17.29 30.25 -4.13
N GLN B 405 -18.54 30.20 -4.56
CA GLN B 405 -19.68 30.20 -3.64
C GLN B 405 -19.72 28.92 -2.78
N ALA B 406 -19.52 27.78 -3.43
CA ALA B 406 -19.55 26.49 -2.75
C ALA B 406 -18.50 26.42 -1.64
N ASN B 407 -17.30 26.91 -1.95
CA ASN B 407 -16.17 26.88 -1.03
C ASN B 407 -16.13 28.01 0.01
N ASP B 408 -17.08 28.96 -0.09
CA ASP B 408 -17.07 30.16 0.77
C ASP B 408 -17.71 29.89 2.14
N THR B 409 -17.07 29.04 2.92
CA THR B 409 -17.62 28.53 4.16
C THR B 409 -16.51 27.90 4.99
N GLU B 410 -16.69 27.89 6.31
CA GLU B 410 -15.73 27.27 7.23
C GLU B 410 -15.86 25.75 7.20
N PHE B 411 -16.98 25.27 6.67
CA PHE B 411 -17.18 23.84 6.52
C PHE B 411 -16.60 23.31 5.22
N GLY B 412 -16.68 21.99 5.19
CA GLY B 412 -15.95 21.12 4.39
C GLY B 412 -16.24 19.63 4.43
N LEU B 413 -17.49 19.23 4.62
CA LEU B 413 -17.80 17.81 4.75
C LEU B 413 -18.15 17.21 3.39
N ALA B 414 -19.43 17.30 3.01
CA ALA B 414 -19.88 16.76 1.73
C ALA B 414 -20.33 17.83 0.73
N ALA B 415 -20.10 17.58 -0.54
CA ALA B 415 -20.62 18.39 -1.63
C ALA B 415 -21.09 17.45 -2.73
N TYR B 416 -22.01 17.91 -3.57
CA TYR B 416 -22.52 17.14 -4.69
C TYR B 416 -22.60 17.99 -5.95
N PHE B 417 -22.40 17.36 -7.10
CA PHE B 417 -22.67 18.04 -8.37
C PHE B 417 -23.08 17.10 -9.49
N TYR B 418 -23.83 17.65 -10.44
CA TYR B 418 -24.31 16.94 -11.59
C TYR B 418 -23.84 17.60 -12.87
N ALA B 419 -23.08 16.85 -13.66
CA ALA B 419 -22.53 17.31 -14.93
C ALA B 419 -22.16 16.08 -15.76
N ARG B 420 -22.09 16.22 -17.08
CA ARG B 420 -21.72 15.09 -17.94
C ARG B 420 -20.36 15.25 -18.61
N ASP B 421 -19.89 16.49 -18.77
CA ASP B 421 -18.59 16.76 -19.43
C ASP B 421 -17.43 16.32 -18.52
N LEU B 422 -16.59 15.44 -19.06
CA LEU B 422 -15.42 14.88 -18.36
C LEU B 422 -14.48 15.92 -17.73
N SER B 423 -14.00 16.86 -18.55
CA SER B 423 -13.15 17.96 -18.08
C SER B 423 -13.78 18.77 -16.96
N ARG B 424 -15.06 19.11 -17.10
CA ARG B 424 -15.82 19.79 -16.06
C ARG B 424 -15.83 18.98 -14.77
N VAL B 425 -16.06 17.68 -14.90
CA VAL B 425 -16.12 16.80 -13.74
C VAL B 425 -14.82 16.80 -12.95
N PHE B 426 -13.68 16.73 -13.65
CA PHE B 426 -12.37 16.80 -12.99
C PHE B 426 -12.13 18.16 -12.36
N ARG B 427 -12.39 19.23 -13.12
CA ARG B 427 -12.16 20.59 -12.64
C ARG B 427 -12.91 20.82 -11.34
N VAL B 428 -14.20 20.51 -11.36
CA VAL B 428 -15.06 20.80 -10.22
C VAL B 428 -14.75 19.85 -9.06
N GLY B 429 -14.58 18.57 -9.38
CA GLY B 429 -14.29 17.56 -8.37
C GLY B 429 -13.02 17.88 -7.60
N GLU B 430 -11.99 18.32 -8.32
CA GLU B 430 -10.73 18.73 -7.69
C GLU B 430 -10.79 20.04 -6.93
N ALA B 431 -11.62 20.99 -7.40
CA ALA B 431 -11.63 22.34 -6.83
C ALA B 431 -12.50 22.48 -5.56
N LEU B 432 -13.44 21.56 -5.40
CA LEU B 432 -14.34 21.60 -4.26
C LEU B 432 -13.59 21.28 -2.95
N GLU B 433 -13.72 22.15 -1.96
CA GLU B 433 -13.02 22.00 -0.68
C GLU B 433 -13.88 21.21 0.29
N TYR B 434 -14.02 19.92 -0.02
CA TYR B 434 -14.87 19.02 0.76
C TYR B 434 -14.18 17.67 0.89
N GLY B 435 -14.44 16.97 1.99
CA GLY B 435 -13.90 15.64 2.19
C GLY B 435 -14.61 14.55 1.41
N ILE B 436 -15.88 14.81 1.08
CA ILE B 436 -16.73 13.88 0.31
C ILE B 436 -17.38 14.62 -0.84
N VAL B 437 -17.29 14.06 -2.05
CA VAL B 437 -17.90 14.65 -3.23
C VAL B 437 -18.72 13.61 -4.03
N GLY B 438 -20.04 13.79 -4.04
CA GLY B 438 -20.91 12.96 -4.88
C GLY B 438 -21.02 13.53 -6.28
N ILE B 439 -20.77 12.70 -7.29
CA ILE B 439 -20.79 13.15 -8.67
C ILE B 439 -21.89 12.40 -9.42
N ASN B 440 -22.93 13.13 -9.84
CA ASN B 440 -24.13 12.54 -10.51
C ASN B 440 -24.83 11.53 -9.63
N THR B 441 -24.67 11.68 -8.32
CA THR B 441 -25.40 10.84 -7.36
C THR B 441 -25.59 11.58 -6.04
N GLY B 442 -26.76 11.42 -5.44
CA GLY B 442 -27.06 12.04 -4.16
C GLY B 442 -26.80 11.14 -2.96
N ILE B 443 -26.48 9.88 -3.21
CA ILE B 443 -26.22 8.89 -2.16
C ILE B 443 -24.82 8.27 -2.27
N ILE B 444 -24.01 8.61 -1.28
CA ILE B 444 -22.57 8.33 -1.29
C ILE B 444 -22.13 7.36 -0.15
N SER B 445 -23.07 7.04 0.73
CA SER B 445 -22.84 6.19 1.90
C SER B 445 -22.41 4.75 1.61
N ASN B 446 -21.28 4.34 2.20
CA ASN B 446 -20.86 2.93 2.28
C ASN B 446 -19.76 2.79 3.36
N GLU B 447 -19.38 1.55 3.68
CA GLU B 447 -18.36 1.28 4.69
C GLU B 447 -16.95 1.21 4.14
N VAL B 448 -16.82 1.17 2.81
CA VAL B 448 -15.52 0.86 2.17
C VAL B 448 -14.69 2.10 1.82
N ALA B 449 -15.33 3.27 1.81
CA ALA B 449 -14.68 4.53 1.43
C ALA B 449 -14.48 5.45 2.63
N PRO B 450 -13.42 6.27 2.63
CA PRO B 450 -13.18 7.15 3.76
C PRO B 450 -14.18 8.33 3.83
N PHE B 451 -14.86 8.44 4.96
CA PHE B 451 -15.90 9.44 5.20
CA PHE B 451 -15.86 9.48 5.17
C PHE B 451 -15.41 10.43 6.28
N GLY B 452 -15.36 11.72 5.96
CA GLY B 452 -14.96 12.72 6.94
C GLY B 452 -14.80 14.06 6.31
N GLY B 453 -14.48 15.04 7.13
CA GLY B 453 -14.46 16.40 6.70
C GLY B 453 -13.13 17.08 6.68
N ILE B 454 -13.05 18.15 5.92
CA ILE B 454 -11.91 19.03 5.97
C ILE B 454 -12.33 20.33 6.64
N LYS B 455 -11.37 21.20 6.87
CA LYS B 455 -11.63 22.47 7.48
C LYS B 455 -12.34 22.30 8.83
N ALA B 456 -13.28 23.15 9.16
CA ALA B 456 -13.99 23.07 10.42
C ALA B 456 -14.91 21.85 10.60
N SER B 457 -15.10 21.12 9.52
CA SER B 457 -15.91 19.92 9.47
C SER B 457 -15.44 18.62 10.14
N GLY B 458 -14.20 18.54 10.57
CA GLY B 458 -13.73 17.41 11.35
C GLY B 458 -12.28 17.04 11.25
N LEU B 459 -11.95 15.90 11.86
CA LEU B 459 -10.62 15.31 11.81
C LEU B 459 -10.78 13.80 11.65
N GLY B 460 -9.93 13.21 10.83
CA GLY B 460 -9.92 11.76 10.65
C GLY B 460 -10.98 11.27 9.66
N ARG B 461 -10.96 9.96 9.40
CA ARG B 461 -11.91 9.37 8.46
C ARG B 461 -12.55 8.13 9.07
N GLU B 462 -13.78 7.86 8.65
CA GLU B 462 -14.51 6.69 9.11
C GLU B 462 -14.83 5.81 7.92
N GLY B 463 -14.86 4.49 8.17
CA GLY B 463 -14.99 3.53 7.09
C GLY B 463 -13.68 3.35 6.33
N SER B 464 -13.65 2.40 5.42
CA SER B 464 -12.46 2.13 4.59
C SER B 464 -11.25 1.59 5.35
N LYS B 465 -10.15 1.34 4.64
CA LYS B 465 -8.85 1.00 5.25
C LYS B 465 -8.25 2.16 6.06
N TYR B 466 -8.56 3.39 5.70
CA TYR B 466 -8.08 4.55 6.48
C TYR B 466 -8.74 4.63 7.84
N GLY B 467 -9.97 4.13 7.95
CA GLY B 467 -10.78 4.23 9.17
C GLY B 467 -10.10 3.66 10.42
N ILE B 468 -9.37 2.57 10.25
CA ILE B 468 -8.74 1.87 11.38
C ILE B 468 -7.45 2.55 11.89
N GLU B 469 -6.83 3.34 11.03
N GLU B 469 -6.84 3.37 11.04
CA GLU B 469 -5.61 4.09 11.33
CA GLU B 469 -5.59 4.03 11.36
C GLU B 469 -5.79 4.94 12.58
C GLU B 469 -5.71 5.09 12.46
N ASP B 470 -6.92 5.61 12.67
CA ASP B 470 -7.17 6.54 13.78
C ASP B 470 -7.15 5.88 15.16
N TYR B 471 -7.20 4.55 15.19
CA TYR B 471 -7.27 3.76 16.41
C TYR B 471 -5.96 2.99 16.66
N LEU B 472 -4.98 3.24 15.81
CA LEU B 472 -3.69 2.57 15.88
C LEU B 472 -2.59 3.58 16.17
N GLU B 473 -1.50 3.09 16.77
CA GLU B 473 -0.28 3.90 16.88
C GLU B 473 0.78 3.21 16.07
N ILE B 474 1.55 4.00 15.33
CA ILE B 474 2.69 3.50 14.57
C ILE B 474 3.89 3.38 15.52
N LYS B 475 4.58 2.24 15.47
CA LYS B 475 5.80 2.03 16.24
C LYS B 475 6.95 1.71 15.30
N TYR B 476 7.99 2.54 15.34
CA TYR B 476 9.18 2.36 14.54
C TYR B 476 10.26 1.67 15.37
N MET B 477 10.72 0.53 14.90
CA MET B 477 11.79 -0.22 15.53
C MET B 477 12.99 -0.25 14.63
N CYS B 478 14.14 0.07 15.22
CA CYS B 478 15.41 0.12 14.50
C CYS B 478 16.35 -0.87 15.15
N ILE B 479 16.67 -1.94 14.43
CA ILE B 479 17.52 -3.01 15.00
C ILE B 479 18.98 -2.89 14.55
N GLY B 480 19.89 -2.88 15.52
CA GLY B 480 21.31 -2.87 15.21
C GLY B 480 21.87 -4.28 15.13
N LEU B 481 22.45 -4.63 13.99
CA LEU B 481 23.20 -5.89 13.88
C LEU B 481 24.67 -5.56 14.08
N LYS C 1 -20.84 -44.51 6.25
CA LYS C 1 -20.78 -43.41 5.31
C LYS C 1 -20.91 -41.99 5.90
N LEU C 2 -21.59 -41.21 5.11
CA LEU C 2 -21.73 -39.76 5.20
C LEU C 2 -23.05 -39.28 5.82
N ASN C 3 -22.99 -38.19 6.58
CA ASN C 3 -24.20 -37.53 7.09
C ASN C 3 -25.05 -36.95 5.95
N ASP C 4 -24.38 -36.38 4.96
CA ASP C 4 -25.03 -35.85 3.78
C ASP C 4 -24.49 -36.65 2.60
N SER C 5 -25.31 -37.58 2.09
CA SER C 5 -24.87 -38.47 1.03
C SER C 5 -24.64 -37.78 -0.31
N ASN C 6 -25.28 -36.63 -0.52
CA ASN C 6 -25.11 -35.88 -1.77
C ASN C 6 -23.76 -35.18 -1.93
N LEU C 7 -22.91 -35.27 -0.91
CA LEU C 7 -21.54 -34.76 -0.98
C LEU C 7 -20.62 -35.71 -1.76
N PHE C 8 -20.98 -36.99 -1.78
CA PHE C 8 -20.24 -37.98 -2.54
C PHE C 8 -20.69 -37.99 -3.99
N ARG C 9 -19.82 -37.49 -4.87
CA ARG C 9 -20.14 -37.31 -6.29
C ARG C 9 -19.26 -38.17 -7.16
N GLN C 10 -19.85 -38.81 -8.16
CA GLN C 10 -19.11 -39.67 -9.08
C GLN C 10 -19.29 -39.17 -10.51
N GLN C 11 -19.60 -37.88 -10.63
CA GLN C 11 -19.75 -37.21 -11.92
C GLN C 11 -19.03 -35.87 -11.88
N ALA C 12 -18.65 -35.38 -13.06
CA ALA C 12 -17.98 -34.08 -13.17
C ALA C 12 -19.01 -32.98 -13.19
N LEU C 13 -18.56 -31.75 -12.92
CA LEU C 13 -19.45 -30.60 -12.95
C LEU C 13 -19.06 -29.62 -14.04
N ILE C 14 -19.89 -29.53 -15.07
CA ILE C 14 -19.66 -28.62 -16.17
C ILE C 14 -20.91 -27.77 -16.39
N ASN C 15 -20.76 -26.46 -16.24
CA ASN C 15 -21.84 -25.50 -16.50
C ASN C 15 -23.08 -25.79 -15.67
N GLY C 16 -22.89 -26.14 -14.41
CA GLY C 16 -24.00 -26.40 -13.50
C GLY C 16 -24.64 -27.77 -13.63
N GLU C 17 -24.16 -28.58 -14.58
CA GLU C 17 -24.69 -29.92 -14.80
CA GLU C 17 -24.70 -29.92 -14.74
C GLU C 17 -23.70 -31.00 -14.33
N TRP C 18 -24.22 -32.01 -13.64
CA TRP C 18 -23.45 -33.19 -13.29
C TRP C 18 -23.47 -34.17 -14.49
N LEU C 19 -22.28 -34.51 -14.99
CA LEU C 19 -22.14 -35.26 -16.24
C LEU C 19 -21.16 -36.42 -16.15
N ASP C 20 -21.42 -37.45 -16.96
CA ASP C 20 -20.42 -38.47 -17.27
C ASP C 20 -19.60 -38.01 -18.46
N ALA C 21 -18.49 -38.70 -18.74
CA ALA C 21 -17.74 -38.49 -19.98
C ALA C 21 -18.64 -38.79 -21.16
N ASN C 22 -18.39 -38.09 -22.26
CA ASN C 22 -19.06 -38.35 -23.53
C ASN C 22 -19.04 -39.84 -23.92
N ASN C 23 -17.91 -40.52 -23.73
CA ASN C 23 -17.74 -41.95 -24.07
C ASN C 23 -18.06 -42.96 -22.97
N GLY C 24 -18.54 -42.43 -21.84
CA GLY C 24 -18.85 -43.18 -20.66
C GLY C 24 -17.73 -43.88 -19.90
N GLU C 25 -16.48 -43.60 -20.25
CA GLU C 25 -15.35 -44.20 -19.54
CA GLU C 25 -15.33 -44.18 -19.54
C GLU C 25 -15.13 -43.52 -18.19
N ALA C 26 -14.70 -44.31 -17.20
CA ALA C 26 -14.51 -43.79 -15.84
C ALA C 26 -13.15 -44.21 -15.28
N ILE C 27 -12.67 -43.45 -14.30
CA ILE C 27 -11.45 -43.73 -13.55
C ILE C 27 -11.84 -44.27 -12.19
N ASP C 28 -11.41 -45.48 -11.84
CA ASP C 28 -11.65 -46.03 -10.50
C ASP C 28 -10.80 -45.32 -9.43
N VAL C 29 -11.39 -45.10 -8.26
CA VAL C 29 -10.68 -44.50 -7.13
C VAL C 29 -10.68 -45.49 -5.98
N THR C 30 -9.49 -45.78 -5.45
CA THR C 30 -9.33 -46.78 -4.40
C THR C 30 -8.87 -46.17 -3.07
N ASN C 31 -9.12 -46.90 -1.99
CA ASN C 31 -8.69 -46.52 -0.65
C ASN C 31 -7.24 -47.00 -0.46
N PRO C 32 -6.28 -46.05 -0.26
CA PRO C 32 -4.86 -46.40 -0.13
C PRO C 32 -4.51 -47.22 1.11
N ALA C 33 -5.41 -47.28 2.08
CA ALA C 33 -5.21 -48.03 3.31
C ALA C 33 -5.41 -49.53 3.12
N ASN C 34 -6.21 -49.91 2.12
CA ASN C 34 -6.56 -51.32 1.92
C ASN C 34 -6.84 -51.76 0.49
N GLY C 35 -6.89 -50.82 -0.46
CA GLY C 35 -7.09 -51.18 -1.87
C GLY C 35 -8.54 -51.33 -2.34
N ASP C 36 -9.49 -51.16 -1.43
CA ASP C 36 -10.92 -51.19 -1.76
C ASP C 36 -11.29 -50.11 -2.77
N LYS C 37 -12.15 -50.48 -3.73
CA LYS C 37 -12.73 -49.50 -4.63
C LYS C 37 -13.75 -48.62 -3.87
N LEU C 38 -13.54 -47.31 -3.93
CA LEU C 38 -14.48 -46.36 -3.32
C LEU C 38 -15.58 -45.98 -4.30
N GLY C 39 -15.24 -45.97 -5.58
CA GLY C 39 -16.12 -45.47 -6.62
C GLY C 39 -15.31 -45.05 -7.83
N SER C 40 -15.86 -44.16 -8.64
CA SER C 40 -15.18 -43.72 -9.85
C SER C 40 -15.61 -42.31 -10.26
N VAL C 41 -14.83 -41.72 -11.17
CA VAL C 41 -15.15 -40.42 -11.71
C VAL C 41 -15.00 -40.47 -13.24
N PRO C 42 -15.69 -39.55 -13.97
CA PRO C 42 -15.54 -39.57 -15.43
C PRO C 42 -14.10 -39.41 -15.94
N LYS C 43 -13.78 -40.17 -16.99
CA LYS C 43 -12.49 -40.05 -17.65
C LYS C 43 -12.67 -39.13 -18.85
N MET C 44 -12.72 -37.84 -18.58
CA MET C 44 -12.97 -36.86 -19.62
C MET C 44 -11.73 -36.48 -20.43
N GLY C 45 -11.96 -35.84 -21.56
CA GLY C 45 -10.88 -35.47 -22.47
C GLY C 45 -11.04 -34.05 -22.99
N ALA C 46 -10.49 -33.82 -24.18
CA ALA C 46 -10.46 -32.50 -24.79
C ALA C 46 -11.86 -31.93 -24.97
N ASP C 47 -12.76 -32.76 -25.49
CA ASP C 47 -14.13 -32.33 -25.78
C ASP C 47 -14.85 -31.71 -24.60
N GLU C 48 -14.90 -32.44 -23.49
CA GLU C 48 -15.61 -31.98 -22.30
C GLU C 48 -14.87 -30.79 -21.68
N THR C 49 -13.54 -30.82 -21.71
CA THR C 49 -12.72 -29.70 -21.22
C THR C 49 -13.01 -28.42 -22.02
N ARG C 50 -13.14 -28.57 -23.34
CA ARG C 50 -13.45 -27.46 -24.26
C ARG C 50 -14.83 -26.89 -23.92
N ALA C 51 -15.80 -27.77 -23.70
CA ALA C 51 -17.14 -27.37 -23.28
C ALA C 51 -17.11 -26.65 -21.92
N ALA C 52 -16.23 -27.11 -21.03
CA ALA C 52 -16.07 -26.45 -19.73
C ALA C 52 -15.49 -25.05 -19.88
N ILE C 53 -14.48 -24.92 -20.75
CA ILE C 53 -13.87 -23.62 -21.01
C ILE C 53 -14.88 -22.63 -21.60
N ASP C 54 -15.67 -23.10 -22.59
CA ASP C 54 -16.72 -22.30 -23.22
CA ASP C 54 -16.71 -22.29 -23.21
C ASP C 54 -17.77 -21.84 -22.20
N ALA C 55 -18.17 -22.74 -21.29
CA ALA C 55 -19.11 -22.42 -20.21
C ALA C 55 -18.54 -21.37 -19.26
N ALA C 56 -17.26 -21.48 -18.91
CA ALA C 56 -16.58 -20.49 -18.07
C ALA C 56 -16.50 -19.13 -18.73
N ASN C 57 -16.22 -19.14 -20.03
CA ASN C 57 -16.18 -17.93 -20.84
C ASN C 57 -17.53 -17.24 -20.90
N ARG C 58 -18.58 -18.04 -21.06
CA ARG C 58 -19.95 -17.57 -21.21
C ARG C 58 -20.45 -16.96 -19.89
N ALA C 59 -20.05 -17.56 -18.77
CA ALA C 59 -20.48 -17.10 -17.45
C ALA C 59 -19.70 -15.88 -16.94
N LEU C 60 -18.58 -15.56 -17.59
CA LEU C 60 -17.66 -14.56 -17.10
C LEU C 60 -18.26 -13.14 -17.02
N PRO C 61 -18.88 -12.64 -18.10
CA PRO C 61 -19.40 -11.27 -18.01
C PRO C 61 -20.35 -11.02 -16.82
N ALA C 62 -21.24 -11.96 -16.54
CA ALA C 62 -22.22 -11.77 -15.45
C ALA C 62 -21.62 -11.93 -14.08
N TRP C 63 -20.59 -12.76 -13.96
CA TRP C 63 -19.90 -12.97 -12.69
C TRP C 63 -19.03 -11.75 -12.37
N ARG C 64 -18.28 -11.35 -13.38
CA ARG C 64 -17.48 -10.12 -13.38
C ARG C 64 -18.32 -8.87 -13.05
N ALA C 65 -19.56 -8.83 -13.54
CA ALA C 65 -20.44 -7.66 -13.36
C ALA C 65 -21.11 -7.53 -11.99
N LEU C 66 -21.09 -8.59 -11.18
CA LEU C 66 -21.59 -8.51 -9.80
C LEU C 66 -20.75 -7.51 -8.97
N THR C 67 -21.32 -6.98 -7.88
CA THR C 67 -20.49 -6.22 -6.96
C THR C 67 -19.58 -7.17 -6.21
N ALA C 68 -18.48 -6.62 -5.68
CA ALA C 68 -17.58 -7.37 -4.82
C ALA C 68 -18.34 -7.97 -3.64
N LYS C 69 -19.30 -7.22 -3.08
CA LYS C 69 -20.09 -7.70 -1.93
C LYS C 69 -20.96 -8.89 -2.26
N GLU C 70 -21.62 -8.86 -3.43
CA GLU C 70 -22.41 -10.03 -3.80
C GLU C 70 -21.57 -11.29 -4.14
N ARG C 71 -20.39 -11.10 -4.71
CA ARG C 71 -19.43 -12.21 -4.81
C ARG C 71 -18.99 -12.68 -3.42
N ALA C 72 -18.71 -11.73 -2.52
CA ALA C 72 -18.36 -12.05 -1.14
C ALA C 72 -19.44 -12.86 -0.42
N THR C 73 -20.71 -12.49 -0.64
CA THR C 73 -21.85 -13.23 -0.07
C THR C 73 -21.84 -14.70 -0.51
N ILE C 74 -21.70 -14.92 -1.81
CA ILE C 74 -21.68 -16.27 -2.37
C ILE C 74 -20.48 -17.07 -1.85
N LEU C 75 -19.30 -16.47 -1.89
CA LEU C 75 -18.10 -17.16 -1.39
C LEU C 75 -18.16 -17.45 0.11
N ARG C 76 -18.66 -16.51 0.91
CA ARG C 76 -18.85 -16.75 2.34
C ARG C 76 -19.84 -17.90 2.58
N ASN C 77 -20.88 -17.99 1.75
CA ASN C 77 -21.81 -19.12 1.83
C ASN C 77 -21.09 -20.44 1.61
N TRP C 78 -20.16 -20.44 0.65
CA TRP C 78 -19.33 -21.61 0.36
C TRP C 78 -18.46 -21.95 1.54
N PHE C 79 -17.79 -20.95 2.11
CA PHE C 79 -16.97 -21.11 3.31
C PHE C 79 -17.77 -21.72 4.46
N ASN C 80 -18.93 -21.12 4.76
CA ASN C 80 -19.81 -21.59 5.82
C ASN C 80 -20.24 -23.05 5.62
N LEU C 81 -20.58 -23.40 4.38
CA LEU C 81 -20.99 -24.75 4.05
C LEU C 81 -19.87 -25.76 4.27
N MET C 82 -18.65 -25.38 3.89
CA MET C 82 -17.46 -26.20 4.15
C MET C 82 -17.27 -26.50 5.62
N MET C 83 -17.47 -25.49 6.48
CA MET C 83 -17.34 -25.67 7.92
C MET C 83 -18.49 -26.50 8.49
N GLU C 84 -19.69 -26.25 8.00
CA GLU C 84 -20.87 -27.02 8.39
C GLU C 84 -20.70 -28.53 8.09
N HIS C 85 -20.19 -28.85 6.90
CA HIS C 85 -20.01 -30.24 6.50
C HIS C 85 -18.59 -30.76 6.71
N GLN C 86 -17.86 -30.13 7.63
CA GLN C 86 -16.47 -30.49 7.89
C GLN C 86 -16.25 -31.99 8.14
N ASP C 87 -17.08 -32.61 8.98
CA ASP C 87 -16.89 -34.01 9.34
C ASP C 87 -16.99 -34.93 8.13
N ASP C 88 -18.01 -34.73 7.29
CA ASP C 88 -18.17 -35.53 6.07
C ASP C 88 -17.00 -35.34 5.13
N LEU C 89 -16.58 -34.08 4.97
CA LEU C 89 -15.51 -33.74 4.04
C LEU C 89 -14.18 -34.36 4.46
N ALA C 90 -13.92 -34.36 5.77
CA ALA C 90 -12.73 -34.96 6.32
C ALA C 90 -12.73 -36.47 6.10
N ARG C 91 -13.86 -37.11 6.35
CA ARG C 91 -13.98 -38.55 6.18
C ARG C 91 -13.70 -38.94 4.73
N LEU C 92 -14.34 -38.23 3.80
CA LEU C 92 -14.20 -38.44 2.38
C LEU C 92 -12.72 -38.34 1.96
N MET C 93 -12.03 -37.36 2.51
CA MET C 93 -10.62 -37.13 2.23
C MET C 93 -9.72 -38.24 2.80
N THR C 94 -9.95 -38.63 4.05
CA THR C 94 -9.19 -39.73 4.65
C THR C 94 -9.35 -41.01 3.83
N LEU C 95 -10.59 -41.30 3.41
CA LEU C 95 -10.88 -42.50 2.62
C LEU C 95 -10.13 -42.55 1.31
N GLU C 96 -10.11 -41.43 0.57
CA GLU C 96 -9.47 -41.38 -0.75
C GLU C 96 -7.95 -41.09 -0.75
N GLN C 97 -7.46 -40.27 0.18
CA GLN C 97 -6.04 -39.94 0.15
C GLN C 97 -5.21 -40.60 1.25
N GLY C 98 -5.83 -40.92 2.38
CA GLY C 98 -5.19 -41.75 3.41
C GLY C 98 -4.83 -41.11 4.74
N LYS C 99 -4.66 -39.79 4.78
CA LYS C 99 -4.19 -39.11 5.98
C LYS C 99 -5.13 -39.29 7.19
N PRO C 100 -4.57 -39.24 8.41
CA PRO C 100 -5.41 -39.36 9.60
C PRO C 100 -6.56 -38.37 9.61
N LEU C 101 -7.69 -38.80 10.16
CA LEU C 101 -8.90 -38.00 10.20
C LEU C 101 -8.69 -36.60 10.78
N ALA C 102 -7.89 -36.49 11.85
CA ALA C 102 -7.61 -35.20 12.49
C ALA C 102 -6.87 -34.26 11.55
N GLU C 103 -5.93 -34.81 10.76
CA GLU C 103 -5.22 -34.07 9.72
C GLU C 103 -6.17 -33.62 8.62
N ALA C 104 -7.10 -34.49 8.25
CA ALA C 104 -8.11 -34.15 7.25
C ALA C 104 -9.05 -33.03 7.72
N LYS C 105 -9.51 -33.10 8.97
CA LYS C 105 -10.33 -32.03 9.58
C LYS C 105 -9.57 -30.70 9.60
N GLY C 106 -8.29 -30.78 9.96
CA GLY C 106 -7.40 -29.62 9.90
C GLY C 106 -7.32 -29.06 8.49
N GLU C 107 -7.16 -29.92 7.49
CA GLU C 107 -7.09 -29.44 6.11
C GLU C 107 -8.37 -28.77 5.64
N ILE C 108 -9.53 -29.30 6.06
CA ILE C 108 -10.80 -28.68 5.67
C ILE C 108 -10.85 -27.25 6.18
N SER C 109 -10.47 -27.06 7.44
CA SER C 109 -10.52 -25.77 8.09
C SER C 109 -9.58 -24.77 7.41
N TYR C 110 -8.38 -25.25 7.11
CA TYR C 110 -7.37 -24.48 6.40
C TYR C 110 -7.82 -24.17 4.96
N ALA C 111 -8.29 -25.19 4.24
CA ALA C 111 -8.85 -25.01 2.89
C ALA C 111 -9.97 -23.97 2.88
N ALA C 112 -10.93 -24.11 3.80
CA ALA C 112 -12.04 -23.17 3.93
C ALA C 112 -11.56 -21.73 4.15
N SER C 113 -10.46 -21.57 4.90
CA SER C 113 -10.00 -20.22 5.25
C SER C 113 -9.60 -19.40 4.02
N PHE C 114 -9.17 -20.07 2.95
CA PHE C 114 -8.84 -19.39 1.68
C PHE C 114 -10.06 -18.79 1.01
N ILE C 115 -11.17 -19.52 1.06
CA ILE C 115 -12.42 -19.00 0.54
C ILE C 115 -12.89 -17.75 1.32
N GLU C 116 -12.85 -17.82 2.65
CA GLU C 116 -13.22 -16.67 3.47
C GLU C 116 -12.28 -15.50 3.20
N TRP C 117 -10.97 -15.76 3.25
CA TRP C 117 -9.97 -14.71 3.08
C TRP C 117 -10.17 -13.93 1.77
N PHE C 118 -10.36 -14.67 0.69
CA PHE C 118 -10.51 -14.06 -0.63
C PHE C 118 -11.90 -13.41 -0.88
N ALA C 119 -12.96 -13.97 -0.32
CA ALA C 119 -14.24 -13.26 -0.24
C ALA C 119 -14.03 -11.84 0.30
N GLU C 120 -13.24 -11.73 1.36
CA GLU C 120 -12.90 -10.45 1.96
C GLU C 120 -11.97 -9.59 1.07
N GLU C 121 -10.99 -10.24 0.45
CA GLU C 121 -9.99 -9.55 -0.35
C GLU C 121 -10.59 -8.96 -1.63
N GLY C 122 -11.60 -9.63 -2.19
CA GLY C 122 -12.31 -9.13 -3.35
C GLY C 122 -12.86 -7.70 -3.19
N LYS C 123 -13.17 -7.32 -1.95
CA LYS C 123 -13.69 -6.01 -1.64
C LYS C 123 -12.57 -4.98 -1.52
N ARG C 124 -11.32 -5.45 -1.66
CA ARG C 124 -10.14 -4.64 -1.37
C ARG C 124 -9.16 -4.69 -2.52
N ILE C 125 -9.68 -4.85 -3.73
CA ILE C 125 -8.86 -4.73 -4.91
C ILE C 125 -8.71 -3.24 -5.22
N TYR C 126 -7.59 -2.69 -4.80
CA TYR C 126 -7.36 -1.25 -4.90
C TYR C 126 -6.61 -0.83 -6.17
N GLY C 127 -7.22 0.06 -6.95
CA GLY C 127 -6.51 0.75 -8.02
C GLY C 127 -5.73 1.90 -7.42
N ASP C 128 -5.13 2.73 -8.29
CA ASP C 128 -4.34 3.89 -7.84
C ASP C 128 -4.72 5.11 -8.65
N THR C 129 -4.48 6.29 -8.08
CA THR C 129 -4.30 7.50 -8.86
C THR C 129 -2.82 7.87 -8.64
N ILE C 130 -2.17 8.36 -9.69
CA ILE C 130 -0.75 8.68 -9.67
C ILE C 130 -0.53 10.13 -10.13
N PRO C 131 0.29 10.93 -9.40
CA PRO C 131 0.46 12.32 -9.86
C PRO C 131 0.93 12.36 -11.30
N GLY C 132 0.31 13.23 -12.09
CA GLY C 132 0.53 13.24 -13.52
C GLY C 132 1.86 13.81 -13.97
N HIS C 133 2.30 13.39 -15.14
CA HIS C 133 3.53 13.89 -15.77
C HIS C 133 3.37 15.29 -16.36
N GLN C 134 2.12 15.69 -16.64
CA GLN C 134 1.81 17.04 -17.13
C GLN C 134 0.57 17.51 -16.38
N ALA C 135 0.39 18.83 -16.28
CA ALA C 135 -0.73 19.45 -15.55
C ALA C 135 -2.08 19.11 -16.15
N ASP C 136 -2.12 18.82 -17.43
CA ASP C 136 -3.36 18.49 -18.11
C ASP C 136 -3.56 16.99 -18.29
N LYS C 137 -2.85 16.20 -17.49
CA LYS C 137 -3.00 14.74 -17.57
C LYS C 137 -3.37 14.17 -16.21
N ARG C 138 -4.16 13.11 -16.21
CA ARG C 138 -4.52 12.39 -15.00
C ARG C 138 -4.27 10.91 -15.20
N LEU C 139 -3.68 10.28 -14.19
CA LEU C 139 -3.31 8.88 -14.28
C LEU C 139 -4.10 8.03 -13.29
N ILE C 140 -4.76 7.01 -13.80
CA ILE C 140 -5.54 6.09 -12.98
C ILE C 140 -5.19 4.64 -13.34
N VAL C 141 -4.98 3.83 -12.32
CA VAL C 141 -4.72 2.41 -12.48
C VAL C 141 -5.90 1.65 -11.86
N ILE C 142 -6.51 0.78 -12.66
CA ILE C 142 -7.49 -0.18 -12.13
C ILE C 142 -7.01 -1.62 -12.33
N LYS C 143 -7.57 -2.53 -11.53
CA LYS C 143 -7.23 -3.95 -11.59
C LYS C 143 -8.48 -4.74 -11.91
N GLN C 144 -8.40 -5.53 -12.97
CA GLN C 144 -9.56 -6.27 -13.49
C GLN C 144 -9.26 -7.77 -13.61
N PRO C 145 -10.30 -8.63 -13.49
CA PRO C 145 -10.09 -10.07 -13.60
C PRO C 145 -9.40 -10.46 -14.91
N ILE C 146 -8.46 -11.38 -14.84
CA ILE C 146 -7.71 -11.78 -16.03
C ILE C 146 -8.63 -12.50 -17.03
N GLY C 147 -9.69 -13.11 -16.52
CA GLY C 147 -10.70 -13.74 -17.37
C GLY C 147 -10.93 -15.21 -17.02
N VAL C 148 -10.93 -16.08 -18.03
CA VAL C 148 -11.09 -17.51 -17.79
C VAL C 148 -9.76 -18.09 -17.28
N THR C 149 -9.83 -18.87 -16.21
CA THR C 149 -8.64 -19.44 -15.63
C THR C 149 -8.72 -20.97 -15.55
N ALA C 150 -7.55 -21.61 -15.56
CA ALA C 150 -7.45 -23.04 -15.40
C ALA C 150 -6.61 -23.39 -14.18
N ALA C 151 -7.00 -24.45 -13.48
CA ALA C 151 -6.28 -24.94 -12.31
C ALA C 151 -6.10 -26.46 -12.41
N ILE C 152 -4.87 -26.90 -12.12
CA ILE C 152 -4.54 -28.32 -12.07
C ILE C 152 -3.97 -28.61 -10.67
N THR C 153 -4.60 -29.54 -9.95
CA THR C 153 -4.29 -29.72 -8.53
C THR C 153 -3.86 -31.13 -8.21
N PRO C 154 -2.96 -31.30 -7.23
CA PRO C 154 -2.42 -32.61 -6.87
C PRO C 154 -3.25 -33.34 -5.79
N TRP C 155 -2.79 -34.52 -5.38
CA TRP C 155 -3.52 -35.45 -4.52
C TRP C 155 -3.23 -35.30 -3.01
N ASN C 156 -2.19 -34.53 -2.67
CA ASN C 156 -1.70 -34.55 -1.29
C ASN C 156 -2.50 -33.66 -0.36
N PHE C 157 -3.03 -32.56 -0.90
CA PHE C 157 -3.97 -31.72 -0.17
C PHE C 157 -5.20 -31.53 -1.04
N PRO C 158 -6.10 -32.53 -1.04
CA PRO C 158 -7.19 -32.61 -2.02
C PRO C 158 -8.27 -31.55 -1.91
N ALA C 159 -8.35 -30.86 -0.77
CA ALA C 159 -9.26 -29.73 -0.60
C ALA C 159 -8.54 -28.36 -0.68
N ALA C 160 -7.42 -28.22 0.03
CA ALA C 160 -6.73 -26.95 0.16
C ALA C 160 -6.18 -26.47 -1.17
N MET C 161 -5.70 -27.39 -1.99
CA MET C 161 -5.18 -27.06 -3.31
C MET C 161 -6.24 -26.45 -4.21
N ILE C 162 -7.48 -26.94 -4.09
CA ILE C 162 -8.64 -26.37 -4.77
C ILE C 162 -8.88 -24.92 -4.34
N THR C 163 -9.12 -24.72 -3.04
CA THR C 163 -9.54 -23.41 -2.54
C THR C 163 -8.44 -22.33 -2.65
N ARG C 164 -7.18 -22.77 -2.64
CA ARG C 164 -6.04 -21.84 -2.79
C ARG C 164 -6.00 -21.20 -4.17
N LYS C 165 -6.72 -21.81 -5.12
CA LYS C 165 -6.78 -21.32 -6.50
C LYS C 165 -8.16 -20.78 -6.86
N ALA C 166 -9.21 -21.53 -6.52
CA ALA C 166 -10.60 -21.08 -6.80
C ALA C 166 -10.97 -19.84 -6.01
N GLY C 167 -10.51 -19.77 -4.76
CA GLY C 167 -10.74 -18.62 -3.90
C GLY C 167 -10.37 -17.30 -4.55
N PRO C 168 -9.05 -17.09 -4.81
CA PRO C 168 -8.64 -15.82 -5.41
C PRO C 168 -9.19 -15.63 -6.84
N ALA C 169 -9.34 -16.71 -7.61
CA ALA C 169 -9.87 -16.58 -8.96
C ALA C 169 -11.27 -16.01 -8.97
N LEU C 170 -12.15 -16.61 -8.17
CA LEU C 170 -13.54 -16.17 -8.14
C LEU C 170 -13.69 -14.80 -7.49
N ALA C 171 -12.87 -14.52 -6.48
CA ALA C 171 -12.89 -13.22 -5.79
C ALA C 171 -12.38 -12.12 -6.68
N ALA C 172 -11.47 -12.45 -7.59
CA ALA C 172 -10.96 -11.49 -8.56
C ALA C 172 -12.03 -11.13 -9.61
N GLY C 173 -13.04 -11.99 -9.74
CA GLY C 173 -14.07 -11.85 -10.78
C GLY C 173 -13.85 -12.79 -11.97
N CYS C 174 -12.90 -13.71 -11.83
CA CYS C 174 -12.62 -14.71 -12.87
C CYS C 174 -13.56 -15.89 -12.75
N THR C 175 -13.59 -16.69 -13.83
CA THR C 175 -14.21 -17.99 -13.81
C THR C 175 -13.12 -19.05 -13.96
N MET C 176 -13.47 -20.31 -13.67
CA MET C 176 -12.47 -21.34 -13.51
C MET C 176 -12.91 -22.71 -14.01
N VAL C 177 -11.98 -23.39 -14.67
CA VAL C 177 -12.09 -24.82 -14.98
C VAL C 177 -10.95 -25.50 -14.23
N LEU C 178 -11.32 -26.42 -13.35
CA LEU C 178 -10.37 -27.09 -12.48
C LEU C 178 -10.28 -28.57 -12.81
N LYS C 179 -9.04 -29.07 -12.93
CA LYS C 179 -8.79 -30.49 -13.06
C LYS C 179 -8.10 -31.05 -11.80
N PRO C 180 -8.84 -31.81 -10.97
CA PRO C 180 -8.28 -32.38 -9.76
C PRO C 180 -7.48 -33.67 -10.03
N ALA C 181 -6.67 -34.07 -9.06
CA ALA C 181 -5.90 -35.30 -9.16
C ALA C 181 -6.86 -36.49 -9.29
N SER C 182 -6.55 -37.38 -10.25
CA SER C 182 -7.32 -38.60 -10.50
C SER C 182 -7.37 -39.52 -9.28
N GLN C 183 -6.37 -39.47 -8.42
CA GLN C 183 -6.31 -40.30 -7.22
C GLN C 183 -7.17 -39.78 -6.05
N THR C 184 -7.48 -38.48 -6.06
CA THR C 184 -8.28 -37.87 -5.01
C THR C 184 -9.32 -36.86 -5.53
N PRO C 185 -10.24 -37.30 -6.41
CA PRO C 185 -11.13 -36.33 -7.06
C PRO C 185 -12.39 -36.03 -6.26
N PHE C 186 -12.76 -36.89 -5.32
CA PHE C 186 -13.99 -36.76 -4.57
C PHE C 186 -14.01 -35.50 -3.71
N SER C 187 -12.86 -35.18 -3.11
CA SER C 187 -12.80 -33.98 -2.31
C SER C 187 -13.14 -32.74 -3.15
N ALA C 188 -12.63 -32.71 -4.39
CA ALA C 188 -12.84 -31.59 -5.33
C ALA C 188 -14.31 -31.47 -5.73
N LEU C 189 -14.93 -32.63 -6.03
CA LEU C 189 -16.30 -32.68 -6.46
C LEU C 189 -17.30 -32.35 -5.34
N ALA C 190 -16.96 -32.74 -4.11
CA ALA C 190 -17.75 -32.34 -2.95
C ALA C 190 -17.76 -30.82 -2.78
N LEU C 191 -16.59 -30.21 -2.94
CA LEU C 191 -16.46 -28.77 -2.91
C LEU C 191 -17.30 -28.13 -4.00
N ALA C 192 -17.26 -28.72 -5.20
CA ALA C 192 -18.09 -28.30 -6.33
C ALA C 192 -19.57 -28.31 -5.97
N GLU C 193 -20.01 -29.38 -5.31
CA GLU C 193 -21.38 -29.54 -4.85
C GLU C 193 -21.77 -28.40 -3.92
N LEU C 194 -20.88 -28.08 -2.98
CA LEU C 194 -21.11 -27.01 -2.03
C LEU C 194 -21.13 -25.65 -2.71
N ALA C 195 -20.32 -25.50 -3.75
CA ALA C 195 -20.35 -24.27 -4.55
C ALA C 195 -21.74 -24.03 -5.18
N ILE C 196 -22.35 -25.09 -5.73
CA ILE C 196 -23.73 -25.01 -6.22
C ILE C 196 -24.67 -24.52 -5.13
N ARG C 197 -24.60 -25.15 -3.95
CA ARG C 197 -25.46 -24.85 -2.83
C ARG C 197 -25.22 -23.43 -2.33
N ALA C 198 -24.00 -22.94 -2.49
CA ALA C 198 -23.63 -21.61 -2.04
C ALA C 198 -24.19 -20.50 -2.93
N GLY C 199 -24.58 -20.85 -4.15
CA GLY C 199 -25.06 -19.86 -5.11
C GLY C 199 -24.05 -19.48 -6.20
N VAL C 200 -22.98 -20.26 -6.34
CA VAL C 200 -22.03 -20.04 -7.43
C VAL C 200 -22.78 -20.38 -8.72
N PRO C 201 -22.91 -19.40 -9.63
CA PRO C 201 -23.68 -19.60 -10.87
C PRO C 201 -23.05 -20.66 -11.78
N ALA C 202 -23.88 -21.27 -12.62
CA ALA C 202 -23.44 -22.27 -13.61
C ALA C 202 -22.31 -21.73 -14.50
N GLY C 203 -21.22 -22.50 -14.61
CA GLY C 203 -20.11 -22.13 -15.47
C GLY C 203 -19.02 -21.28 -14.82
N VAL C 204 -19.31 -20.75 -13.63
CA VAL C 204 -18.30 -19.97 -12.91
C VAL C 204 -17.18 -20.86 -12.35
N PHE C 205 -17.56 -22.04 -11.85
CA PHE C 205 -16.60 -22.99 -11.28
C PHE C 205 -16.94 -24.39 -11.82
N ASN C 206 -16.03 -24.94 -12.62
CA ASN C 206 -16.25 -26.22 -13.25
C ASN C 206 -15.14 -27.16 -12.84
N VAL C 207 -15.52 -28.42 -12.61
CA VAL C 207 -14.57 -29.45 -12.23
C VAL C 207 -14.63 -30.58 -13.26
N VAL C 208 -13.52 -30.73 -13.99
CA VAL C 208 -13.39 -31.74 -15.03
C VAL C 208 -12.41 -32.79 -14.57
N THR C 209 -12.87 -34.03 -14.51
CA THR C 209 -12.01 -35.16 -14.14
C THR C 209 -11.61 -35.90 -15.40
N GLY C 210 -10.41 -36.48 -15.40
CA GLY C 210 -9.89 -37.15 -16.58
C GLY C 210 -8.39 -37.36 -16.43
N SER C 211 -7.75 -37.93 -17.44
CA SER C 211 -6.33 -38.30 -17.31
C SER C 211 -5.40 -37.17 -17.73
N ALA C 212 -4.54 -36.79 -16.78
CA ALA C 212 -3.55 -35.69 -16.91
C ALA C 212 -3.53 -34.95 -18.26
N GLY C 213 -2.73 -35.45 -19.20
CA GLY C 213 -2.47 -34.77 -20.48
C GLY C 213 -3.62 -34.49 -21.46
N ALA C 214 -4.69 -35.28 -21.41
CA ALA C 214 -5.82 -35.05 -22.32
C ALA C 214 -6.57 -33.78 -21.93
N VAL C 215 -6.92 -33.68 -20.64
CA VAL C 215 -7.55 -32.48 -20.09
C VAL C 215 -6.55 -31.30 -20.09
N GLY C 216 -5.34 -31.55 -19.58
CA GLY C 216 -4.28 -30.55 -19.55
C GLY C 216 -3.91 -29.92 -20.88
N ASN C 217 -3.77 -30.74 -21.93
CA ASN C 217 -3.44 -30.21 -23.26
C ASN C 217 -4.47 -29.21 -23.77
N GLU C 218 -5.75 -29.46 -23.47
CA GLU C 218 -6.81 -28.56 -23.86
C GLU C 218 -6.78 -27.25 -23.05
N LEU C 219 -6.59 -27.37 -21.73
CA LEU C 219 -6.38 -26.20 -20.86
C LEU C 219 -5.22 -25.29 -21.30
N THR C 220 -4.10 -25.88 -21.72
CA THR C 220 -2.92 -25.07 -22.07
C THR C 220 -2.95 -24.54 -23.50
N SER C 221 -3.70 -25.19 -24.39
CA SER C 221 -3.71 -24.79 -25.81
C SER C 221 -4.92 -23.91 -26.22
N ASN C 222 -5.97 -23.87 -25.39
CA ASN C 222 -7.15 -23.06 -25.66
C ASN C 222 -6.91 -21.60 -25.29
N PRO C 223 -6.94 -20.69 -26.29
CA PRO C 223 -6.61 -19.29 -26.06
C PRO C 223 -7.64 -18.54 -25.18
N LEU C 224 -8.82 -19.13 -24.97
CA LEU C 224 -9.78 -18.55 -24.04
C LEU C 224 -9.28 -18.60 -22.61
N VAL C 225 -8.42 -19.58 -22.29
CA VAL C 225 -7.81 -19.70 -20.98
C VAL C 225 -6.62 -18.72 -20.92
N ARG C 226 -6.71 -17.75 -20.01
CA ARG C 226 -5.72 -16.69 -19.98
C ARG C 226 -4.72 -16.85 -18.83
N LYS C 227 -5.03 -17.79 -17.95
CA LYS C 227 -4.26 -17.95 -16.74
C LYS C 227 -4.30 -19.42 -16.31
N LEU C 228 -3.14 -19.98 -16.01
CA LEU C 228 -3.05 -21.35 -15.49
C LEU C 228 -2.31 -21.36 -14.15
N SER C 229 -2.89 -22.07 -13.20
CA SER C 229 -2.26 -22.35 -11.92
C SER C 229 -2.11 -23.84 -11.73
N PHE C 230 -0.89 -24.26 -11.39
CA PHE C 230 -0.58 -25.68 -11.21
C PHE C 230 0.23 -25.92 -9.94
N THR C 231 -0.14 -26.96 -9.20
CA THR C 231 0.69 -27.48 -8.11
C THR C 231 1.01 -28.94 -8.38
N GLY C 232 2.28 -29.29 -8.33
CA GLY C 232 2.72 -30.66 -8.57
C GLY C 232 4.22 -30.76 -8.77
N SER C 233 4.64 -31.74 -9.57
CA SER C 233 6.04 -32.00 -9.81
C SER C 233 6.68 -30.95 -10.71
N THR C 234 7.98 -30.73 -10.49
CA THR C 234 8.76 -29.76 -11.26
C THR C 234 8.72 -30.06 -12.77
N GLU C 235 8.86 -31.33 -13.12
CA GLU C 235 8.91 -31.72 -14.52
C GLU C 235 7.62 -31.39 -15.27
N ILE C 236 6.46 -31.61 -14.64
CA ILE C 236 5.17 -31.29 -15.25
C ILE C 236 4.97 -29.76 -15.28
N GLY C 237 5.41 -29.09 -14.22
CA GLY C 237 5.51 -27.62 -14.20
C GLY C 237 6.22 -27.06 -15.41
N ARG C 238 7.43 -27.58 -15.71
CA ARG C 238 8.20 -27.21 -16.92
C ARG C 238 7.38 -27.39 -18.20
N GLN C 239 6.74 -28.55 -18.33
CA GLN C 239 5.98 -28.88 -19.53
C GLN C 239 4.75 -27.97 -19.67
N LEU C 240 4.03 -27.73 -18.58
CA LEU C 240 2.88 -26.85 -18.63
C LEU C 240 3.26 -25.41 -18.98
N MET C 241 4.37 -24.93 -18.40
CA MET C 241 4.87 -23.60 -18.72
C MET C 241 5.23 -23.48 -20.21
N GLU C 242 5.87 -24.51 -20.76
CA GLU C 242 6.22 -24.56 -22.18
C GLU C 242 4.96 -24.44 -23.03
N GLN C 243 3.95 -25.24 -22.69
CA GLN C 243 2.69 -25.26 -23.41
C GLN C 243 1.95 -23.92 -23.36
N CYS C 244 2.04 -23.22 -22.23
CA CYS C 244 1.41 -21.91 -22.06
C CYS C 244 2.07 -20.78 -22.84
N ALA C 245 3.28 -21.03 -23.37
CA ALA C 245 4.02 -20.01 -24.12
C ALA C 245 3.31 -19.56 -25.39
N LYS C 246 2.61 -20.49 -26.05
CA LYS C 246 1.87 -20.21 -27.29
C LYS C 246 0.94 -18.99 -27.17
N ASP C 247 0.17 -18.95 -26.08
CA ASP C 247 -0.79 -17.87 -25.83
C ASP C 247 -0.24 -16.79 -24.90
N ILE C 248 1.01 -16.94 -24.47
CA ILE C 248 1.61 -16.05 -23.47
C ILE C 248 0.72 -15.99 -22.25
N LYS C 249 0.25 -17.14 -21.78
CA LYS C 249 -0.60 -17.19 -20.58
C LYS C 249 0.16 -16.73 -19.36
N LYS C 250 -0.55 -16.11 -18.42
CA LYS C 250 -0.01 -15.89 -17.07
C LYS C 250 -0.01 -17.24 -16.34
N VAL C 251 1.14 -17.61 -15.76
CA VAL C 251 1.29 -18.94 -15.17
C VAL C 251 1.72 -18.86 -13.69
N SER C 252 0.97 -19.52 -12.82
CA SER C 252 1.38 -19.73 -11.42
C SER C 252 1.79 -21.17 -11.24
N LEU C 253 2.90 -21.38 -10.54
CA LEU C 253 3.41 -22.73 -10.30
C LEU C 253 3.90 -22.90 -8.88
N GLU C 254 3.49 -23.98 -8.23
CA GLU C 254 4.07 -24.38 -6.96
CA GLU C 254 4.03 -24.37 -6.94
C GLU C 254 4.59 -25.78 -7.17
N LEU C 255 5.90 -25.91 -7.14
CA LEU C 255 6.55 -27.13 -7.58
C LEU C 255 7.31 -27.91 -6.50
N GLY C 256 8.30 -28.68 -6.94
CA GLY C 256 9.17 -29.38 -6.01
C GLY C 256 9.79 -28.53 -4.91
N GLY C 257 10.06 -29.19 -3.79
CA GLY C 257 10.86 -28.61 -2.72
C GLY C 257 11.80 -29.65 -2.16
N ASN C 258 12.83 -29.18 -1.48
CA ASN C 258 13.77 -30.04 -0.79
C ASN C 258 14.18 -29.24 0.43
N ALA C 259 13.32 -29.27 1.44
CA ALA C 259 13.38 -28.30 2.54
C ALA C 259 14.48 -28.62 3.55
N PRO C 260 15.44 -27.70 3.71
CA PRO C 260 16.40 -27.92 4.80
C PRO C 260 15.76 -27.55 6.14
N PHE C 261 16.11 -28.29 7.18
CA PHE C 261 15.63 -28.03 8.54
C PHE C 261 16.86 -27.96 9.42
N ILE C 262 17.20 -26.76 9.88
CA ILE C 262 18.49 -26.47 10.51
C ILE C 262 18.37 -26.17 12.01
N VAL C 263 19.14 -26.91 12.80
CA VAL C 263 19.16 -26.78 14.25
C VAL C 263 20.54 -26.33 14.69
N PHE C 264 20.62 -25.11 15.22
CA PHE C 264 21.86 -24.55 15.72
C PHE C 264 22.13 -24.93 17.18
N ASP C 265 23.39 -24.80 17.63
CA ASP C 265 23.82 -24.99 19.01
C ASP C 265 22.92 -24.34 20.05
N ASP C 266 22.42 -23.15 19.73
CA ASP C 266 21.70 -22.33 20.69
C ASP C 266 20.18 -22.50 20.57
N ALA C 267 19.75 -23.53 19.84
CA ALA C 267 18.33 -23.81 19.70
C ALA C 267 17.74 -24.39 21.00
N ASP C 268 16.44 -24.18 21.21
CA ASP C 268 15.68 -24.94 22.18
C ASP C 268 15.46 -26.33 21.55
N LEU C 269 16.20 -27.32 22.03
CA LEU C 269 16.19 -28.67 21.41
C LEU C 269 14.84 -29.38 21.45
N ASP C 270 14.13 -29.31 22.56
CA ASP C 270 12.83 -29.95 22.65
C ASP C 270 11.87 -29.34 21.63
N LYS C 271 11.97 -28.03 21.44
CA LYS C 271 11.13 -27.34 20.46
C LYS C 271 11.54 -27.65 19.03
N ALA C 272 12.84 -27.75 18.78
CA ALA C 272 13.36 -28.20 17.49
C ALA C 272 12.85 -29.61 17.14
N VAL C 273 12.88 -30.53 18.10
CA VAL C 273 12.40 -31.91 17.88
C VAL C 273 10.90 -31.95 17.58
N GLU C 274 10.12 -31.21 18.36
CA GLU C 274 8.68 -31.06 18.12
C GLU C 274 8.40 -30.49 16.72
N GLY C 275 9.15 -29.45 16.35
CA GLY C 275 9.02 -28.82 15.04
C GLY C 275 9.37 -29.79 13.92
N ALA C 276 10.44 -30.56 14.11
CA ALA C 276 10.93 -31.52 13.13
C ALA C 276 9.92 -32.65 12.91
N LEU C 277 9.36 -33.15 14.00
CA LEU C 277 8.35 -34.17 13.96
C LEU C 277 7.13 -33.70 13.18
N ALA C 278 6.60 -32.52 13.52
CA ALA C 278 5.47 -31.93 12.84
C ALA C 278 5.74 -31.64 11.37
N SER C 279 6.93 -31.16 11.05
CA SER C 279 7.25 -30.72 9.69
C SER C 279 7.51 -31.91 8.77
N LYS C 280 8.23 -32.90 9.28
CA LYS C 280 8.64 -34.04 8.47
C LYS C 280 7.51 -35.06 8.27
N PHE C 281 6.77 -35.35 9.34
CA PHE C 281 5.82 -36.46 9.31
C PHE C 281 4.34 -36.12 9.10
N ARG C 282 4.05 -34.84 8.90
CA ARG C 282 2.72 -34.39 8.49
C ARG C 282 2.40 -35.00 7.12
N ASN C 283 1.20 -35.52 6.97
CA ASN C 283 0.79 -36.16 5.72
C ASN C 283 1.81 -37.24 5.29
N ALA C 284 2.36 -37.94 6.28
CA ALA C 284 3.39 -38.98 6.09
C ALA C 284 4.60 -38.51 5.26
N GLY C 285 4.89 -37.23 5.37
CA GLY C 285 5.97 -36.66 4.62
C GLY C 285 5.63 -36.34 3.20
N GLN C 286 4.37 -36.36 2.86
CA GLN C 286 3.99 -36.13 1.49
C GLN C 286 3.51 -34.71 1.27
N THR C 287 4.44 -33.78 1.48
CA THR C 287 4.13 -32.37 1.51
C THR C 287 5.23 -31.59 0.83
N CYS C 288 4.87 -30.57 0.08
CA CYS C 288 5.86 -29.80 -0.67
C CYS C 288 6.80 -28.97 0.24
N VAL C 289 6.39 -28.75 1.48
CA VAL C 289 7.16 -27.96 2.44
C VAL C 289 7.73 -28.79 3.61
N CYS C 290 7.55 -30.11 3.53
CA CYS C 290 8.09 -31.04 4.54
C CYS C 290 9.60 -30.92 4.66
N ALA C 291 10.10 -30.98 5.89
CA ALA C 291 11.55 -31.08 6.12
C ALA C 291 12.08 -32.30 5.36
N ASN C 292 13.07 -32.09 4.51
CA ASN C 292 13.60 -33.16 3.68
C ASN C 292 15.05 -33.45 4.05
N ARG C 293 15.71 -32.47 4.66
CA ARG C 293 17.11 -32.57 5.06
C ARG C 293 17.26 -31.93 6.44
N LEU C 294 17.71 -32.70 7.41
CA LEU C 294 17.85 -32.21 8.79
C LEU C 294 19.32 -31.92 9.15
N TYR C 295 19.66 -30.63 9.18
CA TYR C 295 21.00 -30.17 9.53
C TYR C 295 21.06 -29.79 10.99
N VAL C 296 21.92 -30.47 11.75
CA VAL C 296 22.05 -30.24 13.18
C VAL C 296 23.50 -29.96 13.54
N GLN C 297 23.73 -28.85 14.25
CA GLN C 297 25.09 -28.42 14.58
C GLN C 297 25.84 -29.42 15.47
N ASP C 298 27.14 -29.52 15.25
CA ASP C 298 28.04 -30.44 15.98
C ASP C 298 27.77 -30.54 17.47
N GLY C 299 27.65 -29.41 18.14
CA GLY C 299 27.47 -29.39 19.59
C GLY C 299 26.23 -30.08 20.11
N VAL C 300 25.18 -30.17 19.28
CA VAL C 300 23.88 -30.71 19.72
C VAL C 300 23.39 -31.90 18.88
N TYR C 301 24.21 -32.35 17.95
CA TYR C 301 23.87 -33.46 17.07
C TYR C 301 23.38 -34.71 17.84
N ASP C 302 24.21 -35.19 18.75
CA ASP C 302 23.94 -36.43 19.45
C ASP C 302 22.65 -36.35 20.27
N ARG C 303 22.52 -35.26 21.05
CA ARG C 303 21.32 -35.01 21.86
C ARG C 303 20.05 -34.89 21.02
N PHE C 304 20.12 -34.16 19.91
CA PHE C 304 18.98 -34.00 19.02
C PHE C 304 18.53 -35.35 18.45
N ALA C 305 19.50 -36.14 17.98
CA ALA C 305 19.22 -37.45 17.37
C ALA C 305 18.54 -38.39 18.37
N GLU C 306 19.02 -38.37 19.61
CA GLU C 306 18.43 -39.17 20.68
C GLU C 306 16.99 -38.76 20.97
N LYS C 307 16.76 -37.45 21.07
CA LYS C 307 15.44 -36.88 21.35
C LYS C 307 14.49 -37.14 20.20
N LEU C 308 14.95 -36.93 18.96
CA LEU C 308 14.11 -37.21 17.80
C LEU C 308 13.66 -38.66 17.79
N GLN C 309 14.59 -39.56 18.09
CA GLN C 309 14.29 -40.98 18.11
C GLN C 309 13.27 -41.35 19.19
N GLN C 310 13.37 -40.71 20.35
CA GLN C 310 12.35 -40.87 21.40
C GLN C 310 10.98 -40.41 20.95
N ALA C 311 10.93 -39.24 20.32
CA ALA C 311 9.69 -38.66 19.85
C ALA C 311 9.02 -39.47 18.72
N MET C 312 9.83 -40.07 17.86
CA MET C 312 9.32 -40.87 16.75
C MET C 312 8.65 -42.15 17.18
N SER C 313 8.97 -42.62 18.38
CA SER C 313 8.40 -43.86 18.89
C SER C 313 6.88 -43.71 19.12
N LYS C 314 6.44 -42.49 19.40
CA LYS C 314 5.04 -42.23 19.73
C LYS C 314 4.23 -41.78 18.50
N LEU C 315 4.70 -42.19 17.31
CA LEU C 315 3.93 -42.12 16.07
C LEU C 315 3.30 -43.47 15.86
N HIS C 316 2.02 -43.46 15.49
CA HIS C 316 1.28 -44.69 15.28
C HIS C 316 0.77 -44.82 13.86
N ILE C 317 1.19 -45.90 13.21
CA ILE C 317 0.87 -46.19 11.81
C ILE C 317 -0.44 -46.98 11.71
N GLY C 318 -1.27 -46.64 10.72
CA GLY C 318 -2.51 -47.40 10.48
C GLY C 318 -3.51 -46.73 9.57
N ASP C 319 -4.72 -47.28 9.56
CA ASP C 319 -5.85 -46.74 8.84
C ASP C 319 -6.22 -45.38 9.43
N GLY C 320 -6.26 -44.35 8.58
CA GLY C 320 -6.50 -42.99 9.02
C GLY C 320 -7.82 -42.76 9.73
N LEU C 321 -8.73 -43.74 9.65
CA LEU C 321 -10.02 -43.65 10.33
C LEU C 321 -9.95 -44.16 11.77
N ASP C 322 -8.84 -44.79 12.14
CA ASP C 322 -8.73 -45.43 13.44
C ASP C 322 -8.20 -44.49 14.50
N ASN C 323 -8.63 -44.71 15.74
CA ASN C 323 -8.23 -43.87 16.87
C ASN C 323 -6.74 -43.84 17.10
N GLY C 324 -6.17 -42.64 17.18
CA GLY C 324 -4.78 -42.46 17.59
C GLY C 324 -3.74 -42.63 16.50
N VAL C 325 -4.19 -42.95 15.29
CA VAL C 325 -3.29 -43.10 14.14
C VAL C 325 -2.75 -41.72 13.75
N THR C 326 -1.43 -41.63 13.60
CA THR C 326 -0.81 -40.35 13.25
C THR C 326 0.02 -40.45 11.97
N ILE C 327 0.20 -41.66 11.46
CA ILE C 327 0.79 -41.87 10.14
C ILE C 327 -0.11 -42.82 9.34
N GLY C 328 -0.69 -42.31 8.26
CA GLY C 328 -1.45 -43.14 7.31
C GLY C 328 -0.55 -43.80 6.27
N PRO C 329 -1.17 -44.42 5.25
CA PRO C 329 -0.39 -44.99 4.13
C PRO C 329 0.05 -43.90 3.16
N LEU C 330 1.01 -44.22 2.32
CA LEU C 330 1.39 -43.34 1.25
C LEU C 330 0.31 -43.48 0.17
N ILE C 331 0.31 -42.58 -0.81
CA ILE C 331 -0.76 -42.57 -1.79
C ILE C 331 -0.85 -43.86 -2.65
N ASP C 332 0.29 -44.47 -2.95
CA ASP C 332 0.33 -45.67 -3.80
C ASP C 332 1.67 -46.41 -3.74
N GLU C 333 1.70 -47.56 -4.43
CA GLU C 333 2.91 -48.40 -4.53
C GLU C 333 4.12 -47.60 -5.05
N LYS C 334 3.91 -46.72 -6.03
CA LYS C 334 5.02 -45.92 -6.59
C LYS C 334 5.70 -45.01 -5.57
N ALA C 335 4.93 -44.48 -4.62
CA ALA C 335 5.44 -43.65 -3.53
C ALA C 335 6.30 -44.49 -2.59
N VAL C 336 5.82 -45.69 -2.25
CA VAL C 336 6.58 -46.62 -1.43
C VAL C 336 7.90 -46.94 -2.14
N ALA C 337 7.81 -47.19 -3.45
CA ALA C 337 8.99 -47.50 -4.25
C ALA C 337 10.04 -46.39 -4.25
N LYS C 338 9.62 -45.13 -4.23
CA LYS C 338 10.59 -44.02 -4.24
C LYS C 338 11.33 -43.94 -2.90
N VAL C 339 10.60 -44.17 -1.81
CA VAL C 339 11.18 -44.19 -0.47
C VAL C 339 12.19 -45.35 -0.32
N GLU C 340 11.88 -46.49 -0.92
CA GLU C 340 12.77 -47.63 -0.86
C GLU C 340 14.04 -47.36 -1.65
N GLU C 341 13.86 -46.75 -2.82
CA GLU C 341 14.99 -46.31 -3.66
C GLU C 341 15.88 -45.27 -2.96
N HIS C 342 15.29 -44.33 -2.23
CA HIS C 342 16.10 -43.35 -1.52
C HIS C 342 16.95 -44.01 -0.43
N ILE C 343 16.36 -44.97 0.26
CA ILE C 343 17.05 -45.66 1.35
C ILE C 343 18.16 -46.55 0.77
N ALA C 344 17.81 -47.38 -0.22
CA ALA C 344 18.79 -48.23 -0.89
C ALA C 344 19.99 -47.41 -1.40
N ASP C 345 19.70 -46.31 -2.11
CA ASP C 345 20.74 -45.40 -2.63
C ASP C 345 21.62 -44.85 -1.52
N ALA C 346 21.00 -44.47 -0.40
CA ALA C 346 21.76 -43.96 0.74
C ALA C 346 22.71 -45.03 1.29
N LEU C 347 22.18 -46.22 1.52
CA LEU C 347 22.94 -47.33 2.10
C LEU C 347 24.16 -47.74 1.26
N GLU C 348 23.96 -47.85 -0.06
CA GLU C 348 25.08 -48.18 -0.95
C GLU C 348 26.16 -47.10 -1.01
N LYS C 349 25.84 -45.88 -0.56
CA LYS C 349 26.80 -44.78 -0.46
C LYS C 349 27.29 -44.56 0.98
N GLY C 350 27.06 -45.55 1.84
CA GLY C 350 27.62 -45.57 3.20
C GLY C 350 26.71 -45.14 4.33
N ALA C 351 25.44 -44.88 4.04
CA ALA C 351 24.48 -44.42 5.07
C ALA C 351 24.06 -45.54 6.02
N ARG C 352 23.54 -45.16 7.17
CA ARG C 352 23.16 -46.11 8.21
C ARG C 352 21.73 -45.79 8.68
N VAL C 353 20.90 -46.83 8.81
CA VAL C 353 19.51 -46.66 9.30
C VAL C 353 19.51 -46.67 10.81
N VAL C 354 19.02 -45.58 11.41
CA VAL C 354 18.90 -45.52 12.87
C VAL C 354 17.67 -46.30 13.35
N CYS C 355 16.49 -45.99 12.80
CA CYS C 355 15.29 -46.83 13.00
C CYS C 355 14.32 -46.82 11.80
N GLY C 356 13.38 -47.76 11.77
CA GLY C 356 12.48 -47.93 10.63
C GLY C 356 13.26 -48.50 9.45
N GLY C 357 12.93 -48.05 8.24
CA GLY C 357 13.74 -48.33 7.05
C GLY C 357 13.25 -49.44 6.14
N LYS C 358 12.13 -50.06 6.50
CA LYS C 358 11.55 -51.12 5.70
C LYS C 358 10.06 -50.84 5.51
N ALA C 359 9.44 -51.52 4.54
CA ALA C 359 8.01 -51.39 4.34
C ALA C 359 7.38 -51.80 5.67
N HIS C 360 6.26 -51.18 6.03
CA HIS C 360 5.56 -51.61 7.23
C HIS C 360 5.02 -53.04 7.06
N GLU C 361 4.86 -53.70 8.20
CA GLU C 361 4.33 -55.05 8.30
C GLU C 361 3.00 -55.26 7.55
N ARG C 362 2.17 -54.23 7.56
CA ARG C 362 0.89 -54.22 6.83
C ARG C 362 1.06 -54.38 5.32
N GLY C 363 2.18 -53.89 4.79
CA GLY C 363 2.43 -53.92 3.35
C GLY C 363 1.62 -52.85 2.64
N GLY C 364 1.28 -53.11 1.38
CA GLY C 364 0.58 -52.16 0.53
C GLY C 364 1.34 -50.84 0.44
N ASN C 365 0.71 -49.78 0.92
CA ASN C 365 1.25 -48.44 0.82
C ASN C 365 1.81 -47.92 2.16
N PHE C 366 1.87 -48.79 3.17
CA PHE C 366 2.35 -48.43 4.52
C PHE C 366 3.86 -48.58 4.65
N PHE C 367 4.49 -47.57 5.25
CA PHE C 367 5.94 -47.54 5.40
C PHE C 367 6.35 -47.12 6.80
N GLN C 368 7.40 -47.72 7.34
CA GLN C 368 7.93 -47.32 8.64
C GLN C 368 8.58 -45.92 8.59
N PRO C 369 8.22 -45.02 9.52
CA PRO C 369 9.00 -43.79 9.70
C PRO C 369 10.50 -44.07 9.94
N THR C 370 11.36 -43.36 9.22
CA THR C 370 12.77 -43.75 9.11
C THR C 370 13.76 -42.61 9.36
N ILE C 371 14.74 -42.85 10.24
CA ILE C 371 15.88 -41.94 10.41
C ILE C 371 17.16 -42.55 9.79
N LEU C 372 17.82 -41.78 8.92
CA LEU C 372 19.09 -42.15 8.31
C LEU C 372 20.20 -41.22 8.80
N VAL C 373 21.36 -41.78 9.11
CA VAL C 373 22.55 -40.97 9.42
C VAL C 373 23.69 -41.36 8.46
N ASP C 374 24.81 -40.64 8.54
CA ASP C 374 25.94 -40.78 7.58
C ASP C 374 25.49 -40.70 6.13
N VAL C 375 24.68 -39.70 5.81
CA VAL C 375 24.19 -39.50 4.46
C VAL C 375 25.11 -38.52 3.71
N PRO C 376 25.76 -39.01 2.64
CA PRO C 376 26.55 -38.12 1.79
C PRO C 376 25.69 -37.14 1.01
N ALA C 377 26.23 -35.95 0.75
CA ALA C 377 25.53 -34.88 0.01
C ALA C 377 25.21 -35.25 -1.44
N ASN C 378 25.81 -36.34 -1.93
CA ASN C 378 25.50 -36.83 -3.27
C ASN C 378 24.40 -37.90 -3.28
N ALA C 379 23.86 -38.21 -2.10
CA ALA C 379 22.76 -39.17 -1.97
C ALA C 379 21.49 -38.62 -2.59
N LYS C 380 20.71 -39.49 -3.23
CA LYS C 380 19.43 -39.09 -3.82
C LYS C 380 18.56 -38.32 -2.82
N VAL C 381 18.58 -38.73 -1.54
CA VAL C 381 17.67 -38.14 -0.57
C VAL C 381 18.07 -36.70 -0.19
N SER C 382 19.33 -36.36 -0.40
CA SER C 382 19.78 -35.00 -0.13
C SER C 382 19.57 -34.07 -1.33
N LYS C 383 19.22 -34.63 -2.49
CA LYS C 383 19.08 -33.85 -3.73
C LYS C 383 17.65 -33.84 -4.29
N GLU C 384 16.89 -34.87 -3.97
CA GLU C 384 15.58 -35.05 -4.60
C GLU C 384 14.46 -34.92 -3.58
N GLU C 385 13.26 -34.60 -4.06
CA GLU C 385 12.07 -34.59 -3.20
C GLU C 385 11.70 -36.04 -2.82
N THR C 386 11.66 -36.33 -1.52
CA THR C 386 11.34 -37.70 -1.08
C THR C 386 9.85 -38.01 -1.04
N PHE C 387 9.06 -37.10 -0.45
CA PHE C 387 7.61 -37.33 -0.32
C PHE C 387 7.29 -38.67 0.40
N GLY C 388 7.97 -38.89 1.54
CA GLY C 388 7.78 -40.08 2.38
C GLY C 388 8.38 -39.87 3.76
N PRO C 389 8.11 -40.80 4.70
CA PRO C 389 8.44 -40.56 6.12
C PRO C 389 9.93 -40.83 6.44
N LEU C 390 10.81 -40.13 5.73
CA LEU C 390 12.25 -40.39 5.74
C LEU C 390 13.05 -39.16 6.17
N ALA C 391 13.67 -39.27 7.33
CA ALA C 391 14.44 -38.16 7.92
C ALA C 391 15.96 -38.43 7.91
N PRO C 392 16.65 -37.91 6.88
CA PRO C 392 18.10 -38.00 6.92
C PRO C 392 18.70 -36.90 7.81
N LEU C 393 19.68 -37.27 8.63
CA LEU C 393 20.38 -36.35 9.53
C LEU C 393 21.74 -35.95 9.02
N PHE C 394 22.00 -34.64 9.00
CA PHE C 394 23.26 -34.10 8.52
C PHE C 394 23.99 -33.32 9.62
N ARG C 395 25.25 -33.62 9.83
CA ARG C 395 26.05 -32.88 10.81
C ARG C 395 26.58 -31.59 10.17
N PHE C 396 26.72 -30.53 10.92
CA PHE C 396 27.35 -29.32 10.38
C PHE C 396 28.17 -28.63 11.41
N LYS C 397 29.02 -27.73 10.96
CA LYS C 397 29.97 -27.08 11.81
C LYS C 397 29.67 -25.64 12.15
N ASP C 398 29.56 -24.81 11.15
CA ASP C 398 29.26 -23.43 11.36
C ASP C 398 28.28 -22.87 10.36
N GLU C 399 27.70 -21.76 10.75
CA GLU C 399 26.67 -21.06 10.03
C GLU C 399 26.91 -20.91 8.52
N ALA C 400 28.02 -20.32 8.13
CA ALA C 400 28.29 -20.14 6.70
C ALA C 400 28.27 -21.45 5.90
N ASP C 401 28.79 -22.52 6.49
CA ASP C 401 28.77 -23.86 5.88
C ASP C 401 27.35 -24.38 5.64
N VAL C 402 26.50 -24.33 6.66
CA VAL C 402 25.13 -24.82 6.53
C VAL C 402 24.25 -23.99 5.58
N ILE C 403 24.45 -22.68 5.54
CA ILE C 403 23.76 -21.82 4.56
C ILE C 403 24.13 -22.21 3.12
N ALA C 404 25.43 -22.39 2.88
CA ALA C 404 25.87 -22.84 1.57
C ALA C 404 25.27 -24.20 1.21
N GLN C 405 25.22 -25.13 2.17
CA GLN C 405 24.62 -26.45 1.94
C GLN C 405 23.12 -26.40 1.70
N ALA C 406 22.40 -25.58 2.47
CA ALA C 406 20.96 -25.41 2.34
C ALA C 406 20.61 -24.82 0.98
N ASN C 407 21.40 -23.86 0.52
CA ASN C 407 21.12 -23.16 -0.73
C ASN C 407 21.63 -23.88 -1.98
N ASP C 408 22.38 -24.98 -1.79
CA ASP C 408 23.02 -25.68 -2.90
C ASP C 408 22.06 -26.63 -3.64
N THR C 409 21.06 -26.04 -4.27
CA THR C 409 19.96 -26.80 -4.86
C THR C 409 19.20 -25.89 -5.83
N GLU C 410 18.58 -26.49 -6.82
CA GLU C 410 17.76 -25.79 -7.77
C GLU C 410 16.45 -25.34 -7.16
N PHE C 411 16.03 -26.00 -6.10
CA PHE C 411 14.81 -25.69 -5.42
C PHE C 411 14.97 -24.50 -4.50
N GLY C 412 13.84 -23.92 -4.14
CA GLY C 412 13.81 -22.86 -3.19
C GLY C 412 12.44 -22.61 -2.62
N LEU C 413 11.80 -23.61 -2.09
CA LEU C 413 10.47 -23.46 -1.53
C LEU C 413 10.38 -23.07 -0.03
N ALA C 414 10.35 -24.07 0.85
CA ALA C 414 10.39 -23.84 2.29
C ALA C 414 11.72 -24.27 2.94
N ALA C 415 12.14 -23.50 3.93
CA ALA C 415 13.26 -23.85 4.78
C ALA C 415 12.87 -23.54 6.23
N TYR C 416 13.53 -24.19 7.18
CA TYR C 416 13.26 -23.96 8.60
C TYR C 416 14.57 -23.90 9.36
N PHE C 417 14.61 -23.12 10.42
CA PHE C 417 15.75 -23.16 11.33
C PHE C 417 15.41 -22.76 12.75
N TYR C 418 16.20 -23.27 13.69
CA TYR C 418 15.99 -23.06 15.10
C TYR C 418 17.24 -22.40 15.70
N ALA C 419 17.05 -21.21 16.24
CA ALA C 419 18.13 -20.43 16.84
C ALA C 419 17.51 -19.39 17.78
N ARG C 420 18.25 -18.95 18.79
CA ARG C 420 17.75 -17.91 19.71
C ARG C 420 18.44 -16.56 19.55
N ASP C 421 19.66 -16.56 19.03
CA ASP C 421 20.40 -15.32 18.86
C ASP C 421 19.81 -14.43 17.76
N LEU C 422 19.45 -13.19 18.14
CA LEU C 422 18.83 -12.24 17.21
C LEU C 422 19.59 -12.04 15.90
N SER C 423 20.89 -11.70 16.01
CA SER C 423 21.73 -11.49 14.85
C SER C 423 21.81 -12.71 13.95
N ARG C 424 21.97 -13.89 14.53
CA ARG C 424 21.96 -15.13 13.77
C ARG C 424 20.64 -15.29 13.01
N VAL C 425 19.53 -15.00 13.66
CA VAL C 425 18.21 -15.14 13.07
C VAL C 425 18.07 -14.28 11.81
N PHE C 426 18.49 -13.01 11.90
CA PHE C 426 18.53 -12.12 10.73
C PHE C 426 19.46 -12.63 9.63
N ARG C 427 20.70 -12.97 10.00
CA ARG C 427 21.70 -13.42 9.03
C ARG C 427 21.20 -14.62 8.25
N VAL C 428 20.75 -15.65 8.97
CA VAL C 428 20.28 -16.88 8.36
C VAL C 428 18.96 -16.68 7.59
N GLY C 429 17.99 -16.00 8.22
CA GLY C 429 16.70 -15.71 7.60
C GLY C 429 16.87 -15.00 6.26
N GLU C 430 17.77 -14.02 6.23
CA GLU C 430 18.04 -13.26 5.01
C GLU C 430 18.78 -14.07 3.95
N ALA C 431 19.73 -14.91 4.36
CA ALA C 431 20.59 -15.58 3.40
C ALA C 431 19.97 -16.83 2.76
N LEU C 432 18.97 -17.41 3.40
CA LEU C 432 18.33 -18.61 2.86
C LEU C 432 17.56 -18.29 1.57
N GLU C 433 17.86 -19.06 0.52
CA GLU C 433 17.26 -18.85 -0.80
C GLU C 433 15.97 -19.64 -0.93
N TYR C 434 14.97 -19.22 -0.16
CA TYR C 434 13.68 -19.90 -0.10
C TYR C 434 12.55 -18.88 -0.09
N GLY C 435 11.40 -19.26 -0.64
CA GLY C 435 10.22 -18.40 -0.57
C GLY C 435 9.56 -18.33 0.81
N ILE C 436 9.67 -19.41 1.59
CA ILE C 436 9.08 -19.55 2.91
C ILE C 436 10.15 -19.97 3.91
N VAL C 437 10.25 -19.24 5.02
CA VAL C 437 11.21 -19.60 6.07
C VAL C 437 10.55 -19.68 7.45
N GLY C 438 10.47 -20.87 8.01
CA GLY C 438 10.01 -21.04 9.40
C GLY C 438 11.14 -20.86 10.40
N ILE C 439 10.93 -19.98 11.38
CA ILE C 439 11.98 -19.70 12.38
C ILE C 439 11.48 -20.11 13.76
N ASN C 440 12.12 -21.12 14.36
CA ASN C 440 11.69 -21.71 15.64
C ASN C 440 10.28 -22.26 15.63
N THR C 441 9.82 -22.65 14.45
CA THR C 441 8.53 -23.32 14.28
C THR C 441 8.55 -24.20 13.04
N GLY C 442 7.88 -25.35 13.11
CA GLY C 442 7.81 -26.27 11.99
C GLY C 442 6.51 -26.14 11.21
N ILE C 443 5.59 -25.33 11.73
CA ILE C 443 4.28 -25.15 11.13
C ILE C 443 4.01 -23.68 10.78
N ILE C 444 4.05 -23.43 9.49
CA ILE C 444 4.03 -22.10 8.88
C ILE C 444 2.74 -21.79 8.12
N SER C 445 1.88 -22.81 7.95
CA SER C 445 0.63 -22.70 7.15
C SER C 445 -0.41 -21.73 7.66
N ASN C 446 -0.88 -20.86 6.76
CA ASN C 446 -2.07 -19.99 6.97
C ASN C 446 -2.51 -19.34 5.64
N GLU C 447 -3.66 -18.68 5.64
CA GLU C 447 -4.17 -18.07 4.41
C GLU C 447 -3.72 -16.61 4.20
N VAL C 448 -3.11 -16.02 5.24
CA VAL C 448 -2.89 -14.58 5.29
C VAL C 448 -1.50 -14.16 4.79
N ALA C 449 -0.58 -15.12 4.72
CA ALA C 449 0.80 -14.85 4.26
C ALA C 449 1.06 -15.45 2.87
N PRO C 450 1.94 -14.81 2.06
CA PRO C 450 2.27 -15.31 0.72
C PRO C 450 3.10 -16.61 0.73
N PHE C 451 2.54 -17.65 0.12
CA PHE C 451 3.12 -18.98 0.06
CA PHE C 451 3.17 -18.95 0.06
C PHE C 451 3.56 -19.27 -1.38
N GLY C 452 4.85 -19.53 -1.59
CA GLY C 452 5.35 -19.87 -2.92
C GLY C 452 6.85 -20.01 -2.94
N GLY C 453 7.37 -20.45 -4.09
CA GLY C 453 8.79 -20.75 -4.21
C GLY C 453 9.58 -19.79 -5.07
N ILE C 454 10.87 -19.79 -4.88
CA ILE C 454 11.77 -19.15 -5.79
C ILE C 454 12.56 -20.20 -6.58
N LYS C 455 13.34 -19.77 -7.53
CA LYS C 455 14.09 -20.66 -8.39
C LYS C 455 13.20 -21.69 -9.11
N ALA C 456 13.60 -22.95 -9.14
CA ALA C 456 12.86 -23.99 -9.79
C ALA C 456 11.61 -24.42 -9.04
N SER C 457 11.48 -23.92 -7.83
CA SER C 457 10.35 -24.15 -6.99
C SER C 457 8.99 -23.52 -7.35
N GLY C 458 8.93 -22.55 -8.23
CA GLY C 458 7.66 -21.99 -8.68
C GLY C 458 7.60 -20.56 -9.15
N LEU C 459 6.38 -20.10 -9.37
CA LEU C 459 6.09 -18.72 -9.78
C LEU C 459 4.79 -18.30 -9.11
N GLY C 460 4.77 -17.06 -8.62
CA GLY C 460 3.58 -16.52 -7.99
C GLY C 460 3.47 -16.92 -6.52
N ARG C 461 2.47 -16.37 -5.84
CA ARG C 461 2.22 -16.65 -4.43
C ARG C 461 0.74 -17.01 -4.23
N GLU C 462 0.48 -17.85 -3.21
CA GLU C 462 -0.86 -18.21 -2.82
C GLU C 462 -1.12 -17.70 -1.40
N GLY C 463 -2.35 -17.32 -1.13
CA GLY C 463 -2.71 -16.65 0.09
C GLY C 463 -2.33 -15.18 0.12
N SER C 464 -2.73 -14.46 1.16
CA SER C 464 -2.34 -13.07 1.34
C SER C 464 -2.92 -12.09 0.33
N LYS C 465 -2.61 -10.83 0.49
CA LYS C 465 -2.96 -9.84 -0.48
C LYS C 465 -2.25 -10.07 -1.82
N TYR C 466 -1.09 -10.69 -1.80
CA TYR C 466 -0.34 -11.01 -3.03
C TYR C 466 -1.00 -12.13 -3.85
N GLY C 467 -1.81 -12.96 -3.21
CA GLY C 467 -2.40 -14.11 -3.86
C GLY C 467 -3.38 -13.77 -4.95
N ILE C 468 -4.13 -12.68 -4.78
CA ILE C 468 -5.15 -12.28 -5.76
C ILE C 468 -4.53 -11.58 -6.98
N GLU C 469 -3.35 -10.97 -6.79
CA GLU C 469 -2.60 -10.31 -7.86
C GLU C 469 -2.45 -11.17 -9.13
N ASP C 470 -2.19 -12.46 -8.92
CA ASP C 470 -1.91 -13.37 -10.03
C ASP C 470 -3.14 -13.60 -10.91
N TYR C 471 -4.32 -13.22 -10.41
CA TYR C 471 -5.60 -13.39 -11.11
C TYR C 471 -6.18 -12.08 -11.64
N LEU C 472 -5.41 -11.00 -11.54
CA LEU C 472 -5.80 -9.68 -12.02
C LEU C 472 -4.86 -9.17 -13.09
N GLU C 473 -5.37 -8.31 -13.97
CA GLU C 473 -4.53 -7.56 -14.90
C GLU C 473 -4.58 -6.09 -14.50
N ILE C 474 -3.43 -5.45 -14.51
CA ILE C 474 -3.32 -4.03 -14.24
C ILE C 474 -3.67 -3.26 -15.51
N LYS C 475 -4.53 -2.26 -15.38
CA LYS C 475 -4.83 -1.39 -16.50
C LYS C 475 -4.50 0.07 -16.18
N TYR C 476 -3.59 0.63 -16.98
CA TYR C 476 -3.21 2.02 -16.82
C TYR C 476 -4.02 2.91 -17.76
N MET C 477 -4.72 3.87 -17.17
CA MET C 477 -5.49 4.82 -17.96
C MET C 477 -4.96 6.23 -17.83
N CYS C 478 -4.76 6.87 -18.96
CA CYS C 478 -4.17 8.20 -19.01
C CYS C 478 -5.17 9.14 -19.63
N ILE C 479 -5.69 10.07 -18.84
CA ILE C 479 -6.75 10.96 -19.30
C ILE C 479 -6.20 12.35 -19.63
N GLY C 480 -6.52 12.82 -20.83
CA GLY C 480 -6.13 14.15 -21.26
C GLY C 480 -7.22 15.14 -20.95
N LEU C 481 -6.87 16.17 -20.19
CA LEU C 481 -7.76 17.31 -19.97
C LEU C 481 -7.35 18.41 -20.92
N LYS D 1 32.71 13.91 -34.61
N LYS D 1 31.25 12.18 -34.37
CA LYS D 1 31.24 14.23 -34.63
CA LYS D 1 30.44 13.41 -34.64
C LYS D 1 30.71 14.70 -33.26
C LYS D 1 30.01 14.09 -33.34
N LEU D 2 30.74 13.82 -32.27
CA LEU D 2 30.27 14.09 -30.89
C LEU D 2 31.11 15.06 -30.05
N ASN D 3 30.46 15.75 -29.12
CA ASN D 3 31.16 16.58 -28.13
C ASN D 3 32.11 15.73 -27.27
N ASP D 4 31.63 14.56 -26.84
CA ASP D 4 32.43 13.62 -26.05
C ASP D 4 32.61 12.36 -26.88
N SER D 5 33.80 12.21 -27.46
CA SER D 5 34.05 11.13 -28.42
C SER D 5 34.02 9.75 -27.78
N ASN D 6 34.32 9.68 -26.48
CA ASN D 6 34.33 8.40 -25.75
C ASN D 6 32.95 7.75 -25.54
N LEU D 7 31.89 8.46 -25.92
CA LEU D 7 30.53 7.92 -25.87
C LEU D 7 30.27 6.94 -26.99
N PHE D 8 30.99 7.11 -28.10
CA PHE D 8 30.89 6.21 -29.23
C PHE D 8 31.78 4.99 -29.02
N ARG D 9 31.15 3.84 -28.78
CA ARG D 9 31.87 2.61 -28.45
C ARG D 9 31.60 1.53 -29.48
N GLN D 10 32.67 0.84 -29.88
CA GLN D 10 32.59 -0.24 -30.86
C GLN D 10 33.03 -1.58 -30.27
N GLN D 11 32.91 -1.69 -28.95
CA GLN D 11 33.27 -2.88 -28.22
C GLN D 11 32.19 -3.14 -27.18
N ALA D 12 32.05 -4.40 -26.79
CA ALA D 12 31.10 -4.79 -25.75
C ALA D 12 31.67 -4.52 -24.34
N LEU D 13 30.80 -4.47 -23.34
CA LEU D 13 31.23 -4.27 -21.96
C LEU D 13 30.94 -5.49 -21.09
N ILE D 14 32.00 -6.18 -20.68
CA ILE D 14 31.84 -7.35 -19.83
C ILE D 14 32.78 -7.21 -18.63
N ASN D 15 32.18 -7.18 -17.45
CA ASN D 15 32.91 -7.15 -16.20
C ASN D 15 33.85 -5.95 -16.14
N GLY D 16 33.35 -4.80 -16.56
CA GLY D 16 34.11 -3.56 -16.51
C GLY D 16 35.15 -3.38 -17.61
N GLU D 17 35.31 -4.41 -18.45
CA GLU D 17 36.29 -4.43 -19.55
CA GLU D 17 36.28 -4.38 -19.54
C GLU D 17 35.60 -4.20 -20.89
N TRP D 18 36.20 -3.36 -21.73
CA TRP D 18 35.75 -3.18 -23.12
C TRP D 18 36.46 -4.21 -23.98
N LEU D 19 35.69 -5.05 -24.67
CA LEU D 19 36.22 -6.25 -25.33
C LEU D 19 35.64 -6.46 -26.72
N ASP D 20 36.46 -7.08 -27.58
CA ASP D 20 36.01 -7.62 -28.86
C ASP D 20 35.52 -9.05 -28.64
N ALA D 21 34.90 -9.64 -29.66
CA ALA D 21 34.53 -11.06 -29.63
C ALA D 21 35.78 -11.91 -29.61
N ASN D 22 35.67 -13.09 -28.99
CA ASN D 22 36.78 -14.04 -28.93
CA ASN D 22 36.80 -14.00 -28.92
C ASN D 22 37.41 -14.28 -30.30
N ASN D 23 36.55 -14.39 -31.32
CA ASN D 23 36.99 -14.70 -32.68
C ASN D 23 37.24 -13.49 -33.57
N GLY D 24 37.14 -12.31 -32.96
CA GLY D 24 37.24 -11.03 -33.64
C GLY D 24 36.21 -10.63 -34.67
N GLU D 25 35.14 -11.41 -34.86
CA GLU D 25 34.11 -11.05 -35.82
CA GLU D 25 34.06 -11.09 -35.80
C GLU D 25 33.22 -9.92 -35.28
N ALA D 26 32.73 -9.08 -36.18
CA ALA D 26 31.95 -7.90 -35.83
C ALA D 26 30.69 -7.78 -36.67
N ILE D 27 29.70 -7.05 -36.14
CA ILE D 27 28.48 -6.69 -36.86
C ILE D 27 28.55 -5.24 -37.32
N ASP D 28 28.44 -5.00 -38.63
CA ASP D 28 28.40 -3.64 -39.16
C ASP D 28 27.07 -2.97 -38.84
N VAL D 29 27.14 -1.68 -38.50
CA VAL D 29 25.96 -0.86 -38.22
C VAL D 29 25.90 0.28 -39.24
N THR D 30 24.76 0.41 -39.91
CA THR D 30 24.61 1.42 -40.97
C THR D 30 23.55 2.48 -40.62
N ASN D 31 23.68 3.65 -41.23
CA ASN D 31 22.72 4.72 -41.11
C ASN D 31 21.53 4.46 -42.04
N PRO D 32 20.31 4.27 -41.48
CA PRO D 32 19.11 3.95 -42.27
C PRO D 32 18.65 5.05 -43.22
N ALA D 33 19.19 6.25 -43.07
CA ALA D 33 18.82 7.39 -43.90
C ALA D 33 19.54 7.37 -45.22
N ASN D 34 20.69 6.70 -45.27
CA ASN D 34 21.53 6.72 -46.48
C ASN D 34 22.37 5.47 -46.76
N GLY D 35 22.44 4.55 -45.79
CA GLY D 35 23.19 3.31 -45.99
C GLY D 35 24.66 3.35 -45.65
N ASP D 36 25.15 4.50 -45.18
CA ASP D 36 26.55 4.66 -44.73
C ASP D 36 26.88 3.76 -43.55
N LYS D 37 28.06 3.17 -43.57
CA LYS D 37 28.58 2.46 -42.42
C LYS D 37 28.98 3.44 -41.32
N LEU D 38 28.44 3.23 -40.12
CA LEU D 38 28.73 4.08 -38.97
C LEU D 38 29.90 3.49 -38.20
N GLY D 39 29.96 2.15 -38.19
CA GLY D 39 30.95 1.43 -37.42
C GLY D 39 30.48 0.01 -37.21
N SER D 40 30.99 -0.65 -36.18
CA SER D 40 30.62 -2.03 -35.90
C SER D 40 30.67 -2.34 -34.40
N VAL D 41 30.09 -3.48 -34.04
CA VAL D 41 30.13 -3.98 -32.67
C VAL D 41 30.47 -5.48 -32.68
N PRO D 42 31.07 -5.99 -31.59
CA PRO D 42 31.44 -7.41 -31.58
C PRO D 42 30.25 -8.34 -31.88
N LYS D 43 30.54 -9.40 -32.63
CA LYS D 43 29.57 -10.46 -32.89
C LYS D 43 29.80 -11.59 -31.88
N MET D 44 29.31 -11.40 -30.66
CA MET D 44 29.59 -12.34 -29.59
C MET D 44 28.62 -13.50 -29.55
N GLY D 45 29.02 -14.56 -28.86
CA GLY D 45 28.24 -15.78 -28.79
C GLY D 45 28.09 -16.28 -27.36
N ALA D 46 27.92 -17.60 -27.24
CA ALA D 46 27.68 -18.26 -25.97
C ALA D 46 28.81 -18.02 -24.98
N ASP D 47 30.06 -18.18 -25.43
CA ASP D 47 31.22 -18.07 -24.54
CA ASP D 47 31.24 -18.06 -24.54
C ASP D 47 31.32 -16.71 -23.83
N GLU D 48 31.25 -15.62 -24.59
CA GLU D 48 31.29 -14.29 -24.02
C GLU D 48 30.07 -14.01 -23.10
N THR D 49 28.90 -14.48 -23.54
CA THR D 49 27.66 -14.33 -22.79
C THR D 49 27.77 -15.08 -21.45
N ARG D 50 28.41 -16.25 -21.49
CA ARG D 50 28.58 -17.08 -20.32
C ARG D 50 29.50 -16.33 -19.37
N ALA D 51 30.59 -15.77 -19.91
CA ALA D 51 31.53 -14.98 -19.11
C ALA D 51 30.83 -13.77 -18.49
N ALA D 52 29.90 -13.17 -19.24
CA ALA D 52 29.13 -12.02 -18.74
C ALA D 52 28.18 -12.41 -17.60
N ILE D 53 27.53 -13.56 -17.75
CA ILE D 53 26.66 -14.08 -16.69
C ILE D 53 27.45 -14.38 -15.42
N ASP D 54 28.62 -15.02 -15.57
CA ASP D 54 29.50 -15.32 -14.45
CA ASP D 54 29.49 -15.31 -14.44
C ASP D 54 29.95 -14.02 -13.76
N ALA D 55 30.27 -12.99 -14.55
CA ALA D 55 30.66 -11.69 -14.02
C ALA D 55 29.53 -11.03 -13.20
N ALA D 56 28.31 -11.10 -13.74
CA ALA D 56 27.11 -10.60 -13.05
C ALA D 56 26.88 -11.33 -11.73
N ASN D 57 27.02 -12.65 -11.77
CA ASN D 57 26.86 -13.47 -10.60
C ASN D 57 27.88 -13.14 -9.50
N ARG D 58 29.13 -12.95 -9.93
CA ARG D 58 30.21 -12.64 -9.04
C ARG D 58 30.05 -11.27 -8.37
N ALA D 59 29.55 -10.29 -9.11
CA ALA D 59 29.34 -8.93 -8.63
C ALA D 59 28.10 -8.77 -7.77
N LEU D 60 27.19 -9.76 -7.79
CA LEU D 60 25.88 -9.64 -7.13
C LEU D 60 25.94 -9.43 -5.61
N PRO D 61 26.69 -10.28 -4.87
CA PRO D 61 26.69 -10.11 -3.42
C PRO D 61 27.08 -8.69 -2.95
N ALA D 62 28.10 -8.10 -3.57
CA ALA D 62 28.53 -6.76 -3.15
C ALA D 62 27.61 -5.64 -3.59
N TRP D 63 26.91 -5.82 -4.71
CA TRP D 63 25.94 -4.84 -5.17
C TRP D 63 24.69 -4.90 -4.32
N ARG D 64 24.20 -6.11 -4.13
CA ARG D 64 23.10 -6.45 -3.21
C ARG D 64 23.33 -5.89 -1.81
N ALA D 65 24.59 -5.93 -1.34
CA ALA D 65 24.90 -5.57 0.05
C ALA D 65 25.01 -4.06 0.33
N LEU D 66 25.10 -3.25 -0.71
CA LEU D 66 25.09 -1.80 -0.54
C LEU D 66 23.76 -1.35 0.06
N THR D 67 23.73 -0.17 0.66
CA THR D 67 22.45 0.38 1.11
C THR D 67 21.67 0.88 -0.11
N ALA D 68 20.35 0.98 0.03
CA ALA D 68 19.53 1.54 -1.03
C ALA D 68 19.96 2.96 -1.41
N LYS D 69 20.39 3.76 -0.43
CA LYS D 69 20.87 5.11 -0.72
C LYS D 69 22.18 5.13 -1.51
N GLU D 70 23.11 4.21 -1.22
CA GLU D 70 24.32 4.20 -2.05
C GLU D 70 24.08 3.73 -3.48
N ARG D 71 23.13 2.80 -3.67
CA ARG D 71 22.69 2.39 -5.01
C ARG D 71 22.00 3.59 -5.69
N ALA D 72 21.16 4.31 -4.94
CA ALA D 72 20.50 5.52 -5.44
C ALA D 72 21.50 6.58 -5.89
N THR D 73 22.59 6.74 -5.15
CA THR D 73 23.63 7.73 -5.47
C THR D 73 24.28 7.40 -6.81
N ILE D 74 24.62 6.13 -7.02
CA ILE D 74 25.22 5.63 -8.26
C ILE D 74 24.24 5.80 -9.43
N LEU D 75 23.00 5.37 -9.22
CA LEU D 75 21.97 5.48 -10.26
C LEU D 75 21.63 6.92 -10.62
N ARG D 76 21.57 7.80 -9.62
CA ARG D 76 21.33 9.23 -9.86
C ARG D 76 22.48 9.87 -10.64
N ASN D 77 23.71 9.49 -10.35
CA ASN D 77 24.87 9.88 -11.15
C ASN D 77 24.70 9.49 -12.63
N TRP D 78 24.18 8.28 -12.87
CA TRP D 78 23.92 7.76 -14.22
C TRP D 78 22.87 8.63 -14.89
N PHE D 79 21.79 8.92 -14.16
CA PHE D 79 20.71 9.77 -14.65
C PHE D 79 21.27 11.15 -15.05
N ASN D 80 22.02 11.76 -14.13
CA ASN D 80 22.57 13.08 -14.36
C ASN D 80 23.47 13.11 -15.59
N LEU D 81 24.29 12.07 -15.74
CA LEU D 81 25.21 11.97 -16.86
C LEU D 81 24.46 11.88 -18.19
N MET D 82 23.38 11.09 -18.22
CA MET D 82 22.51 10.99 -19.40
C MET D 82 21.97 12.33 -19.82
N MET D 83 21.51 13.14 -18.86
CA MET D 83 20.98 14.45 -19.15
C MET D 83 22.08 15.43 -19.57
N GLU D 84 23.26 15.31 -18.94
CA GLU D 84 24.41 16.12 -19.30
C GLU D 84 24.86 15.87 -20.76
N HIS D 85 24.85 14.61 -21.17
CA HIS D 85 25.29 14.24 -22.52
C HIS D 85 24.15 14.02 -23.49
N GLN D 86 23.00 14.62 -23.20
CA GLN D 86 21.78 14.44 -23.97
C GLN D 86 21.96 14.67 -25.48
N ASP D 87 22.62 15.76 -25.85
CA ASP D 87 22.78 16.13 -27.25
C ASP D 87 23.57 15.08 -28.03
N ASP D 88 24.68 14.62 -27.46
CA ASP D 88 25.47 13.55 -28.08
C ASP D 88 24.69 12.25 -28.23
N LEU D 89 23.98 11.86 -27.17
CA LEU D 89 23.23 10.62 -27.15
C LEU D 89 22.10 10.65 -28.18
N ALA D 90 21.43 11.79 -28.28
CA ALA D 90 20.38 12.00 -29.27
C ALA D 90 20.93 11.86 -30.71
N ARG D 91 22.08 12.48 -30.94
CA ARG D 91 22.72 12.45 -32.26
C ARG D 91 23.10 11.03 -32.65
N LEU D 92 23.70 10.33 -31.70
CA LEU D 92 24.07 8.93 -31.87
C LEU D 92 22.88 8.06 -32.27
N MET D 93 21.75 8.30 -31.60
CA MET D 93 20.54 7.53 -31.82
C MET D 93 19.92 7.83 -33.18
N THR D 94 19.78 9.11 -33.51
CA THR D 94 19.29 9.51 -34.83
C THR D 94 20.11 8.87 -35.95
N LEU D 95 21.43 8.91 -35.81
CA LEU D 95 22.33 8.30 -36.80
C LEU D 95 22.07 6.80 -36.99
N GLU D 96 21.92 6.05 -35.90
CA GLU D 96 21.79 4.59 -36.02
C GLU D 96 20.38 4.07 -36.22
N GLN D 97 19.38 4.76 -35.69
CA GLN D 97 18.01 4.26 -35.81
C GLN D 97 17.11 5.08 -36.74
N GLY D 98 17.42 6.37 -36.91
CA GLY D 98 16.76 7.16 -37.96
C GLY D 98 15.78 8.25 -37.54
N LYS D 99 15.22 8.14 -36.34
CA LYS D 99 14.18 9.10 -35.89
C LYS D 99 14.69 10.54 -35.83
N PRO D 100 13.77 11.52 -35.98
CA PRO D 100 14.19 12.90 -35.93
C PRO D 100 14.93 13.23 -34.64
N LEU D 101 15.89 14.14 -34.73
CA LEU D 101 16.68 14.55 -33.58
C LEU D 101 15.86 14.96 -32.36
N ALA D 102 14.76 15.71 -32.58
CA ALA D 102 13.89 16.14 -31.48
C ALA D 102 13.23 14.96 -30.78
N GLU D 103 12.85 13.95 -31.57
CA GLU D 103 12.30 12.70 -31.03
C GLU D 103 13.37 11.97 -30.22
N ALA D 104 14.60 11.97 -30.72
CA ALA D 104 15.72 11.32 -30.04
C ALA D 104 16.05 12.00 -28.70
N LYS D 105 16.10 13.32 -28.70
CA LYS D 105 16.28 14.08 -27.46
C LYS D 105 15.17 13.78 -26.45
N GLY D 106 13.93 13.73 -26.92
CA GLY D 106 12.78 13.33 -26.11
C GLY D 106 12.93 11.93 -25.53
N GLU D 107 13.42 10.97 -26.34
CA GLU D 107 13.65 9.63 -25.82
C GLU D 107 14.76 9.58 -24.77
N ILE D 108 15.81 10.39 -24.94
CA ILE D 108 16.89 10.40 -23.95
C ILE D 108 16.35 10.83 -22.59
N SER D 109 15.55 11.89 -22.60
CA SER D 109 14.93 12.44 -21.40
C SER D 109 13.99 11.42 -20.72
N TYR D 110 13.19 10.75 -21.54
CA TYR D 110 12.25 9.72 -21.10
C TYR D 110 13.01 8.50 -20.56
N ALA D 111 14.04 8.07 -21.30
CA ALA D 111 14.88 6.95 -20.91
C ALA D 111 15.55 7.24 -19.57
N ALA D 112 16.15 8.41 -19.44
CA ALA D 112 16.80 8.83 -18.21
C ALA D 112 15.85 8.83 -17.01
N SER D 113 14.58 9.19 -17.23
CA SER D 113 13.61 9.28 -16.14
C SER D 113 13.39 7.94 -15.42
N PHE D 114 13.54 6.84 -16.15
CA PHE D 114 13.46 5.50 -15.55
C PHE D 114 14.58 5.26 -14.55
N ILE D 115 15.77 5.73 -14.89
CA ILE D 115 16.91 5.60 -13.98
C ILE D 115 16.67 6.40 -12.69
N GLU D 116 16.26 7.65 -12.84
CA GLU D 116 15.90 8.48 -11.69
C GLU D 116 14.79 7.84 -10.82
N TRP D 117 13.68 7.47 -11.45
CA TRP D 117 12.52 6.94 -10.76
C TRP D 117 12.90 5.72 -9.95
N PHE D 118 13.66 4.81 -10.57
CA PHE D 118 14.00 3.57 -9.86
C PHE D 118 15.09 3.73 -8.78
N ALA D 119 16.01 4.67 -8.99
CA ALA D 119 16.92 5.10 -7.93
C ALA D 119 16.13 5.46 -6.67
N GLU D 120 15.05 6.24 -6.84
CA GLU D 120 14.13 6.60 -5.76
C GLU D 120 13.32 5.42 -5.25
N GLU D 121 12.86 4.57 -6.16
CA GLU D 121 12.01 3.44 -5.78
C GLU D 121 12.76 2.42 -4.93
N GLY D 122 14.06 2.27 -5.20
CA GLY D 122 14.91 1.33 -4.46
C GLY D 122 14.88 1.56 -2.94
N LYS D 123 14.65 2.81 -2.55
CA LYS D 123 14.59 3.18 -1.13
C LYS D 123 13.23 2.86 -0.53
N ARG D 124 12.30 2.35 -1.36
CA ARG D 124 10.90 2.22 -0.97
C ARG D 124 10.39 0.82 -1.25
N ILE D 125 11.31 -0.15 -1.21
CA ILE D 125 10.92 -1.55 -1.33
C ILE D 125 10.41 -1.96 0.06
N TYR D 126 9.09 -1.92 0.23
CA TYR D 126 8.50 -2.19 1.53
C TYR D 126 8.12 -3.67 1.71
N GLY D 127 8.58 -4.26 2.79
CA GLY D 127 8.04 -5.54 3.24
C GLY D 127 6.80 -5.28 4.07
N ASP D 128 6.28 -6.33 4.71
CA ASP D 128 5.10 -6.22 5.55
C ASP D 128 5.35 -6.93 6.85
N THR D 129 4.55 -6.57 7.85
CA THR D 129 4.25 -7.45 8.97
C THR D 129 2.77 -7.72 8.84
N ILE D 130 2.36 -8.96 9.15
CA ILE D 130 0.98 -9.41 9.01
C ILE D 130 0.48 -10.03 10.34
N PRO D 131 -0.73 -9.61 10.83
CA PRO D 131 -1.20 -10.17 12.12
C PRO D 131 -1.17 -11.71 12.09
N GLY D 132 -0.62 -12.31 13.14
CA GLY D 132 -0.36 -13.75 13.17
C GLY D 132 -1.59 -14.61 13.26
N HIS D 133 -1.45 -15.84 12.79
CA HIS D 133 -2.50 -16.84 12.92
C HIS D 133 -2.62 -17.43 14.33
N GLN D 134 -1.56 -17.32 15.12
CA GLN D 134 -1.56 -17.75 16.52
C GLN D 134 -0.87 -16.68 17.33
N ALA D 135 -1.19 -16.60 18.63
CA ALA D 135 -0.62 -15.60 19.54
C ALA D 135 0.89 -15.68 19.67
N ASP D 136 1.43 -16.88 19.49
CA ASP D 136 2.86 -17.10 19.60
C ASP D 136 3.58 -17.13 18.24
N LYS D 137 2.94 -16.56 17.23
CA LYS D 137 3.54 -16.49 15.89
C LYS D 137 3.62 -15.05 15.37
N ARG D 138 4.69 -14.75 14.64
CA ARG D 138 4.86 -13.44 14.05
C ARG D 138 5.17 -13.61 12.59
N LEU D 139 4.52 -12.80 11.76
CA LEU D 139 4.66 -12.92 10.30
C LEU D 139 5.31 -11.68 9.67
N ILE D 140 6.39 -11.92 8.95
CA ILE D 140 7.12 -10.85 8.31
C ILE D 140 7.36 -11.24 6.86
N VAL D 141 7.12 -10.30 5.96
CA VAL D 141 7.41 -10.45 4.55
C VAL D 141 8.50 -9.45 4.17
N ILE D 142 9.56 -9.94 3.51
CA ILE D 142 10.60 -9.07 2.95
C ILE D 142 10.73 -9.34 1.45
N LYS D 143 11.25 -8.35 0.72
CA LYS D 143 11.39 -8.46 -0.73
C LYS D 143 12.85 -8.29 -1.05
N GLN D 144 13.40 -9.28 -1.75
CA GLN D 144 14.83 -9.34 -2.05
C GLN D 144 15.10 -9.48 -3.57
N PRO D 145 16.24 -8.96 -4.05
CA PRO D 145 16.56 -9.06 -5.48
C PRO D 145 16.48 -10.48 -5.96
N ILE D 146 15.97 -10.69 -7.17
CA ILE D 146 15.80 -12.03 -7.71
C ILE D 146 17.18 -12.62 -8.03
N GLY D 147 18.14 -11.75 -8.31
CA GLY D 147 19.50 -12.19 -8.57
C GLY D 147 20.06 -11.71 -9.90
N VAL D 148 20.68 -12.61 -10.66
CA VAL D 148 21.20 -12.27 -11.97
C VAL D 148 20.06 -12.18 -12.97
N THR D 149 20.00 -11.08 -13.72
CA THR D 149 18.93 -10.86 -14.68
C THR D 149 19.46 -10.65 -16.10
N ALA D 150 18.63 -10.99 -17.09
CA ALA D 150 18.97 -10.83 -18.50
C ALA D 150 17.91 -9.96 -19.16
N ALA D 151 18.36 -9.14 -20.10
CA ALA D 151 17.47 -8.25 -20.84
C ALA D 151 17.82 -8.31 -22.31
N ILE D 152 16.78 -8.40 -23.15
CA ILE D 152 16.94 -8.39 -24.59
C ILE D 152 16.08 -7.25 -25.10
N THR D 153 16.72 -6.30 -25.77
CA THR D 153 16.01 -5.07 -26.18
C THR D 153 16.00 -4.85 -27.70
N PRO D 154 14.92 -4.22 -28.22
CA PRO D 154 14.75 -3.95 -29.65
C PRO D 154 15.37 -2.61 -30.10
N TRP D 155 15.18 -2.30 -31.38
CA TRP D 155 15.86 -1.21 -32.07
C TRP D 155 15.08 0.09 -32.13
N ASN D 156 13.80 0.04 -31.75
CA ASN D 156 12.92 1.17 -31.98
C ASN D 156 13.04 2.28 -30.94
N PHE D 157 13.31 1.89 -29.71
CA PHE D 157 13.66 2.83 -28.66
C PHE D 157 14.97 2.39 -28.04
N PRO D 158 16.09 2.73 -28.70
CA PRO D 158 17.41 2.14 -28.38
C PRO D 158 17.97 2.55 -27.01
N ALA D 159 17.47 3.63 -26.43
CA ALA D 159 17.86 4.04 -25.08
C ALA D 159 16.83 3.68 -24.01
N ALA D 160 15.55 3.98 -24.27
CA ALA D 160 14.49 3.79 -23.27
C ALA D 160 14.26 2.32 -22.91
N MET D 161 14.35 1.45 -23.91
CA MET D 161 14.27 0.00 -23.68
C MET D 161 15.33 -0.53 -22.69
N ILE D 162 16.54 0.02 -22.74
CA ILE D 162 17.61 -0.34 -21.82
C ILE D 162 17.22 0.10 -20.40
N THR D 163 16.93 1.39 -20.24
CA THR D 163 16.71 1.96 -18.90
C THR D 163 15.45 1.43 -18.21
N ARG D 164 14.42 1.10 -18.99
CA ARG D 164 13.19 0.48 -18.47
C ARG D 164 13.43 -0.86 -17.79
N LYS D 165 14.56 -1.50 -18.12
CA LYS D 165 14.92 -2.80 -17.56
C LYS D 165 16.10 -2.73 -16.59
N ALA D 166 17.14 -2.00 -16.95
CA ALA D 166 18.31 -1.84 -16.08
C ALA D 166 17.99 -1.03 -14.83
N GLY D 167 17.09 -0.06 -14.98
CA GLY D 167 16.67 0.81 -13.87
C GLY D 167 16.14 0.00 -12.71
N PRO D 168 15.02 -0.72 -12.94
CA PRO D 168 14.44 -1.50 -11.84
C PRO D 168 15.33 -2.64 -11.38
N ALA D 169 16.07 -3.26 -12.31
CA ALA D 169 16.94 -4.39 -11.95
C ALA D 169 18.01 -3.94 -10.96
N LEU D 170 18.75 -2.90 -11.30
CA LEU D 170 19.83 -2.46 -10.43
C LEU D 170 19.30 -1.86 -9.13
N ALA D 171 18.18 -1.16 -9.20
CA ALA D 171 17.55 -0.58 -8.01
C ALA D 171 17.01 -1.66 -7.07
N ALA D 172 16.60 -2.80 -7.63
CA ALA D 172 16.17 -3.94 -6.82
C ALA D 172 17.35 -4.59 -6.09
N GLY D 173 18.57 -4.30 -6.56
CA GLY D 173 19.75 -4.99 -6.05
C GLY D 173 20.23 -6.15 -6.92
N CYS D 174 19.64 -6.29 -8.12
CA CYS D 174 20.06 -7.29 -9.10
C CYS D 174 21.23 -6.81 -9.95
N THR D 175 21.89 -7.77 -10.60
CA THR D 175 22.86 -7.49 -11.64
C THR D 175 22.29 -7.93 -12.99
N MET D 176 22.90 -7.48 -14.09
CA MET D 176 22.27 -7.60 -15.40
C MET D 176 23.24 -7.85 -16.52
N VAL D 177 22.82 -8.71 -17.46
CA VAL D 177 23.47 -8.88 -18.74
C VAL D 177 22.44 -8.50 -19.78
N LEU D 178 22.76 -7.48 -20.55
CA LEU D 178 21.84 -6.93 -21.53
C LEU D 178 22.35 -7.17 -22.94
N LYS D 179 21.46 -7.66 -23.81
CA LYS D 179 21.75 -7.80 -25.24
C LYS D 179 20.90 -6.81 -26.03
N PRO D 180 21.54 -5.76 -26.59
CA PRO D 180 20.82 -4.76 -27.37
C PRO D 180 20.60 -5.22 -28.81
N ALA D 181 19.74 -4.52 -29.53
CA ALA D 181 19.46 -4.81 -30.94
C ALA D 181 20.72 -4.59 -31.77
N SER D 182 21.01 -5.53 -32.65
CA SER D 182 22.17 -5.44 -33.53
C SER D 182 22.12 -4.25 -34.49
N GLN D 183 20.92 -3.73 -34.74
CA GLN D 183 20.75 -2.59 -35.63
C GLN D 183 20.98 -1.26 -34.94
N THR D 184 20.87 -1.25 -33.62
CA THR D 184 21.04 -0.03 -32.85
C THR D 184 21.78 -0.28 -31.53
N PRO D 185 23.04 -0.76 -31.60
CA PRO D 185 23.74 -1.12 -30.37
C PRO D 185 24.49 0.03 -29.71
N PHE D 186 24.79 1.08 -30.49
CA PHE D 186 25.61 2.18 -30.00
C PHE D 186 24.98 2.94 -28.83
N SER D 187 23.66 3.10 -28.89
CA SER D 187 22.94 3.79 -27.82
C SER D 187 23.12 3.03 -26.51
N ALA D 188 23.05 1.69 -26.58
CA ALA D 188 23.21 0.82 -25.42
C ALA D 188 24.59 0.92 -24.81
N LEU D 189 25.60 0.90 -25.68
CA LEU D 189 27.01 0.94 -25.26
C LEU D 189 27.42 2.29 -24.68
N ALA D 190 26.88 3.38 -25.24
CA ALA D 190 27.07 4.71 -24.68
C ALA D 190 26.52 4.77 -23.25
N LEU D 191 25.32 4.20 -23.05
CA LEU D 191 24.70 4.13 -21.72
C LEU D 191 25.59 3.34 -20.75
N ALA D 192 26.15 2.22 -21.26
CA ALA D 192 27.13 1.41 -20.54
C ALA D 192 28.34 2.23 -20.11
N GLU D 193 28.86 3.05 -21.03
CA GLU D 193 29.99 3.95 -20.77
C GLU D 193 29.66 4.91 -19.61
N LEU D 194 28.47 5.48 -19.64
CA LEU D 194 28.07 6.42 -18.62
C LEU D 194 27.86 5.69 -17.30
N ALA D 195 27.45 4.43 -17.37
CA ALA D 195 27.30 3.61 -16.16
C ALA D 195 28.65 3.44 -15.44
N ILE D 196 29.70 3.16 -16.20
CA ILE D 196 31.08 3.17 -15.65
C ILE D 196 31.39 4.51 -14.96
N ARG D 197 31.15 5.61 -15.68
CA ARG D 197 31.44 6.94 -15.16
C ARG D 197 30.65 7.23 -13.88
N ALA D 198 29.42 6.71 -13.80
CA ALA D 198 28.54 6.93 -12.66
C ALA D 198 28.97 6.18 -11.40
N GLY D 199 29.85 5.19 -11.56
CA GLY D 199 30.28 4.37 -10.44
C GLY D 199 29.60 3.01 -10.33
N VAL D 200 28.94 2.56 -11.41
CA VAL D 200 28.35 1.21 -11.42
C VAL D 200 29.53 0.24 -11.45
N PRO D 201 29.67 -0.61 -10.43
CA PRO D 201 30.83 -1.52 -10.33
C PRO D 201 30.92 -2.51 -11.49
N ALA D 202 32.13 -3.01 -11.74
CA ALA D 202 32.37 -4.00 -12.79
C ALA D 202 31.49 -5.22 -12.58
N GLY D 203 30.78 -5.64 -13.62
CA GLY D 203 29.98 -6.87 -13.58
C GLY D 203 28.52 -6.66 -13.23
N VAL D 204 28.19 -5.48 -12.70
CA VAL D 204 26.81 -5.18 -12.30
C VAL D 204 25.89 -4.93 -13.50
N PHE D 205 26.44 -4.28 -14.52
CA PHE D 205 25.72 -4.01 -15.76
C PHE D 205 26.63 -4.34 -16.95
N ASN D 206 26.26 -5.36 -17.72
CA ASN D 206 27.08 -5.84 -18.82
C ASN D 206 26.25 -5.73 -20.10
N VAL D 207 26.91 -5.34 -21.18
CA VAL D 207 26.27 -5.23 -22.48
C VAL D 207 27.01 -6.09 -23.48
N VAL D 208 26.33 -7.13 -23.95
CA VAL D 208 26.88 -8.12 -24.86
C VAL D 208 26.17 -7.97 -26.18
N THR D 209 26.95 -7.63 -27.20
CA THR D 209 26.41 -7.49 -28.54
C THR D 209 26.67 -8.78 -29.28
N GLY D 210 25.73 -9.13 -30.14
CA GLY D 210 25.78 -10.39 -30.86
C GLY D 210 24.44 -10.55 -31.55
N SER D 211 24.35 -11.55 -32.41
CA SER D 211 23.24 -11.67 -33.33
C SER D 211 22.20 -12.64 -32.79
N ALA D 212 21.09 -12.08 -32.31
CA ALA D 212 19.93 -12.84 -31.86
C ALA D 212 20.23 -14.04 -30.93
N GLY D 213 19.87 -15.24 -31.40
CA GLY D 213 19.88 -16.45 -30.60
C GLY D 213 21.20 -16.92 -30.03
N ALA D 214 22.31 -16.56 -30.65
CA ALA D 214 23.65 -16.92 -30.14
C ALA D 214 23.73 -16.52 -28.66
N VAL D 215 23.55 -15.23 -28.45
CA VAL D 215 23.53 -14.67 -27.12
C VAL D 215 22.27 -15.11 -26.35
N GLY D 216 21.13 -15.06 -27.01
CA GLY D 216 19.86 -15.43 -26.40
C GLY D 216 19.74 -16.85 -25.86
N ASN D 217 20.26 -17.82 -26.60
CA ASN D 217 20.23 -19.21 -26.16
C ASN D 217 20.95 -19.42 -24.83
N GLU D 218 22.06 -18.71 -24.65
CA GLU D 218 22.85 -18.80 -23.44
C GLU D 218 22.11 -18.11 -22.29
N LEU D 219 21.53 -16.94 -22.56
CA LEU D 219 20.75 -16.23 -21.53
C LEU D 219 19.60 -17.09 -21.01
N THR D 220 18.92 -17.81 -21.89
CA THR D 220 17.74 -18.58 -21.49
C THR D 220 18.06 -19.96 -20.92
N SER D 221 19.23 -20.50 -21.23
CA SER D 221 19.57 -21.83 -20.76
C SER D 221 20.50 -21.86 -19.53
N ASN D 222 21.11 -20.73 -19.22
CA ASN D 222 22.01 -20.67 -18.07
C ASN D 222 21.24 -20.47 -16.77
N PRO D 223 21.29 -21.47 -15.86
CA PRO D 223 20.46 -21.43 -14.64
C PRO D 223 20.84 -20.33 -13.64
N LEU D 224 22.01 -19.70 -13.82
CA LEU D 224 22.37 -18.54 -13.01
C LEU D 224 21.48 -17.34 -13.31
N VAL D 225 20.95 -17.28 -14.54
CA VAL D 225 19.99 -16.23 -14.91
C VAL D 225 18.64 -16.63 -14.35
N ARG D 226 18.11 -15.82 -13.46
CA ARG D 226 16.86 -16.14 -12.77
C ARG D 226 15.66 -15.36 -13.27
N LYS D 227 15.92 -14.41 -14.18
CA LYS D 227 14.89 -13.50 -14.65
C LYS D 227 15.27 -13.00 -16.03
N LEU D 228 14.31 -13.04 -16.97
CA LEU D 228 14.49 -12.52 -18.31
C LEU D 228 13.43 -11.48 -18.63
N SER D 229 13.86 -10.37 -19.20
CA SER D 229 12.95 -9.36 -19.69
C SER D 229 13.22 -9.11 -21.18
N PHE D 230 12.17 -9.14 -21.99
CA PHE D 230 12.29 -9.03 -23.42
C PHE D 230 11.23 -8.10 -23.99
N THR D 231 11.62 -7.24 -24.92
CA THR D 231 10.70 -6.45 -25.70
C THR D 231 11.02 -6.70 -27.16
N GLY D 232 10.00 -7.12 -27.92
CA GLY D 232 10.12 -7.37 -29.35
C GLY D 232 8.88 -8.03 -29.90
N SER D 233 9.07 -8.87 -30.92
CA SER D 233 7.95 -9.52 -31.60
C SER D 233 7.34 -10.59 -30.73
N THR D 234 6.06 -10.85 -30.95
CA THR D 234 5.30 -11.87 -30.24
C THR D 234 5.91 -13.26 -30.44
N GLU D 235 6.35 -13.56 -31.66
CA GLU D 235 6.88 -14.89 -31.98
C GLU D 235 8.16 -15.21 -31.22
N ILE D 236 9.04 -14.21 -31.09
CA ILE D 236 10.30 -14.39 -30.34
C ILE D 236 10.00 -14.47 -28.84
N GLY D 237 9.01 -13.69 -28.39
CA GLY D 237 8.50 -13.76 -27.03
C GLY D 237 8.06 -15.17 -26.66
N ARG D 238 7.30 -15.82 -27.54
CA ARG D 238 6.85 -17.20 -27.34
C ARG D 238 8.05 -18.13 -27.18
N GLN D 239 9.02 -18.05 -28.09
CA GLN D 239 10.20 -18.90 -28.08
C GLN D 239 11.01 -18.67 -26.82
N LEU D 240 11.21 -17.41 -26.44
CA LEU D 240 11.98 -17.10 -25.23
C LEU D 240 11.28 -17.61 -23.98
N MET D 241 9.96 -17.46 -23.91
CA MET D 241 9.20 -18.03 -22.79
C MET D 241 9.35 -19.56 -22.71
N GLU D 242 9.28 -20.24 -23.86
CA GLU D 242 9.48 -21.69 -23.92
C GLU D 242 10.83 -22.05 -23.35
N GLN D 243 11.87 -21.36 -23.81
CA GLN D 243 13.24 -21.63 -23.38
C GLN D 243 13.44 -21.41 -21.88
N CYS D 244 12.71 -20.44 -21.32
CA CYS D 244 12.81 -20.11 -19.92
C CYS D 244 12.15 -21.14 -19.00
N ALA D 245 11.38 -22.07 -19.59
CA ALA D 245 10.62 -23.04 -18.82
C ALA D 245 11.51 -24.02 -18.10
N LYS D 246 12.64 -24.37 -18.73
CA LYS D 246 13.62 -25.31 -18.15
C LYS D 246 14.01 -24.97 -16.71
N ASP D 247 14.30 -23.69 -16.46
CA ASP D 247 14.73 -23.20 -15.14
C ASP D 247 13.58 -22.56 -14.36
N ILE D 248 12.38 -22.55 -14.94
CA ILE D 248 11.24 -21.85 -14.35
C ILE D 248 11.62 -20.38 -14.06
N LYS D 249 12.30 -19.73 -15.00
CA LYS D 249 12.66 -18.32 -14.85
C LYS D 249 11.40 -17.45 -14.73
N LYS D 250 11.51 -16.40 -13.93
CA LYS D 250 10.55 -15.30 -14.00
C LYS D 250 10.75 -14.55 -15.34
N VAL D 251 9.67 -14.35 -16.09
CA VAL D 251 9.76 -13.75 -17.43
C VAL D 251 8.87 -12.51 -17.57
N SER D 252 9.47 -11.37 -17.96
CA SER D 252 8.71 -10.19 -18.39
C SER D 252 8.78 -10.06 -19.90
N LEU D 253 7.67 -9.70 -20.51
CA LEU D 253 7.56 -9.62 -21.96
C LEU D 253 6.69 -8.44 -22.36
N GLU D 254 7.18 -7.62 -23.28
CA GLU D 254 6.36 -6.60 -23.92
CA GLU D 254 6.39 -6.57 -23.90
C GLU D 254 6.41 -6.87 -25.41
N LEU D 255 5.27 -7.28 -25.96
CA LEU D 255 5.25 -7.82 -27.30
C LEU D 255 4.50 -7.01 -28.33
N GLY D 256 3.97 -7.70 -29.33
CA GLY D 256 3.15 -7.06 -30.35
C GLY D 256 1.95 -6.28 -29.79
N GLY D 257 1.55 -5.27 -30.55
CA GLY D 257 0.29 -4.60 -30.31
C GLY D 257 -0.43 -4.35 -31.62
N ASN D 258 -1.72 -4.06 -31.52
CA ASN D 258 -2.51 -3.66 -32.65
C ASN D 258 -3.53 -2.66 -32.12
N ALA D 259 -3.05 -1.44 -31.87
CA ALA D 259 -3.77 -0.48 -31.07
C ALA D 259 -4.96 0.12 -31.82
N PRO D 260 -6.17 -0.05 -31.28
CA PRO D 260 -7.31 0.66 -31.86
C PRO D 260 -7.33 2.12 -31.34
N PHE D 261 -7.70 3.04 -32.22
CA PHE D 261 -7.79 4.47 -31.88
C PHE D 261 -9.19 4.89 -32.26
N ILE D 262 -10.02 5.15 -31.24
CA ILE D 262 -11.48 5.31 -31.44
C ILE D 262 -11.98 6.73 -31.23
N VAL D 263 -12.66 7.27 -32.25
CA VAL D 263 -13.20 8.63 -32.21
C VAL D 263 -14.73 8.55 -32.22
N PHE D 264 -15.34 9.00 -31.13
CA PHE D 264 -16.80 9.03 -31.00
C PHE D 264 -17.39 10.34 -31.52
N ASP D 265 -18.70 10.31 -31.77
CA ASP D 265 -19.47 11.47 -32.23
CA ASP D 265 -19.45 11.47 -32.25
C ASP D 265 -19.24 12.72 -31.37
N ASP D 266 -19.05 12.52 -30.08
CA ASP D 266 -18.97 13.64 -29.13
C ASP D 266 -17.55 14.07 -28.82
N ALA D 267 -16.58 13.56 -29.57
CA ALA D 267 -15.18 13.91 -29.39
C ALA D 267 -14.90 15.36 -29.82
N ASP D 268 -13.87 15.96 -29.22
CA ASP D 268 -13.27 17.17 -29.77
C ASP D 268 -12.44 16.72 -30.99
N LEU D 269 -12.95 17.00 -32.19
CA LEU D 269 -12.31 16.49 -33.41
C LEU D 269 -10.89 16.98 -33.67
N ASP D 270 -10.64 18.26 -33.44
CA ASP D 270 -9.30 18.82 -33.65
C ASP D 270 -8.30 18.16 -32.72
N LYS D 271 -8.74 17.86 -31.49
CA LYS D 271 -7.90 17.17 -30.50
C LYS D 271 -7.70 15.70 -30.86
N ALA D 272 -8.76 15.05 -31.35
CA ALA D 272 -8.65 13.68 -31.87
C ALA D 272 -7.64 13.61 -33.00
N VAL D 273 -7.69 14.57 -33.93
CA VAL D 273 -6.75 14.58 -35.06
C VAL D 273 -5.30 14.77 -34.59
N GLU D 274 -5.08 15.73 -33.70
CA GLU D 274 -3.77 15.95 -33.08
C GLU D 274 -3.27 14.68 -32.38
N GLY D 275 -4.14 14.06 -31.57
CA GLY D 275 -3.80 12.81 -30.88
C GLY D 275 -3.44 11.69 -31.85
N ALA D 276 -4.22 11.56 -32.92
CA ALA D 276 -4.01 10.55 -33.94
C ALA D 276 -2.67 10.73 -34.67
N LEU D 277 -2.38 11.97 -35.05
CA LEU D 277 -1.11 12.30 -35.69
C LEU D 277 0.08 11.94 -34.78
N ALA D 278 -0.01 12.32 -33.50
CA ALA D 278 1.05 12.05 -32.54
C ALA D 278 1.19 10.55 -32.26
N SER D 279 0.06 9.84 -32.19
CA SER D 279 0.07 8.44 -31.82
C SER D 279 0.52 7.55 -32.99
N LYS D 280 0.05 7.87 -34.18
CA LYS D 280 0.33 7.04 -35.34
C LYS D 280 1.73 7.26 -35.89
N PHE D 281 2.15 8.52 -36.01
CA PHE D 281 3.35 8.87 -36.78
C PHE D 281 4.63 9.13 -35.98
N ARG D 282 4.55 8.99 -34.65
CA ARG D 282 5.73 8.99 -33.79
C ARG D 282 6.65 7.82 -34.18
N ASN D 283 7.95 8.08 -34.29
CA ASN D 283 8.91 7.07 -34.72
C ASN D 283 8.48 6.41 -36.04
N ALA D 284 7.89 7.21 -36.93
CA ALA D 284 7.37 6.75 -38.23
C ALA D 284 6.41 5.54 -38.10
N GLY D 285 5.68 5.49 -37.00
CA GLY D 285 4.78 4.41 -36.71
C GLY D 285 5.45 3.15 -36.25
N GLN D 286 6.71 3.23 -35.90
CA GLN D 286 7.46 2.09 -35.44
C GLN D 286 7.53 1.99 -33.91
N THR D 287 6.37 1.88 -33.29
CA THR D 287 6.21 1.87 -31.85
C THR D 287 5.19 0.81 -31.52
N CYS D 288 5.34 0.15 -30.38
CA CYS D 288 4.44 -0.93 -29.95
C CYS D 288 3.06 -0.42 -29.50
N VAL D 289 2.95 0.89 -29.27
CA VAL D 289 1.71 1.48 -28.81
C VAL D 289 1.11 2.44 -29.84
N CYS D 290 1.70 2.50 -31.02
CA CYS D 290 1.17 3.32 -32.12
C CYS D 290 -0.24 2.91 -32.50
N ALA D 291 -1.08 3.90 -32.77
CA ALA D 291 -2.40 3.63 -33.33
C ALA D 291 -2.20 2.79 -34.60
N ASN D 292 -2.88 1.65 -34.66
CA ASN D 292 -2.77 0.76 -35.82
C ASN D 292 -4.09 0.68 -36.59
N ARG D 293 -5.19 0.97 -35.89
CA ARG D 293 -6.53 0.94 -36.47
C ARG D 293 -7.30 2.18 -36.01
N LEU D 294 -7.78 2.97 -36.96
CA LEU D 294 -8.52 4.19 -36.60
C LEU D 294 -10.03 4.05 -36.81
N TYR D 295 -10.75 3.89 -35.70
CA TYR D 295 -12.20 3.75 -35.72
C TYR D 295 -12.86 5.09 -35.44
N VAL D 296 -13.63 5.57 -36.42
CA VAL D 296 -14.29 6.86 -36.30
C VAL D 296 -15.79 6.65 -36.50
N GLN D 297 -16.59 7.23 -35.62
CA GLN D 297 -18.05 7.05 -35.65
C GLN D 297 -18.68 7.72 -36.86
N ASP D 298 -19.75 7.10 -37.36
CA ASP D 298 -20.48 7.53 -38.56
C ASP D 298 -20.69 9.05 -38.70
N GLY D 299 -21.18 9.66 -37.62
CA GLY D 299 -21.51 11.07 -37.62
C GLY D 299 -20.34 12.01 -37.90
N VAL D 300 -19.12 11.57 -37.60
CA VAL D 300 -17.94 12.44 -37.70
C VAL D 300 -16.85 11.89 -38.62
N TYR D 301 -17.11 10.74 -39.24
CA TYR D 301 -16.14 10.11 -40.13
C TYR D 301 -15.58 11.03 -41.22
N ASP D 302 -16.47 11.66 -41.98
CA ASP D 302 -16.05 12.50 -43.10
C ASP D 302 -15.22 13.69 -42.65
N ARG D 303 -15.68 14.38 -41.61
CA ARG D 303 -14.96 15.54 -41.07
C ARG D 303 -13.60 15.17 -40.51
N PHE D 304 -13.53 14.06 -39.78
CA PHE D 304 -12.26 13.61 -39.23
C PHE D 304 -11.26 13.25 -40.34
N ALA D 305 -11.74 12.52 -41.34
CA ALA D 305 -10.90 12.12 -42.46
C ALA D 305 -10.31 13.34 -43.17
N GLU D 306 -11.13 14.37 -43.37
CA GLU D 306 -10.69 15.62 -43.99
C GLU D 306 -9.62 16.36 -43.15
N LYS D 307 -9.86 16.44 -41.85
CA LYS D 307 -8.96 17.10 -40.91
C LYS D 307 -7.65 16.33 -40.77
N LEU D 308 -7.73 14.99 -40.70
CA LEU D 308 -6.54 14.17 -40.64
C LEU D 308 -5.70 14.39 -41.88
N GLN D 309 -6.35 14.49 -43.02
CA GLN D 309 -5.62 14.66 -44.27
C GLN D 309 -4.95 16.03 -44.35
N GLN D 310 -5.62 17.06 -43.87
CA GLN D 310 -5.01 18.39 -43.73
C GLN D 310 -3.76 18.37 -42.83
N ALA D 311 -3.87 17.70 -41.68
CA ALA D 311 -2.80 17.62 -40.70
C ALA D 311 -1.59 16.84 -41.20
N MET D 312 -1.84 15.86 -42.06
CA MET D 312 -0.76 15.01 -42.55
C MET D 312 0.16 15.77 -43.49
N SER D 313 -0.27 16.95 -43.89
CA SER D 313 0.60 17.93 -44.59
C SER D 313 1.68 18.51 -43.67
N LYS D 314 1.45 18.52 -42.36
CA LYS D 314 2.44 19.04 -41.42
C LYS D 314 3.64 18.10 -41.18
N LEU D 315 3.59 16.91 -41.77
CA LEU D 315 4.65 15.91 -41.69
C LEU D 315 5.74 16.15 -42.75
N HIS D 316 6.99 16.21 -42.31
CA HIS D 316 8.12 16.50 -43.19
C HIS D 316 9.10 15.31 -43.23
N ILE D 317 9.23 14.63 -44.39
CA ILE D 317 10.06 13.41 -44.54
C ILE D 317 11.51 13.79 -44.84
N GLY D 318 12.46 13.09 -44.21
CA GLY D 318 13.88 13.28 -44.53
C GLY D 318 14.87 12.70 -43.54
N ASP D 319 16.13 13.08 -43.70
CA ASP D 319 17.20 12.75 -42.76
C ASP D 319 16.88 13.36 -41.39
N GLY D 320 16.87 12.52 -40.37
CA GLY D 320 16.52 12.93 -39.01
C GLY D 320 17.40 14.00 -38.40
N LEU D 321 18.54 14.28 -39.04
CA LEU D 321 19.43 15.36 -38.59
C LEU D 321 19.07 16.73 -39.16
N ASP D 322 18.19 16.75 -40.15
CA ASP D 322 17.85 18.01 -40.85
C ASP D 322 16.74 18.80 -40.16
N ASN D 323 16.78 20.12 -40.29
CA ASN D 323 15.79 21.01 -39.68
C ASN D 323 14.35 20.69 -40.13
N GLY D 324 13.47 20.54 -39.15
CA GLY D 324 12.04 20.42 -39.40
C GLY D 324 11.52 19.07 -39.86
N VAL D 325 12.41 18.09 -39.99
CA VAL D 325 12.04 16.74 -40.38
C VAL D 325 11.26 16.12 -39.23
N THR D 326 10.09 15.56 -39.54
CA THR D 326 9.25 14.92 -38.53
C THR D 326 8.96 13.45 -38.81
N ILE D 327 9.33 12.98 -40.00
CA ILE D 327 9.30 11.55 -40.33
C ILE D 327 10.66 11.17 -40.89
N GLY D 328 11.33 10.25 -40.21
CA GLY D 328 12.60 9.69 -40.71
C GLY D 328 12.38 8.45 -41.57
N PRO D 329 13.46 7.72 -41.89
CA PRO D 329 13.32 6.46 -42.60
C PRO D 329 12.87 5.33 -41.65
N LEU D 330 12.29 4.28 -42.23
CA LEU D 330 12.02 3.06 -41.47
C LEU D 330 13.35 2.37 -41.17
N ILE D 331 13.33 1.28 -40.40
CA ILE D 331 14.59 0.72 -39.93
C ILE D 331 15.40 -0.01 -41.02
N ASP D 332 14.68 -0.65 -41.93
CA ASP D 332 15.30 -1.41 -43.03
C ASP D 332 14.29 -1.68 -44.13
N GLU D 333 14.72 -2.38 -45.19
CA GLU D 333 13.89 -2.67 -46.36
C GLU D 333 12.74 -3.60 -46.00
N LYS D 334 12.93 -4.42 -44.97
CA LYS D 334 11.94 -5.40 -44.53
C LYS D 334 10.74 -4.68 -43.93
N ALA D 335 11.02 -3.58 -43.25
CA ALA D 335 9.98 -2.72 -42.71
C ALA D 335 9.17 -2.06 -43.82
N VAL D 336 9.86 -1.57 -44.85
CA VAL D 336 9.24 -0.92 -46.03
C VAL D 336 8.31 -1.91 -46.73
N ALA D 337 8.82 -3.12 -46.96
CA ALA D 337 8.08 -4.20 -47.58
C ALA D 337 6.79 -4.53 -46.83
N LYS D 338 6.84 -4.58 -45.50
CA LYS D 338 5.63 -4.91 -44.71
C LYS D 338 4.54 -3.86 -44.89
N VAL D 339 4.93 -2.59 -44.96
CA VAL D 339 3.99 -1.49 -45.17
C VAL D 339 3.39 -1.59 -46.56
N GLU D 340 4.24 -1.87 -47.55
CA GLU D 340 3.79 -2.10 -48.94
C GLU D 340 2.85 -3.31 -49.06
N GLU D 341 3.15 -4.38 -48.32
CA GLU D 341 2.30 -5.57 -48.25
C GLU D 341 0.91 -5.30 -47.63
N HIS D 342 0.88 -4.52 -46.56
CA HIS D 342 -0.37 -4.15 -45.91
C HIS D 342 -1.30 -3.27 -46.77
N ILE D 343 -0.68 -2.36 -47.53
CA ILE D 343 -1.41 -1.48 -48.43
C ILE D 343 -2.00 -2.28 -49.58
N ALA D 344 -1.20 -3.21 -50.10
CA ALA D 344 -1.59 -4.08 -51.20
C ALA D 344 -2.75 -5.01 -50.83
N ASP D 345 -2.66 -5.66 -49.67
CA ASP D 345 -3.75 -6.51 -49.17
C ASP D 345 -5.03 -5.69 -48.90
N ALA D 346 -4.85 -4.46 -48.44
CA ALA D 346 -5.98 -3.57 -48.17
C ALA D 346 -6.72 -3.20 -49.46
N LEU D 347 -5.96 -2.94 -50.53
CA LEU D 347 -6.50 -2.60 -51.84
C LEU D 347 -7.10 -3.82 -52.51
N GLU D 348 -6.41 -4.95 -52.43
CA GLU D 348 -6.94 -6.22 -52.93
C GLU D 348 -8.32 -6.51 -52.33
N LYS D 349 -8.51 -6.08 -51.08
CA LYS D 349 -9.77 -6.28 -50.35
C LYS D 349 -10.73 -5.06 -50.41
N GLY D 350 -10.47 -4.14 -51.35
CA GLY D 350 -11.42 -3.07 -51.65
C GLY D 350 -11.17 -1.69 -51.05
N ALA D 351 -10.07 -1.53 -50.31
CA ALA D 351 -9.73 -0.23 -49.71
C ALA D 351 -9.16 0.78 -50.72
N ARG D 352 -9.10 2.04 -50.31
CA ARG D 352 -8.74 3.14 -51.22
C ARG D 352 -7.72 4.08 -50.57
N VAL D 353 -6.65 4.36 -51.30
CA VAL D 353 -5.62 5.31 -50.85
C VAL D 353 -6.07 6.76 -51.06
N VAL D 354 -6.17 7.48 -49.95
CA VAL D 354 -6.54 8.88 -49.92
C VAL D 354 -5.31 9.79 -50.14
N CYS D 355 -4.18 9.44 -49.51
CA CYS D 355 -2.91 10.13 -49.76
C CYS D 355 -1.68 9.28 -49.43
N GLY D 356 -0.52 9.69 -49.92
CA GLY D 356 0.67 8.88 -49.88
C GLY D 356 0.44 7.63 -50.73
N GLY D 357 0.89 6.51 -50.23
CA GLY D 357 0.49 5.23 -50.76
C GLY D 357 1.60 4.39 -51.30
N LYS D 358 2.80 4.94 -51.32
CA LYS D 358 3.93 4.19 -51.80
C LYS D 358 5.19 4.76 -51.25
N ALA D 359 6.31 4.17 -51.64
CA ALA D 359 7.58 4.57 -51.12
C ALA D 359 7.84 5.98 -51.48
N HIS D 360 8.77 6.56 -50.75
CA HIS D 360 9.10 7.94 -50.93
C HIS D 360 10.17 8.01 -51.99
N GLU D 361 10.11 9.09 -52.71
CA GLU D 361 10.97 9.34 -53.88
C GLU D 361 12.46 9.12 -53.58
N ARG D 362 12.87 9.35 -52.32
CA ARG D 362 14.24 9.09 -51.89
C ARG D 362 14.62 7.62 -51.98
N GLY D 363 13.62 6.73 -51.86
CA GLY D 363 13.86 5.29 -51.90
C GLY D 363 14.47 4.82 -50.60
N GLY D 364 15.25 3.75 -50.66
CA GLY D 364 15.86 3.16 -49.47
C GLY D 364 14.82 2.76 -48.44
N ASN D 365 14.94 3.32 -47.25
CA ASN D 365 13.99 3.01 -46.16
C ASN D 365 12.87 4.06 -45.96
N PHE D 366 12.74 4.97 -46.92
CA PHE D 366 11.81 6.12 -46.79
C PHE D 366 10.42 5.82 -47.36
N PHE D 367 9.38 6.17 -46.62
CA PHE D 367 8.02 5.84 -47.05
C PHE D 367 7.05 6.99 -46.78
N GLN D 368 6.05 7.14 -47.64
CA GLN D 368 5.08 8.21 -47.51
C GLN D 368 4.03 7.86 -46.46
N PRO D 369 3.82 8.78 -45.50
CA PRO D 369 2.66 8.64 -44.63
C PRO D 369 1.41 8.47 -45.50
N THR D 370 0.62 7.47 -45.16
CA THR D 370 -0.49 7.03 -46.00
C THR D 370 -1.75 7.01 -45.16
N ILE D 371 -2.86 7.42 -45.78
CA ILE D 371 -4.18 7.18 -45.21
C ILE D 371 -4.96 6.24 -46.11
N LEU D 372 -5.47 5.17 -45.50
CA LEU D 372 -6.39 4.27 -46.18
C LEU D 372 -7.80 4.47 -45.64
N VAL D 373 -8.80 4.40 -46.52
CA VAL D 373 -10.21 4.41 -46.12
C VAL D 373 -10.88 3.18 -46.70
N ASP D 374 -12.17 2.99 -46.39
CA ASP D 374 -12.92 1.81 -46.86
C ASP D 374 -12.16 0.52 -46.56
N VAL D 375 -11.74 0.34 -45.31
CA VAL D 375 -10.97 -0.85 -44.94
C VAL D 375 -11.88 -1.87 -44.26
N PRO D 376 -11.91 -3.10 -44.79
CA PRO D 376 -12.70 -4.19 -44.20
C PRO D 376 -12.00 -4.83 -43.00
N ALA D 377 -12.77 -5.48 -42.14
CA ALA D 377 -12.23 -6.07 -40.91
C ALA D 377 -11.34 -7.28 -41.18
N ASN D 378 -11.45 -7.87 -42.37
CA ASN D 378 -10.66 -9.04 -42.75
C ASN D 378 -9.28 -8.70 -43.33
N ALA D 379 -9.01 -7.42 -43.55
CA ALA D 379 -7.70 -6.94 -44.00
C ALA D 379 -6.60 -7.29 -43.02
N LYS D 380 -5.42 -7.62 -43.53
CA LYS D 380 -4.27 -7.88 -42.66
C LYS D 380 -4.03 -6.77 -41.64
N VAL D 381 -4.13 -5.52 -42.09
CA VAL D 381 -3.87 -4.33 -41.26
C VAL D 381 -4.75 -4.24 -40.00
N SER D 382 -5.90 -4.91 -40.02
CA SER D 382 -6.82 -4.97 -38.88
C SER D 382 -6.45 -6.06 -37.87
N LYS D 383 -5.52 -6.93 -38.26
CA LYS D 383 -5.14 -8.09 -37.45
C LYS D 383 -3.65 -8.11 -37.12
N GLU D 384 -2.86 -7.34 -37.87
CA GLU D 384 -1.40 -7.40 -37.78
C GLU D 384 -0.76 -6.05 -37.48
N GLU D 385 0.35 -6.08 -36.74
CA GLU D 385 1.11 -4.88 -36.41
C GLU D 385 1.82 -4.39 -37.67
N THR D 386 1.48 -3.19 -38.12
CA THR D 386 2.06 -2.60 -39.34
C THR D 386 3.49 -2.09 -39.16
N PHE D 387 3.74 -1.45 -38.01
CA PHE D 387 5.06 -0.87 -37.72
C PHE D 387 5.55 0.07 -38.84
N GLY D 388 4.66 0.97 -39.28
CA GLY D 388 4.93 1.89 -40.38
C GLY D 388 3.90 3.00 -40.42
N PRO D 389 4.15 4.07 -41.20
CA PRO D 389 3.30 5.28 -41.20
C PRO D 389 2.03 5.12 -42.07
N LEU D 390 1.20 4.16 -41.69
CA LEU D 390 -0.01 3.82 -42.41
C LEU D 390 -1.19 4.01 -41.46
N ALA D 391 -2.14 4.86 -41.83
CA ALA D 391 -3.33 5.09 -41.02
C ALA D 391 -4.58 4.53 -41.73
N PRO D 392 -5.04 3.31 -41.32
CA PRO D 392 -6.28 2.84 -41.90
C PRO D 392 -7.49 3.32 -41.10
N LEU D 393 -8.54 3.73 -41.81
CA LEU D 393 -9.74 4.28 -41.22
C LEU D 393 -10.92 3.32 -41.33
N PHE D 394 -11.45 2.89 -40.19
CA PHE D 394 -12.66 2.04 -40.12
C PHE D 394 -13.86 2.86 -39.67
N ARG D 395 -15.02 2.59 -40.26
CA ARG D 395 -16.27 3.25 -39.89
C ARG D 395 -17.06 2.37 -38.91
N PHE D 396 -17.68 2.98 -37.91
CA PHE D 396 -18.51 2.22 -36.96
C PHE D 396 -19.81 2.92 -36.57
N LYS D 397 -20.82 2.12 -36.23
CA LYS D 397 -22.14 2.64 -35.93
C LYS D 397 -22.25 3.04 -34.48
N ASP D 398 -22.08 2.08 -33.57
CA ASP D 398 -22.26 2.38 -32.15
C ASP D 398 -21.21 1.76 -31.25
N GLU D 399 -21.39 2.03 -29.96
CA GLU D 399 -20.44 1.71 -28.90
C GLU D 399 -20.16 0.23 -28.80
N ALA D 400 -21.22 -0.57 -28.72
CA ALA D 400 -21.11 -2.01 -28.53
C ALA D 400 -20.32 -2.60 -29.70
N ASP D 401 -20.63 -2.12 -30.89
CA ASP D 401 -19.96 -2.56 -32.10
C ASP D 401 -18.45 -2.28 -32.08
N VAL D 402 -18.05 -1.05 -31.79
CA VAL D 402 -16.63 -0.71 -31.80
C VAL D 402 -15.82 -1.41 -30.70
N ILE D 403 -16.42 -1.60 -29.53
CA ILE D 403 -15.79 -2.33 -28.43
C ILE D 403 -15.50 -3.77 -28.85
N ALA D 404 -16.49 -4.40 -29.46
CA ALA D 404 -16.34 -5.76 -29.95
C ALA D 404 -15.24 -5.86 -31.02
N GLN D 405 -15.19 -4.86 -31.91
CA GLN D 405 -14.16 -4.81 -32.94
C GLN D 405 -12.77 -4.54 -32.38
N ALA D 406 -12.69 -3.59 -31.45
CA ALA D 406 -11.44 -3.25 -30.80
C ALA D 406 -10.83 -4.48 -30.11
N ASN D 407 -11.68 -5.21 -29.39
CA ASN D 407 -11.23 -6.35 -28.57
C ASN D 407 -11.04 -7.65 -29.36
N ASP D 408 -11.44 -7.65 -30.63
CA ASP D 408 -11.40 -8.87 -31.45
C ASP D 408 -10.00 -9.14 -32.01
N THR D 409 -9.06 -9.46 -31.14
CA THR D 409 -7.67 -9.59 -31.50
C THR D 409 -7.01 -10.35 -30.37
N GLU D 410 -5.88 -10.97 -30.66
CA GLU D 410 -5.13 -11.65 -29.64
C GLU D 410 -4.27 -10.70 -28.84
N PHE D 411 -3.97 -9.54 -29.39
CA PHE D 411 -3.25 -8.50 -28.69
C PHE D 411 -4.10 -7.72 -27.67
N GLY D 412 -3.39 -7.04 -26.78
CA GLY D 412 -3.95 -6.26 -25.72
C GLY D 412 -2.96 -5.34 -25.06
N LEU D 413 -2.24 -4.56 -25.85
CA LEU D 413 -1.30 -3.60 -25.32
C LEU D 413 -1.88 -2.20 -25.06
N ALA D 414 -1.87 -1.31 -26.05
CA ALA D 414 -2.47 0.02 -25.92
C ALA D 414 -3.72 0.21 -26.78
N ALA D 415 -4.67 0.98 -26.25
CA ALA D 415 -5.81 1.45 -27.00
C ALA D 415 -6.02 2.94 -26.70
N TYR D 416 -6.70 3.64 -27.61
CA TYR D 416 -7.03 5.05 -27.39
C TYR D 416 -8.45 5.34 -27.79
N PHE D 417 -9.11 6.26 -27.09
CA PHE D 417 -10.40 6.75 -27.54
C PHE D 417 -10.63 8.19 -27.15
N TYR D 418 -11.47 8.85 -27.94
CA TYR D 418 -11.84 10.24 -27.71
C TYR D 418 -13.34 10.31 -27.51
N ALA D 419 -13.75 10.85 -26.36
CA ALA D 419 -15.16 11.05 -26.01
C ALA D 419 -15.24 12.04 -24.85
N ARG D 420 -16.36 12.74 -24.71
CA ARG D 420 -16.51 13.72 -23.63
C ARG D 420 -17.49 13.27 -22.54
N ASP D 421 -18.39 12.37 -22.89
CA ASP D 421 -19.43 11.93 -21.97
C ASP D 421 -18.84 11.03 -20.87
N LEU D 422 -19.00 11.45 -19.62
CA LEU D 422 -18.48 10.70 -18.47
C LEU D 422 -18.82 9.21 -18.47
N SER D 423 -20.12 8.90 -18.56
CA SER D 423 -20.58 7.52 -18.55
C SER D 423 -19.98 6.66 -19.68
N ARG D 424 -19.95 7.22 -20.90
CA ARG D 424 -19.26 6.61 -22.01
C ARG D 424 -17.79 6.34 -21.70
N VAL D 425 -17.11 7.34 -21.17
CA VAL D 425 -15.69 7.19 -20.83
C VAL D 425 -15.45 5.99 -19.90
N PHE D 426 -16.26 5.86 -18.85
CA PHE D 426 -16.16 4.73 -17.93
C PHE D 426 -16.47 3.42 -18.63
N ARG D 427 -17.60 3.36 -19.35
CA ARG D 427 -18.01 2.15 -20.06
C ARG D 427 -16.89 1.65 -20.99
N VAL D 428 -16.39 2.54 -21.84
CA VAL D 428 -15.41 2.15 -22.85
C VAL D 428 -14.05 1.86 -22.22
N GLY D 429 -13.62 2.73 -21.29
CA GLY D 429 -12.37 2.53 -20.56
C GLY D 429 -12.33 1.17 -19.87
N GLU D 430 -13.42 0.80 -19.21
CA GLU D 430 -13.50 -0.48 -18.52
C GLU D 430 -13.59 -1.69 -19.45
N ALA D 431 -14.26 -1.53 -20.59
CA ALA D 431 -14.55 -2.67 -21.47
C ALA D 431 -13.41 -3.01 -22.40
N LEU D 432 -12.50 -2.06 -22.63
CA LEU D 432 -11.36 -2.28 -23.53
C LEU D 432 -10.37 -3.30 -22.94
N GLU D 433 -10.09 -4.35 -23.71
CA GLU D 433 -9.17 -5.40 -23.25
C GLU D 433 -7.71 -5.05 -23.57
N TYR D 434 -7.20 -4.02 -22.88
CA TYR D 434 -5.85 -3.50 -23.12
C TYR D 434 -5.18 -3.17 -21.82
N GLY D 435 -3.85 -3.23 -21.79
CA GLY D 435 -3.09 -2.88 -20.59
C GLY D 435 -2.95 -1.38 -20.39
N ILE D 436 -3.01 -0.63 -21.49
CA ILE D 436 -2.85 0.83 -21.47
C ILE D 436 -4.00 1.45 -22.27
N VAL D 437 -4.67 2.44 -21.68
CA VAL D 437 -5.76 3.13 -22.37
C VAL D 437 -5.57 4.65 -22.31
N GLY D 438 -5.35 5.27 -23.47
CA GLY D 438 -5.31 6.72 -23.56
C GLY D 438 -6.71 7.28 -23.78
N ILE D 439 -7.11 8.25 -22.97
CA ILE D 439 -8.45 8.83 -23.08
C ILE D 439 -8.32 10.33 -23.38
N ASN D 440 -8.74 10.72 -24.57
CA ASN D 440 -8.61 12.12 -25.06
C ASN D 440 -7.16 12.59 -25.12
N THR D 441 -6.25 11.64 -25.29
CA THR D 441 -4.84 11.94 -25.51
C THR D 441 -4.18 10.82 -26.28
N GLY D 442 -3.27 11.19 -27.17
CA GLY D 442 -2.52 10.22 -27.97
C GLY D 442 -1.16 9.86 -27.38
N ILE D 443 -0.76 10.58 -26.32
CA ILE D 443 0.55 10.43 -25.70
C ILE D 443 0.44 10.11 -24.20
N ILE D 444 0.77 8.86 -23.89
CA ILE D 444 0.53 8.24 -22.61
C ILE D 444 1.83 7.94 -21.84
N SER D 445 2.98 8.07 -22.53
CA SER D 445 4.30 7.73 -22.01
C SER D 445 4.77 8.49 -20.76
N ASN D 446 5.21 7.74 -19.75
CA ASN D 446 5.90 8.29 -18.57
C ASN D 446 6.49 7.14 -17.75
N GLU D 447 7.30 7.48 -16.75
CA GLU D 447 8.00 6.47 -15.95
C GLU D 447 7.21 6.05 -14.68
N VAL D 448 6.18 6.81 -14.34
CA VAL D 448 5.45 6.68 -13.07
C VAL D 448 4.25 5.74 -13.11
N ALA D 449 3.77 5.42 -14.31
CA ALA D 449 2.62 4.54 -14.48
C ALA D 449 3.02 3.17 -15.06
N PRO D 450 2.29 2.08 -14.68
CA PRO D 450 2.61 0.74 -15.19
C PRO D 450 2.26 0.57 -16.67
N PHE D 451 3.28 0.21 -17.45
CA PHE D 451 3.18 0.04 -18.90
CA PHE D 451 3.14 0.02 -18.89
C PHE D 451 3.36 -1.44 -19.23
N GLY D 452 2.37 -2.04 -19.89
CA GLY D 452 2.49 -3.45 -20.25
C GLY D 452 1.23 -3.98 -20.88
N GLY D 453 1.28 -5.22 -21.35
CA GLY D 453 0.18 -5.77 -22.12
C GLY D 453 -0.57 -6.89 -21.44
N ILE D 454 -1.77 -7.12 -21.91
CA ILE D 454 -2.52 -8.29 -21.52
C ILE D 454 -2.63 -9.25 -22.70
N LYS D 455 -3.17 -10.42 -22.47
CA LYS D 455 -3.31 -11.42 -23.51
C LYS D 455 -1.96 -11.78 -24.14
N ALA D 456 -1.88 -11.80 -25.46
CA ALA D 456 -0.65 -12.12 -26.12
C ALA D 456 0.33 -10.96 -26.22
N SER D 457 -0.02 -9.82 -25.68
CA SER D 457 0.86 -8.66 -25.72
C SER D 457 1.94 -8.59 -24.64
N GLY D 458 1.93 -9.52 -23.68
CA GLY D 458 2.97 -9.50 -22.69
C GLY D 458 2.70 -10.00 -21.29
N LEU D 459 3.73 -9.87 -20.44
CA LEU D 459 3.66 -10.24 -19.05
C LEU D 459 4.46 -9.23 -18.26
N GLY D 460 3.92 -8.79 -17.13
CA GLY D 460 4.61 -7.83 -16.26
C GLY D 460 4.37 -6.39 -16.67
N ARG D 461 4.86 -5.45 -15.86
CA ARG D 461 4.72 -4.04 -16.14
C ARG D 461 6.05 -3.33 -16.01
N GLU D 462 6.24 -2.26 -16.77
CA GLU D 462 7.43 -1.44 -16.68
C GLU D 462 7.08 -0.03 -16.20
N GLY D 463 8.03 0.65 -15.57
CA GLY D 463 7.74 1.94 -14.91
C GLY D 463 6.92 1.71 -13.65
N SER D 464 6.74 2.77 -12.86
CA SER D 464 5.87 2.75 -11.68
C SER D 464 6.39 1.91 -10.49
N LYS D 465 5.67 1.96 -9.38
CA LYS D 465 5.97 1.13 -8.20
C LYS D 465 5.85 -0.36 -8.54
N TYR D 466 5.02 -0.70 -9.53
CA TYR D 466 4.84 -2.09 -9.97
C TYR D 466 6.05 -2.62 -10.74
N GLY D 467 6.75 -1.70 -11.42
CA GLY D 467 7.85 -2.07 -12.31
C GLY D 467 8.95 -2.82 -11.60
N ILE D 468 9.20 -2.48 -10.34
CA ILE D 468 10.29 -3.10 -9.58
C ILE D 468 9.96 -4.52 -9.07
N GLU D 469 8.67 -4.83 -8.96
CA GLU D 469 8.20 -6.10 -8.39
C GLU D 469 8.71 -7.28 -9.18
N ASP D 470 8.76 -7.11 -10.49
CA ASP D 470 9.17 -8.19 -11.40
C ASP D 470 10.62 -8.60 -11.18
N TYR D 471 11.38 -7.76 -10.46
CA TYR D 471 12.81 -7.97 -10.20
C TYR D 471 13.10 -8.38 -8.76
N LEU D 472 12.04 -8.58 -7.98
CA LEU D 472 12.12 -9.00 -6.59
C LEU D 472 11.49 -10.36 -6.35
N GLU D 473 11.94 -11.04 -5.31
CA GLU D 473 11.24 -12.22 -4.78
C GLU D 473 10.67 -11.90 -3.40
N ILE D 474 9.44 -12.31 -3.19
CA ILE D 474 8.79 -12.19 -1.91
C ILE D 474 9.26 -13.33 -1.01
N LYS D 475 9.66 -13.00 0.21
CA LYS D 475 10.04 -14.00 1.19
C LYS D 475 9.14 -13.87 2.42
N TYR D 476 8.45 -14.96 2.75
CA TYR D 476 7.60 -15.01 3.91
C TYR D 476 8.36 -15.67 5.03
N MET D 477 8.51 -14.96 6.14
CA MET D 477 9.11 -15.52 7.35
C MET D 477 8.11 -15.63 8.49
N CYS D 478 8.08 -16.81 9.09
CA CYS D 478 7.18 -17.10 10.19
C CYS D 478 7.97 -17.43 11.45
N ILE D 479 7.92 -16.54 12.44
CA ILE D 479 8.71 -16.69 13.65
C ILE D 479 7.87 -17.26 14.80
N GLY D 480 8.32 -18.36 15.38
CA GLY D 480 7.69 -18.94 16.55
C GLY D 480 8.26 -18.36 17.84
N LEU D 481 7.38 -17.80 18.67
CA LEU D 481 7.75 -17.38 20.00
C LEU D 481 7.35 -18.49 20.97
#